data_1UKZ
# 
_entry.id   1UKZ 
# 
_audit_conform.dict_name       mmcif_pdbx.dic 
_audit_conform.dict_version    5.397 
_audit_conform.dict_location   http://mmcif.pdb.org/dictionaries/ascii/mmcif_pdbx.dic 
# 
loop_
_database_2.database_id 
_database_2.database_code 
_database_2.pdbx_database_accession 
_database_2.pdbx_DOI 
PDB   1UKZ         pdb_00001ukz 10.2210/pdb1ukz/pdb 
WWPDB D_1000176947 ?            ?                   
# 
loop_
_pdbx_audit_revision_history.ordinal 
_pdbx_audit_revision_history.data_content_type 
_pdbx_audit_revision_history.major_revision 
_pdbx_audit_revision_history.minor_revision 
_pdbx_audit_revision_history.revision_date 
1 'Structure model' 1 0 1995-01-26 
2 'Structure model' 1 1 2008-03-24 
3 'Structure model' 1 2 2011-07-13 
4 'Structure model' 1 3 2024-06-05 
5 'Structure model' 1 4 2024-10-30 
# 
_pdbx_audit_revision_details.ordinal             1 
_pdbx_audit_revision_details.revision_ordinal    1 
_pdbx_audit_revision_details.data_content_type   'Structure model' 
_pdbx_audit_revision_details.provider            repository 
_pdbx_audit_revision_details.type                'Initial release' 
_pdbx_audit_revision_details.description         ? 
_pdbx_audit_revision_details.details             ? 
# 
loop_
_pdbx_audit_revision_group.ordinal 
_pdbx_audit_revision_group.revision_ordinal 
_pdbx_audit_revision_group.data_content_type 
_pdbx_audit_revision_group.group 
1 2 'Structure model' 'Version format compliance' 
2 3 'Structure model' 'Version format compliance' 
3 4 'Structure model' 'Data collection'           
4 4 'Structure model' 'Database references'       
5 4 'Structure model' 'Derived calculations'      
6 4 'Structure model' Other                       
7 5 'Structure model' 'Structure summary'         
# 
loop_
_pdbx_audit_revision_category.ordinal 
_pdbx_audit_revision_category.revision_ordinal 
_pdbx_audit_revision_category.data_content_type 
_pdbx_audit_revision_category.category 
1 4 'Structure model' chem_comp_atom            
2 4 'Structure model' chem_comp_bond            
3 4 'Structure model' database_2                
4 4 'Structure model' pdbx_database_status      
5 4 'Structure model' struct_site               
6 5 'Structure model' pdbx_entry_details        
7 5 'Structure model' pdbx_modification_feature 
# 
loop_
_pdbx_audit_revision_item.ordinal 
_pdbx_audit_revision_item.revision_ordinal 
_pdbx_audit_revision_item.data_content_type 
_pdbx_audit_revision_item.item 
1 4 'Structure model' '_database_2.pdbx_DOI'                         
2 4 'Structure model' '_database_2.pdbx_database_accession'          
3 4 'Structure model' '_pdbx_database_status.process_site'           
4 4 'Structure model' '_struct_site.pdbx_auth_asym_id'               
5 4 'Structure model' '_struct_site.pdbx_auth_comp_id'               
6 4 'Structure model' '_struct_site.pdbx_auth_seq_id'                
7 5 'Structure model' '_pdbx_entry_details.has_protein_modification' 
# 
_pdbx_database_status.status_code                     REL 
_pdbx_database_status.entry_id                        1UKZ 
_pdbx_database_status.recvd_initial_deposition_date   1994-07-13 
_pdbx_database_status.deposit_site                    ? 
_pdbx_database_status.process_site                    BNL 
_pdbx_database_status.status_code_sf                  REL 
_pdbx_database_status.status_code_mr                  ? 
_pdbx_database_status.SG_entry                        ? 
_pdbx_database_status.pdb_format_compatible           Y 
_pdbx_database_status.status_code_cs                  ? 
_pdbx_database_status.status_code_nmr_data            ? 
_pdbx_database_status.methods_development_category    ? 
# 
loop_
_audit_author.name 
_audit_author.pdbx_ordinal 
'Mueller-Dieckmann, H.-J.' 1 
'Schulz, G.E.'             2 
# 
_citation.id                        primary 
_citation.title                     
'Substrate specificity and assembly of the catalytic center derived from two structures of ligated uridylate kinase.' 
_citation.journal_abbrev            J.Mol.Biol. 
_citation.journal_volume            246 
_citation.page_first                522 
_citation.page_last                 530 
_citation.year                      1995 
_citation.journal_id_ASTM           JMOBAK 
_citation.country                   UK 
_citation.journal_id_ISSN           0022-2836 
_citation.journal_id_CSD            0070 
_citation.book_publisher            ? 
_citation.pdbx_database_id_PubMed   7877173 
_citation.pdbx_database_id_DOI      10.1006/jmbi.1994.0104 
# 
loop_
_citation_author.citation_id 
_citation_author.name 
_citation_author.ordinal 
_citation_author.identifier_ORCID 
primary 'Muller-Dieckmann, H.J.' 1 ? 
primary 'Schulz, G.E.'           2 ? 
# 
loop_
_entity.id 
_entity.type 
_entity.src_method 
_entity.pdbx_description 
_entity.formula_weight 
_entity.pdbx_number_of_molecules 
_entity.pdbx_ec 
_entity.pdbx_mutation 
_entity.pdbx_fragment 
_entity.details 
1 polymer     man 'URIDYLATE KINASE'         22834.020 1   2.7.4.- ? ? ? 
2 non-polymer syn "ADENOSINE-5'-DIPHOSPHATE" 427.201   1   ?       ? ? ? 
3 non-polymer syn 'ADENOSINE MONOPHOSPHATE'  347.221   1   ?       ? ? ? 
4 water       nat water                      18.015    106 ?       ? ? ? 
# 
_entity_poly.entity_id                      1 
_entity_poly.type                           'polypeptide(L)' 
_entity_poly.nstd_linkage                   no 
_entity_poly.nstd_monomer                   no 
_entity_poly.pdbx_seq_one_letter_code       
;TAATTSQPAFSPDQVSVIFVLGGPGAGKGTQCEKLVKDYSFVHLSAGDLLRAEQGRAGSQYGELIKNCIKEGQIVPQEIT
LALLRNAISDNVKANKHKFLIDGFPRKMDQAISFERDIVESKFILFFDCPEDIMLERLLERGKTSGRSDDNIESIKKRFN
TFKETSMPVIEYFETKSKVVRVRCDRSVEDVYKDVQDAIRDSL
;
_entity_poly.pdbx_seq_one_letter_code_can   
;TAATTSQPAFSPDQVSVIFVLGGPGAGKGTQCEKLVKDYSFVHLSAGDLLRAEQGRAGSQYGELIKNCIKEGQIVPQEIT
LALLRNAISDNVKANKHKFLIDGFPRKMDQAISFERDIVESKFILFFDCPEDIMLERLLERGKTSGRSDDNIESIKKRFN
TFKETSMPVIEYFETKSKVVRVRCDRSVEDVYKDVQDAIRDSL
;
_entity_poly.pdbx_strand_id                 A 
_entity_poly.pdbx_target_identifier         ? 
# 
loop_
_pdbx_entity_nonpoly.entity_id 
_pdbx_entity_nonpoly.name 
_pdbx_entity_nonpoly.comp_id 
2 "ADENOSINE-5'-DIPHOSPHATE" ADP 
3 'ADENOSINE MONOPHOSPHATE'  AMP 
4 water                      HOH 
# 
loop_
_entity_poly_seq.entity_id 
_entity_poly_seq.num 
_entity_poly_seq.mon_id 
_entity_poly_seq.hetero 
1 1   THR n 
1 2   ALA n 
1 3   ALA n 
1 4   THR n 
1 5   THR n 
1 6   SER n 
1 7   GLN n 
1 8   PRO n 
1 9   ALA n 
1 10  PHE n 
1 11  SER n 
1 12  PRO n 
1 13  ASP n 
1 14  GLN n 
1 15  VAL n 
1 16  SER n 
1 17  VAL n 
1 18  ILE n 
1 19  PHE n 
1 20  VAL n 
1 21  LEU n 
1 22  GLY n 
1 23  GLY n 
1 24  PRO n 
1 25  GLY n 
1 26  ALA n 
1 27  GLY n 
1 28  LYS n 
1 29  GLY n 
1 30  THR n 
1 31  GLN n 
1 32  CYS n 
1 33  GLU n 
1 34  LYS n 
1 35  LEU n 
1 36  VAL n 
1 37  LYS n 
1 38  ASP n 
1 39  TYR n 
1 40  SER n 
1 41  PHE n 
1 42  VAL n 
1 43  HIS n 
1 44  LEU n 
1 45  SER n 
1 46  ALA n 
1 47  GLY n 
1 48  ASP n 
1 49  LEU n 
1 50  LEU n 
1 51  ARG n 
1 52  ALA n 
1 53  GLU n 
1 54  GLN n 
1 55  GLY n 
1 56  ARG n 
1 57  ALA n 
1 58  GLY n 
1 59  SER n 
1 60  GLN n 
1 61  TYR n 
1 62  GLY n 
1 63  GLU n 
1 64  LEU n 
1 65  ILE n 
1 66  LYS n 
1 67  ASN n 
1 68  CYS n 
1 69  ILE n 
1 70  LYS n 
1 71  GLU n 
1 72  GLY n 
1 73  GLN n 
1 74  ILE n 
1 75  VAL n 
1 76  PRO n 
1 77  GLN n 
1 78  GLU n 
1 79  ILE n 
1 80  THR n 
1 81  LEU n 
1 82  ALA n 
1 83  LEU n 
1 84  LEU n 
1 85  ARG n 
1 86  ASN n 
1 87  ALA n 
1 88  ILE n 
1 89  SER n 
1 90  ASP n 
1 91  ASN n 
1 92  VAL n 
1 93  LYS n 
1 94  ALA n 
1 95  ASN n 
1 96  LYS n 
1 97  HIS n 
1 98  LYS n 
1 99  PHE n 
1 100 LEU n 
1 101 ILE n 
1 102 ASP n 
1 103 GLY n 
1 104 PHE n 
1 105 PRO n 
1 106 ARG n 
1 107 LYS n 
1 108 MET n 
1 109 ASP n 
1 110 GLN n 
1 111 ALA n 
1 112 ILE n 
1 113 SER n 
1 114 PHE n 
1 115 GLU n 
1 116 ARG n 
1 117 ASP n 
1 118 ILE n 
1 119 VAL n 
1 120 GLU n 
1 121 SER n 
1 122 LYS n 
1 123 PHE n 
1 124 ILE n 
1 125 LEU n 
1 126 PHE n 
1 127 PHE n 
1 128 ASP n 
1 129 CYS n 
1 130 PRO n 
1 131 GLU n 
1 132 ASP n 
1 133 ILE n 
1 134 MET n 
1 135 LEU n 
1 136 GLU n 
1 137 ARG n 
1 138 LEU n 
1 139 LEU n 
1 140 GLU n 
1 141 ARG n 
1 142 GLY n 
1 143 LYS n 
1 144 THR n 
1 145 SER n 
1 146 GLY n 
1 147 ARG n 
1 148 SER n 
1 149 ASP n 
1 150 ASP n 
1 151 ASN n 
1 152 ILE n 
1 153 GLU n 
1 154 SER n 
1 155 ILE n 
1 156 LYS n 
1 157 LYS n 
1 158 ARG n 
1 159 PHE n 
1 160 ASN n 
1 161 THR n 
1 162 PHE n 
1 163 LYS n 
1 164 GLU n 
1 165 THR n 
1 166 SER n 
1 167 MET n 
1 168 PRO n 
1 169 VAL n 
1 170 ILE n 
1 171 GLU n 
1 172 TYR n 
1 173 PHE n 
1 174 GLU n 
1 175 THR n 
1 176 LYS n 
1 177 SER n 
1 178 LYS n 
1 179 VAL n 
1 180 VAL n 
1 181 ARG n 
1 182 VAL n 
1 183 ARG n 
1 184 CYS n 
1 185 ASP n 
1 186 ARG n 
1 187 SER n 
1 188 VAL n 
1 189 GLU n 
1 190 ASP n 
1 191 VAL n 
1 192 TYR n 
1 193 LYS n 
1 194 ASP n 
1 195 VAL n 
1 196 GLN n 
1 197 ASP n 
1 198 ALA n 
1 199 ILE n 
1 200 ARG n 
1 201 ASP n 
1 202 SER n 
1 203 LEU n 
# 
_entity_src_gen.entity_id                          1 
_entity_src_gen.pdbx_src_id                        1 
_entity_src_gen.pdbx_alt_source_flag               sample 
_entity_src_gen.pdbx_seq_type                      ? 
_entity_src_gen.pdbx_beg_seq_num                   ? 
_entity_src_gen.pdbx_end_seq_num                   ? 
_entity_src_gen.gene_src_common_name               
;baker's yeast
;
_entity_src_gen.gene_src_genus                     Saccharomyces 
_entity_src_gen.pdbx_gene_src_gene                 ? 
_entity_src_gen.gene_src_species                   ? 
_entity_src_gen.gene_src_strain                    ? 
_entity_src_gen.gene_src_tissue                    ? 
_entity_src_gen.gene_src_tissue_fraction           ? 
_entity_src_gen.gene_src_details                   ? 
_entity_src_gen.pdbx_gene_src_fragment             ? 
_entity_src_gen.pdbx_gene_src_scientific_name      'Saccharomyces cerevisiae' 
_entity_src_gen.pdbx_gene_src_ncbi_taxonomy_id     4932 
_entity_src_gen.pdbx_gene_src_variant              ? 
_entity_src_gen.pdbx_gene_src_cell_line            ? 
_entity_src_gen.pdbx_gene_src_atcc                 ? 
_entity_src_gen.pdbx_gene_src_organ                ? 
_entity_src_gen.pdbx_gene_src_organelle            ? 
_entity_src_gen.pdbx_gene_src_cell                 ? 
_entity_src_gen.pdbx_gene_src_cellular_location    ? 
_entity_src_gen.host_org_common_name               ? 
_entity_src_gen.pdbx_host_org_scientific_name      ? 
_entity_src_gen.pdbx_host_org_ncbi_taxonomy_id     ? 
_entity_src_gen.host_org_genus                     ? 
_entity_src_gen.pdbx_host_org_gene                 ? 
_entity_src_gen.pdbx_host_org_organ                ? 
_entity_src_gen.host_org_species                   ? 
_entity_src_gen.pdbx_host_org_tissue               ? 
_entity_src_gen.pdbx_host_org_tissue_fraction      ? 
_entity_src_gen.pdbx_host_org_strain               ? 
_entity_src_gen.pdbx_host_org_variant              ? 
_entity_src_gen.pdbx_host_org_cell_line            ? 
_entity_src_gen.pdbx_host_org_atcc                 ? 
_entity_src_gen.pdbx_host_org_culture_collection   ? 
_entity_src_gen.pdbx_host_org_cell                 ? 
_entity_src_gen.pdbx_host_org_organelle            ? 
_entity_src_gen.pdbx_host_org_cellular_location    ? 
_entity_src_gen.pdbx_host_org_vector_type          ? 
_entity_src_gen.pdbx_host_org_vector               ? 
_entity_src_gen.host_org_details                   ? 
_entity_src_gen.expression_system_id               ? 
_entity_src_gen.plasmid_name                       ? 
_entity_src_gen.plasmid_details                    ? 
_entity_src_gen.pdbx_description                   ? 
# 
loop_
_chem_comp.id 
_chem_comp.type 
_chem_comp.mon_nstd_flag 
_chem_comp.name 
_chem_comp.pdbx_synonyms 
_chem_comp.formula 
_chem_comp.formula_weight 
ADP non-polymer         n "ADENOSINE-5'-DIPHOSPHATE" ? 'C10 H15 N5 O10 P2' 427.201 
ALA 'L-peptide linking' y ALANINE                    ? 'C3 H7 N O2'        89.093  
AMP non-polymer         . 'ADENOSINE MONOPHOSPHATE'  ? 'C10 H14 N5 O7 P'   347.221 
ARG 'L-peptide linking' y ARGININE                   ? 'C6 H15 N4 O2 1'    175.209 
ASN 'L-peptide linking' y ASPARAGINE                 ? 'C4 H8 N2 O3'       132.118 
ASP 'L-peptide linking' y 'ASPARTIC ACID'            ? 'C4 H7 N O4'        133.103 
CYS 'L-peptide linking' y CYSTEINE                   ? 'C3 H7 N O2 S'      121.158 
GLN 'L-peptide linking' y GLUTAMINE                  ? 'C5 H10 N2 O3'      146.144 
GLU 'L-peptide linking' y 'GLUTAMIC ACID'            ? 'C5 H9 N O4'        147.129 
GLY 'peptide linking'   y GLYCINE                    ? 'C2 H5 N O2'        75.067  
HIS 'L-peptide linking' y HISTIDINE                  ? 'C6 H10 N3 O2 1'    156.162 
HOH non-polymer         . WATER                      ? 'H2 O'              18.015  
ILE 'L-peptide linking' y ISOLEUCINE                 ? 'C6 H13 N O2'       131.173 
LEU 'L-peptide linking' y LEUCINE                    ? 'C6 H13 N O2'       131.173 
LYS 'L-peptide linking' y LYSINE                     ? 'C6 H15 N2 O2 1'    147.195 
MET 'L-peptide linking' y METHIONINE                 ? 'C5 H11 N O2 S'     149.211 
PHE 'L-peptide linking' y PHENYLALANINE              ? 'C9 H11 N O2'       165.189 
PRO 'L-peptide linking' y PROLINE                    ? 'C5 H9 N O2'        115.130 
SER 'L-peptide linking' y SERINE                     ? 'C3 H7 N O3'        105.093 
THR 'L-peptide linking' y THREONINE                  ? 'C4 H9 N O3'        119.119 
TYR 'L-peptide linking' y TYROSINE                   ? 'C9 H11 N O3'       181.189 
VAL 'L-peptide linking' y VALINE                     ? 'C5 H11 N O2'       117.146 
# 
loop_
_pdbx_poly_seq_scheme.asym_id 
_pdbx_poly_seq_scheme.entity_id 
_pdbx_poly_seq_scheme.seq_id 
_pdbx_poly_seq_scheme.mon_id 
_pdbx_poly_seq_scheme.ndb_seq_num 
_pdbx_poly_seq_scheme.pdb_seq_num 
_pdbx_poly_seq_scheme.auth_seq_num 
_pdbx_poly_seq_scheme.pdb_mon_id 
_pdbx_poly_seq_scheme.auth_mon_id 
_pdbx_poly_seq_scheme.pdb_strand_id 
_pdbx_poly_seq_scheme.pdb_ins_code 
_pdbx_poly_seq_scheme.hetero 
A 1 1   THR 1   2   ?   ?   ?   A . n 
A 1 2   ALA 2   3   ?   ?   ?   A . n 
A 1 3   ALA 3   4   ?   ?   ?   A . n 
A 1 4   THR 4   5   ?   ?   ?   A . n 
A 1 5   THR 5   6   ?   ?   ?   A . n 
A 1 6   SER 6   7   ?   ?   ?   A . n 
A 1 7   GLN 7   8   ?   ?   ?   A . n 
A 1 8   PRO 8   9   9   PRO PRO A . n 
A 1 9   ALA 9   10  10  ALA ALA A . n 
A 1 10  PHE 10  11  11  PHE PHE A . n 
A 1 11  SER 11  12  12  SER SER A . n 
A 1 12  PRO 12  13  13  PRO PRO A . n 
A 1 13  ASP 13  14  14  ASP ASP A . n 
A 1 14  GLN 14  15  15  GLN GLN A . n 
A 1 15  VAL 15  16  16  VAL VAL A . n 
A 1 16  SER 16  17  17  SER SER A . n 
A 1 17  VAL 17  18  18  VAL VAL A . n 
A 1 18  ILE 18  19  19  ILE ILE A . n 
A 1 19  PHE 19  20  20  PHE PHE A . n 
A 1 20  VAL 20  21  21  VAL VAL A . n 
A 1 21  LEU 21  22  22  LEU LEU A . n 
A 1 22  GLY 22  23  23  GLY GLY A . n 
A 1 23  GLY 23  24  24  GLY GLY A . n 
A 1 24  PRO 24  25  25  PRO PRO A . n 
A 1 25  GLY 25  26  26  GLY GLY A . n 
A 1 26  ALA 26  27  27  ALA ALA A . n 
A 1 27  GLY 27  28  28  GLY GLY A . n 
A 1 28  LYS 28  29  29  LYS LYS A . n 
A 1 29  GLY 29  30  30  GLY GLY A . n 
A 1 30  THR 30  31  31  THR THR A . n 
A 1 31  GLN 31  32  32  GLN GLN A . n 
A 1 32  CYS 32  33  33  CYS CYS A . n 
A 1 33  GLU 33  34  34  GLU GLU A . n 
A 1 34  LYS 34  35  35  LYS LYS A . n 
A 1 35  LEU 35  36  36  LEU LEU A . n 
A 1 36  VAL 36  37  37  VAL VAL A . n 
A 1 37  LYS 37  38  38  LYS LYS A . n 
A 1 38  ASP 38  39  39  ASP ASP A . n 
A 1 39  TYR 39  40  40  TYR TYR A . n 
A 1 40  SER 40  41  41  SER SER A . n 
A 1 41  PHE 41  42  42  PHE PHE A . n 
A 1 42  VAL 42  43  43  VAL VAL A . n 
A 1 43  HIS 43  44  44  HIS HIS A . n 
A 1 44  LEU 44  45  45  LEU LEU A . n 
A 1 45  SER 45  46  46  SER SER A . n 
A 1 46  ALA 46  47  47  ALA ALA A . n 
A 1 47  GLY 47  48  48  GLY GLY A . n 
A 1 48  ASP 48  49  49  ASP ASP A . n 
A 1 49  LEU 49  50  50  LEU LEU A . n 
A 1 50  LEU 50  51  51  LEU LEU A . n 
A 1 51  ARG 51  52  52  ARG ARG A . n 
A 1 52  ALA 52  53  53  ALA ALA A . n 
A 1 53  GLU 53  54  54  GLU GLU A . n 
A 1 54  GLN 54  55  55  GLN GLN A . n 
A 1 55  GLY 55  56  56  GLY GLY A . n 
A 1 56  ARG 56  57  57  ARG ARG A . n 
A 1 57  ALA 57  58  58  ALA ALA A . n 
A 1 58  GLY 58  59  59  GLY GLY A . n 
A 1 59  SER 59  60  60  SER SER A . n 
A 1 60  GLN 60  61  61  GLN GLN A . n 
A 1 61  TYR 61  62  62  TYR TYR A . n 
A 1 62  GLY 62  63  63  GLY GLY A . n 
A 1 63  GLU 63  64  64  GLU GLU A . n 
A 1 64  LEU 64  65  65  LEU LEU A . n 
A 1 65  ILE 65  66  66  ILE ILE A . n 
A 1 66  LYS 66  67  67  LYS LYS A . n 
A 1 67  ASN 67  68  68  ASN ASN A . n 
A 1 68  CYS 68  69  69  CYS CYS A . n 
A 1 69  ILE 69  70  70  ILE ILE A . n 
A 1 70  LYS 70  71  71  LYS LYS A . n 
A 1 71  GLU 71  72  72  GLU GLU A . n 
A 1 72  GLY 72  73  73  GLY GLY A . n 
A 1 73  GLN 73  74  74  GLN GLN A . n 
A 1 74  ILE 74  75  75  ILE ILE A . n 
A 1 75  VAL 75  76  76  VAL VAL A . n 
A 1 76  PRO 76  77  77  PRO PRO A . n 
A 1 77  GLN 77  78  78  GLN GLN A . n 
A 1 78  GLU 78  79  79  GLU GLU A . n 
A 1 79  ILE 79  80  80  ILE ILE A . n 
A 1 80  THR 80  81  81  THR THR A . n 
A 1 81  LEU 81  82  82  LEU LEU A . n 
A 1 82  ALA 82  83  83  ALA ALA A . n 
A 1 83  LEU 83  84  84  LEU LEU A . n 
A 1 84  LEU 84  85  85  LEU LEU A . n 
A 1 85  ARG 85  86  86  ARG ARG A . n 
A 1 86  ASN 86  87  87  ASN ASN A . n 
A 1 87  ALA 87  88  88  ALA ALA A . n 
A 1 88  ILE 88  89  89  ILE ILE A . n 
A 1 89  SER 89  90  90  SER SER A . n 
A 1 90  ASP 90  91  91  ASP ASP A . n 
A 1 91  ASN 91  92  92  ASN ASN A . n 
A 1 92  VAL 92  93  93  VAL VAL A . n 
A 1 93  LYS 93  94  94  LYS LYS A . n 
A 1 94  ALA 94  95  95  ALA ALA A . n 
A 1 95  ASN 95  96  96  ASN ASN A . n 
A 1 96  LYS 96  97  97  LYS LYS A . n 
A 1 97  HIS 97  98  98  HIS HIS A . n 
A 1 98  LYS 98  99  99  LYS LYS A . n 
A 1 99  PHE 99  100 100 PHE PHE A . n 
A 1 100 LEU 100 101 101 LEU LEU A . n 
A 1 101 ILE 101 102 102 ILE ILE A . n 
A 1 102 ASP 102 103 103 ASP ASP A . n 
A 1 103 GLY 103 104 104 GLY GLY A . n 
A 1 104 PHE 104 105 105 PHE PHE A . n 
A 1 105 PRO 105 106 106 PRO PRO A . n 
A 1 106 ARG 106 107 107 ARG ARG A . n 
A 1 107 LYS 107 108 108 LYS LYS A . n 
A 1 108 MET 108 109 109 MET MET A . n 
A 1 109 ASP 109 110 110 ASP ASP A . n 
A 1 110 GLN 110 111 111 GLN GLN A . n 
A 1 111 ALA 111 112 112 ALA ALA A . n 
A 1 112 ILE 112 113 113 ILE ILE A . n 
A 1 113 SER 113 114 114 SER SER A . n 
A 1 114 PHE 114 115 115 PHE PHE A . n 
A 1 115 GLU 115 116 116 GLU GLU A . n 
A 1 116 ARG 116 117 117 ARG ARG A . n 
A 1 117 ASP 117 118 118 ASP ASP A . n 
A 1 118 ILE 118 119 119 ILE ILE A . n 
A 1 119 VAL 119 120 120 VAL VAL A . n 
A 1 120 GLU 120 121 121 GLU GLU A . n 
A 1 121 SER 121 122 122 SER SER A . n 
A 1 122 LYS 122 123 123 LYS LYS A . n 
A 1 123 PHE 123 124 124 PHE PHE A . n 
A 1 124 ILE 124 125 125 ILE ILE A . n 
A 1 125 LEU 125 126 126 LEU LEU A . n 
A 1 126 PHE 126 127 127 PHE PHE A . n 
A 1 127 PHE 127 128 128 PHE PHE A . n 
A 1 128 ASP 128 129 129 ASP ASP A . n 
A 1 129 CYS 129 130 130 CYS CYS A . n 
A 1 130 PRO 130 131 131 PRO PRO A . n 
A 1 131 GLU 131 132 132 GLU GLU A . n 
A 1 132 ASP 132 133 133 ASP ASP A . n 
A 1 133 ILE 133 134 134 ILE ILE A . n 
A 1 134 MET 134 135 135 MET MET A . n 
A 1 135 LEU 135 136 136 LEU LEU A . n 
A 1 136 GLU 136 137 137 GLU GLU A . n 
A 1 137 ARG 137 138 138 ARG ARG A . n 
A 1 138 LEU 138 139 139 LEU LEU A . n 
A 1 139 LEU 139 140 140 LEU LEU A . n 
A 1 140 GLU 140 141 141 GLU GLU A . n 
A 1 141 ARG 141 142 142 ARG ARG A . n 
A 1 142 GLY 142 143 143 GLY GLY A . n 
A 1 143 LYS 143 144 144 LYS LYS A . n 
A 1 144 THR 144 145 145 THR THR A . n 
A 1 145 SER 145 146 146 SER SER A . n 
A 1 146 GLY 146 147 147 GLY GLY A . n 
A 1 147 ARG 147 148 148 ARG ARG A . n 
A 1 148 SER 148 149 149 SER SER A . n 
A 1 149 ASP 149 150 150 ASP ASP A . n 
A 1 150 ASP 150 151 151 ASP ASP A . n 
A 1 151 ASN 151 152 152 ASN ASN A . n 
A 1 152 ILE 152 153 153 ILE ILE A . n 
A 1 153 GLU 153 154 154 GLU GLU A . n 
A 1 154 SER 154 155 155 SER SER A . n 
A 1 155 ILE 155 156 156 ILE ILE A . n 
A 1 156 LYS 156 157 157 LYS LYS A . n 
A 1 157 LYS 157 158 158 LYS LYS A . n 
A 1 158 ARG 158 159 159 ARG ARG A . n 
A 1 159 PHE 159 160 160 PHE PHE A . n 
A 1 160 ASN 160 161 161 ASN ASN A . n 
A 1 161 THR 161 162 162 THR THR A . n 
A 1 162 PHE 162 163 163 PHE PHE A . n 
A 1 163 LYS 163 164 164 LYS LYS A . n 
A 1 164 GLU 164 165 165 GLU GLU A . n 
A 1 165 THR 165 166 166 THR THR A . n 
A 1 166 SER 166 167 167 SER SER A . n 
A 1 167 MET 167 168 168 MET MET A . n 
A 1 168 PRO 168 169 169 PRO PRO A . n 
A 1 169 VAL 169 170 170 VAL VAL A . n 
A 1 170 ILE 170 171 171 ILE ILE A . n 
A 1 171 GLU 171 172 172 GLU GLU A . n 
A 1 172 TYR 172 173 173 TYR TYR A . n 
A 1 173 PHE 173 174 174 PHE PHE A . n 
A 1 174 GLU 174 175 175 GLU GLU A . n 
A 1 175 THR 175 176 176 THR THR A . n 
A 1 176 LYS 176 177 177 LYS LYS A . n 
A 1 177 SER 177 178 178 SER SER A . n 
A 1 178 LYS 178 179 179 LYS LYS A . n 
A 1 179 VAL 179 180 180 VAL VAL A . n 
A 1 180 VAL 180 181 181 VAL VAL A . n 
A 1 181 ARG 181 182 182 ARG ARG A . n 
A 1 182 VAL 182 183 183 VAL VAL A . n 
A 1 183 ARG 183 184 184 ARG ARG A . n 
A 1 184 CYS 184 185 185 CYS CYS A . n 
A 1 185 ASP 185 186 186 ASP ASP A . n 
A 1 186 ARG 186 187 187 ARG ARG A . n 
A 1 187 SER 187 188 188 SER SER A . n 
A 1 188 VAL 188 189 189 VAL VAL A . n 
A 1 189 GLU 189 190 190 GLU GLU A . n 
A 1 190 ASP 190 191 191 ASP ASP A . n 
A 1 191 VAL 191 192 192 VAL VAL A . n 
A 1 192 TYR 192 193 193 TYR TYR A . n 
A 1 193 LYS 193 194 194 LYS LYS A . n 
A 1 194 ASP 194 195 195 ASP ASP A . n 
A 1 195 VAL 195 196 196 VAL VAL A . n 
A 1 196 GLN 196 197 197 GLN GLN A . n 
A 1 197 ASP 197 198 198 ASP ASP A . n 
A 1 198 ALA 198 199 199 ALA ALA A . n 
A 1 199 ILE 199 200 200 ILE ILE A . n 
A 1 200 ARG 200 201 201 ARG ARG A . n 
A 1 201 ASP 201 202 202 ASP ASP A . n 
A 1 202 SER 202 203 203 SER SER A . n 
A 1 203 LEU 203 204 204 LEU LEU A . n 
# 
loop_
_pdbx_nonpoly_scheme.asym_id 
_pdbx_nonpoly_scheme.entity_id 
_pdbx_nonpoly_scheme.mon_id 
_pdbx_nonpoly_scheme.ndb_seq_num 
_pdbx_nonpoly_scheme.pdb_seq_num 
_pdbx_nonpoly_scheme.auth_seq_num 
_pdbx_nonpoly_scheme.pdb_mon_id 
_pdbx_nonpoly_scheme.auth_mon_id 
_pdbx_nonpoly_scheme.pdb_strand_id 
_pdbx_nonpoly_scheme.pdb_ins_code 
B 2 ADP 1   205 205 ADP ADP A . 
C 3 AMP 1   206 206 AMP AMP A . 
D 4 HOH 1   301 301 HOH HOH A . 
D 4 HOH 2   302 302 HOH HOH A . 
D 4 HOH 3   303 303 HOH HOH A . 
D 4 HOH 4   304 304 HOH HOH A . 
D 4 HOH 5   305 305 HOH HOH A . 
D 4 HOH 6   306 306 HOH HOH A . 
D 4 HOH 7   307 307 HOH HOH A . 
D 4 HOH 8   308 308 HOH HOH A . 
D 4 HOH 9   309 309 HOH HOH A . 
D 4 HOH 10  310 310 HOH HOH A . 
D 4 HOH 11  311 311 HOH HOH A . 
D 4 HOH 12  312 312 HOH HOH A . 
D 4 HOH 13  313 313 HOH HOH A . 
D 4 HOH 14  314 314 HOH HOH A . 
D 4 HOH 15  315 315 HOH HOH A . 
D 4 HOH 16  316 316 HOH HOH A . 
D 4 HOH 17  317 317 HOH HOH A . 
D 4 HOH 18  318 318 HOH HOH A . 
D 4 HOH 19  319 319 HOH HOH A . 
D 4 HOH 20  320 320 HOH HOH A . 
D 4 HOH 21  321 321 HOH HOH A . 
D 4 HOH 22  322 322 HOH HOH A . 
D 4 HOH 23  323 323 HOH HOH A . 
D 4 HOH 24  324 324 HOH HOH A . 
D 4 HOH 25  325 325 HOH HOH A . 
D 4 HOH 26  326 326 HOH HOH A . 
D 4 HOH 27  327 327 HOH HOH A . 
D 4 HOH 28  328 328 HOH HOH A . 
D 4 HOH 29  329 329 HOH HOH A . 
D 4 HOH 30  330 330 HOH HOH A . 
D 4 HOH 31  331 331 HOH HOH A . 
D 4 HOH 32  332 332 HOH HOH A . 
D 4 HOH 33  333 333 HOH HOH A . 
D 4 HOH 34  334 334 HOH HOH A . 
D 4 HOH 35  335 335 HOH HOH A . 
D 4 HOH 36  336 336 HOH HOH A . 
D 4 HOH 37  337 337 HOH HOH A . 
D 4 HOH 38  338 338 HOH HOH A . 
D 4 HOH 39  339 339 HOH HOH A . 
D 4 HOH 40  340 340 HOH HOH A . 
D 4 HOH 41  341 341 HOH HOH A . 
D 4 HOH 42  342 342 HOH HOH A . 
D 4 HOH 43  343 343 HOH HOH A . 
D 4 HOH 44  344 344 HOH HOH A . 
D 4 HOH 45  345 345 HOH HOH A . 
D 4 HOH 46  346 346 HOH HOH A . 
D 4 HOH 47  347 347 HOH HOH A . 
D 4 HOH 48  348 348 HOH HOH A . 
D 4 HOH 49  349 349 HOH HOH A . 
D 4 HOH 50  350 350 HOH HOH A . 
D 4 HOH 51  351 351 HOH HOH A . 
D 4 HOH 52  352 352 HOH HOH A . 
D 4 HOH 53  353 353 HOH HOH A . 
D 4 HOH 54  354 354 HOH HOH A . 
D 4 HOH 55  355 355 HOH HOH A . 
D 4 HOH 56  356 356 HOH HOH A . 
D 4 HOH 57  357 357 HOH HOH A . 
D 4 HOH 58  358 358 HOH HOH A . 
D 4 HOH 59  359 359 HOH HOH A . 
D 4 HOH 60  360 360 HOH HOH A . 
D 4 HOH 61  361 361 HOH HOH A . 
D 4 HOH 62  362 362 HOH HOH A . 
D 4 HOH 63  363 363 HOH HOH A . 
D 4 HOH 64  364 364 HOH HOH A . 
D 4 HOH 65  365 365 HOH HOH A . 
D 4 HOH 66  366 366 HOH HOH A . 
D 4 HOH 67  367 367 HOH HOH A . 
D 4 HOH 68  368 368 HOH HOH A . 
D 4 HOH 69  369 369 HOH HOH A . 
D 4 HOH 70  370 370 HOH HOH A . 
D 4 HOH 71  371 371 HOH HOH A . 
D 4 HOH 72  372 372 HOH HOH A . 
D 4 HOH 73  373 373 HOH HOH A . 
D 4 HOH 74  374 374 HOH HOH A . 
D 4 HOH 75  375 375 HOH HOH A . 
D 4 HOH 76  376 376 HOH HOH A . 
D 4 HOH 77  377 377 HOH HOH A . 
D 4 HOH 78  378 378 HOH HOH A . 
D 4 HOH 79  379 379 HOH HOH A . 
D 4 HOH 80  380 380 HOH HOH A . 
D 4 HOH 81  381 381 HOH HOH A . 
D 4 HOH 82  382 382 HOH HOH A . 
D 4 HOH 83  383 383 HOH HOH A . 
D 4 HOH 84  384 384 HOH HOH A . 
D 4 HOH 85  385 385 HOH HOH A . 
D 4 HOH 86  386 386 HOH HOH A . 
D 4 HOH 87  387 387 HOH HOH A . 
D 4 HOH 88  388 388 HOH HOH A . 
D 4 HOH 89  389 389 HOH HOH A . 
D 4 HOH 90  390 390 HOH HOH A . 
D 4 HOH 91  391 391 HOH HOH A . 
D 4 HOH 92  392 392 HOH HOH A . 
D 4 HOH 93  393 393 HOH HOH A . 
D 4 HOH 94  394 394 HOH HOH A . 
D 4 HOH 95  395 395 HOH HOH A . 
D 4 HOH 96  396 396 HOH HOH A . 
D 4 HOH 97  397 397 HOH HOH A . 
D 4 HOH 98  398 398 HOH HOH A . 
D 4 HOH 99  399 399 HOH HOH A . 
D 4 HOH 100 400 400 HOH HOH A . 
D 4 HOH 101 401 401 HOH HOH A . 
D 4 HOH 102 402 402 HOH HOH A . 
D 4 HOH 103 403 403 HOH HOH A . 
D 4 HOH 104 404 404 HOH HOH A . 
D 4 HOH 105 405 405 HOH HOH A . 
D 4 HOH 106 406 406 HOH HOH A . 
# 
loop_
_software.name 
_software.classification 
_software.version 
_software.citation_id 
_software.pdbx_ordinal 
X-PLOR 'model building' . ? 1 
X-PLOR refinement       . ? 2 
X-PLOR phasing          . ? 3 
# 
_cell.entry_id           1UKZ 
_cell.length_a           63.340 
_cell.length_b           63.340 
_cell.length_c           183.350 
_cell.angle_alpha        90.00 
_cell.angle_beta         90.00 
_cell.angle_gamma        120.00 
_cell.Z_PDB              12 
_cell.pdbx_unique_axis   ? 
# 
_symmetry.entry_id                         1UKZ 
_symmetry.space_group_name_H-M             'P 61 2 2' 
_symmetry.pdbx_full_space_group_name_H-M   ? 
_symmetry.cell_setting                     ? 
_symmetry.Int_Tables_number                178 
# 
_exptl.entry_id          1UKZ 
_exptl.method            'X-RAY DIFFRACTION' 
_exptl.crystals_number   ? 
# 
_exptl_crystal.id                    1 
_exptl_crystal.density_meas          ? 
_exptl_crystal.density_Matthews      2.32 
_exptl_crystal.density_percent_sol   47.08 
_exptl_crystal.description           ? 
# 
_refine.entry_id                                 1UKZ 
_refine.ls_number_reflns_obs                     17480 
_refine.ls_number_reflns_all                     ? 
_refine.pdbx_ls_sigma_I                          ? 
_refine.pdbx_ls_sigma_F                          0.0 
_refine.pdbx_data_cutoff_high_absF               ? 
_refine.pdbx_data_cutoff_low_absF                ? 
_refine.pdbx_data_cutoff_high_rms_absF           ? 
_refine.ls_d_res_low                             10. 
_refine.ls_d_res_high                            1.9 
_refine.ls_percent_reflns_obs                    ? 
_refine.ls_R_factor_obs                          0.196 
_refine.ls_R_factor_all                          ? 
_refine.ls_R_factor_R_work                       0.196 
_refine.ls_R_factor_R_free                       ? 
_refine.ls_R_factor_R_free_error                 ? 
_refine.ls_R_factor_R_free_error_details         ? 
_refine.ls_percent_reflns_R_free                 ? 
_refine.ls_number_reflns_R_free                  ? 
_refine.ls_number_parameters                     ? 
_refine.ls_number_restraints                     ? 
_refine.occupancy_min                            ? 
_refine.occupancy_max                            ? 
_refine.B_iso_mean                               ? 
_refine.aniso_B[1][1]                            ? 
_refine.aniso_B[2][2]                            ? 
_refine.aniso_B[3][3]                            ? 
_refine.aniso_B[1][2]                            ? 
_refine.aniso_B[1][3]                            ? 
_refine.aniso_B[2][3]                            ? 
_refine.solvent_model_details                    ? 
_refine.solvent_model_param_ksol                 ? 
_refine.solvent_model_param_bsol                 ? 
_refine.pdbx_ls_cross_valid_method               ? 
_refine.details                                  ? 
_refine.pdbx_starting_model                      ? 
_refine.pdbx_method_to_determine_struct          ? 
_refine.pdbx_isotropic_thermal_model             ? 
_refine.pdbx_stereochemistry_target_values       ? 
_refine.pdbx_stereochem_target_val_spec_case     ? 
_refine.pdbx_R_Free_selection_details            ? 
_refine.pdbx_overall_ESU_R                       ? 
_refine.pdbx_overall_ESU_R_Free                  ? 
_refine.overall_SU_ML                            ? 
_refine.overall_SU_B                             ? 
_refine.pdbx_refine_id                           'X-RAY DIFFRACTION' 
_refine.pdbx_diffrn_id                           1 
_refine.pdbx_TLS_residual_ADP_flag               ? 
_refine.correlation_coeff_Fo_to_Fc               ? 
_refine.correlation_coeff_Fo_to_Fc_free          ? 
_refine.pdbx_solvent_vdw_probe_radii             ? 
_refine.pdbx_solvent_ion_probe_radii             ? 
_refine.pdbx_solvent_shrinkage_radii             ? 
_refine.pdbx_overall_phase_error                 ? 
_refine.overall_SU_R_Cruickshank_DPI             ? 
_refine.pdbx_overall_SU_R_free_Cruickshank_DPI   ? 
_refine.pdbx_overall_SU_R_Blow_DPI               ? 
_refine.pdbx_overall_SU_R_free_Blow_DPI          ? 
# 
_refine_hist.pdbx_refine_id                   'X-RAY DIFFRACTION' 
_refine_hist.cycle_id                         LAST 
_refine_hist.pdbx_number_atoms_protein        1556 
_refine_hist.pdbx_number_atoms_nucleic_acid   0 
_refine_hist.pdbx_number_atoms_ligand         50 
_refine_hist.number_atoms_solvent             106 
_refine_hist.number_atoms_total               1712 
_refine_hist.d_res_high                       1.9 
_refine_hist.d_res_low                        10. 
# 
loop_
_refine_ls_restr.type 
_refine_ls_restr.dev_ideal 
_refine_ls_restr.dev_ideal_target 
_refine_ls_restr.weight 
_refine_ls_restr.number 
_refine_ls_restr.pdbx_refine_id 
_refine_ls_restr.pdbx_restraint_function 
x_bond_d                0.009 ? ? ? 'X-RAY DIFFRACTION' ? 
x_bond_d_na             ?     ? ? ? 'X-RAY DIFFRACTION' ? 
x_bond_d_prot           ?     ? ? ? 'X-RAY DIFFRACTION' ? 
x_angle_d               ?     ? ? ? 'X-RAY DIFFRACTION' ? 
x_angle_d_na            ?     ? ? ? 'X-RAY DIFFRACTION' ? 
x_angle_d_prot          ?     ? ? ? 'X-RAY DIFFRACTION' ? 
x_angle_deg             1.45  ? ? ? 'X-RAY DIFFRACTION' ? 
x_angle_deg_na          ?     ? ? ? 'X-RAY DIFFRACTION' ? 
x_angle_deg_prot        ?     ? ? ? 'X-RAY DIFFRACTION' ? 
x_dihedral_angle_d      ?     ? ? ? 'X-RAY DIFFRACTION' ? 
x_dihedral_angle_d_na   ?     ? ? ? 'X-RAY DIFFRACTION' ? 
x_dihedral_angle_d_prot ?     ? ? ? 'X-RAY DIFFRACTION' ? 
x_improper_angle_d      ?     ? ? ? 'X-RAY DIFFRACTION' ? 
x_improper_angle_d_na   ?     ? ? ? 'X-RAY DIFFRACTION' ? 
x_improper_angle_d_prot ?     ? ? ? 'X-RAY DIFFRACTION' ? 
x_mcbond_it             ?     ? ? ? 'X-RAY DIFFRACTION' ? 
x_mcangle_it            ?     ? ? ? 'X-RAY DIFFRACTION' ? 
x_scbond_it             ?     ? ? ? 'X-RAY DIFFRACTION' ? 
x_scangle_it            ?     ? ? ? 'X-RAY DIFFRACTION' ? 
# 
_struct.entry_id                  1UKZ 
_struct.title                     
'SUBSTRATE SPECIFICITY AND ASSEMBLY OF CATALYTIC CENTER DERIVED FROM TWO STRUCTURES OF LIGATED URIDYLATE KINASE' 
_struct.pdbx_model_details        ? 
_struct.pdbx_CASP_flag            ? 
_struct.pdbx_model_type_details   ? 
# 
_struct_keywords.entry_id        1UKZ 
_struct_keywords.pdbx_keywords   TRANSFERASE 
_struct_keywords.text            TRANSFERASE 
# 
loop_
_struct_asym.id 
_struct_asym.pdbx_blank_PDB_chainid_flag 
_struct_asym.pdbx_modified 
_struct_asym.entity_id 
_struct_asym.details 
A N N 1 ? 
B N N 2 ? 
C N N 3 ? 
D N N 4 ? 
# 
_struct_ref.id                         1 
_struct_ref.db_name                    UNP 
_struct_ref.db_code                    UMPK_YEAST 
_struct_ref.entity_id                  1 
_struct_ref.pdbx_db_accession          P15700 
_struct_ref.pdbx_align_begin           1 
_struct_ref.pdbx_seq_one_letter_code   
;MTAATTSQPAFSPDQVSVIFVLGGPGAGKGTQCEKLVKDYSFVHLSAGDLLRAEQGRAGSQYGELIKNCIKEGQIVPQEI
TLALLRNAISDNVKANKHKFLIDGFPRKMDQAISFERDIVESKFILFFDCPEDIMLERLLERGKTSGRSDDNIESIKKRF
NTFKETSMPVIEYFETKSKVVRVRCDRSVEDVYKDVQDAIRDSL
;
_struct_ref.pdbx_db_isoform            ? 
# 
_struct_ref_seq.align_id                      1 
_struct_ref_seq.ref_id                        1 
_struct_ref_seq.pdbx_PDB_id_code              1UKZ 
_struct_ref_seq.pdbx_strand_id                A 
_struct_ref_seq.seq_align_beg                 1 
_struct_ref_seq.pdbx_seq_align_beg_ins_code   ? 
_struct_ref_seq.seq_align_end                 203 
_struct_ref_seq.pdbx_seq_align_end_ins_code   ? 
_struct_ref_seq.pdbx_db_accession             P15700 
_struct_ref_seq.db_align_beg                  2 
_struct_ref_seq.pdbx_db_align_beg_ins_code    ? 
_struct_ref_seq.db_align_end                  204 
_struct_ref_seq.pdbx_db_align_end_ins_code    ? 
_struct_ref_seq.pdbx_auth_seq_align_beg       2 
_struct_ref_seq.pdbx_auth_seq_align_end       204 
# 
_pdbx_struct_assembly.id                   1 
_pdbx_struct_assembly.details              author_defined_assembly 
_pdbx_struct_assembly.method_details       ? 
_pdbx_struct_assembly.oligomeric_details   monomeric 
_pdbx_struct_assembly.oligomeric_count     1 
# 
_pdbx_struct_assembly_gen.assembly_id       1 
_pdbx_struct_assembly_gen.oper_expression   1 
_pdbx_struct_assembly_gen.asym_id_list      A,B,C,D 
# 
_pdbx_struct_oper_list.id                   1 
_pdbx_struct_oper_list.type                 'identity operation' 
_pdbx_struct_oper_list.name                 1_555 
_pdbx_struct_oper_list.symmetry_operation   x,y,z 
_pdbx_struct_oper_list.matrix[1][1]         1.0000000000 
_pdbx_struct_oper_list.matrix[1][2]         0.0000000000 
_pdbx_struct_oper_list.matrix[1][3]         0.0000000000 
_pdbx_struct_oper_list.vector[1]            0.0000000000 
_pdbx_struct_oper_list.matrix[2][1]         0.0000000000 
_pdbx_struct_oper_list.matrix[2][2]         1.0000000000 
_pdbx_struct_oper_list.matrix[2][3]         0.0000000000 
_pdbx_struct_oper_list.vector[2]            0.0000000000 
_pdbx_struct_oper_list.matrix[3][1]         0.0000000000 
_pdbx_struct_oper_list.matrix[3][2]         0.0000000000 
_pdbx_struct_oper_list.matrix[3][3]         1.0000000000 
_pdbx_struct_oper_list.vector[3]            0.0000000000 
# 
_struct_biol.id   1 
# 
loop_
_struct_conf.conf_type_id 
_struct_conf.id 
_struct_conf.pdbx_PDB_helix_id 
_struct_conf.beg_label_comp_id 
_struct_conf.beg_label_asym_id 
_struct_conf.beg_label_seq_id 
_struct_conf.pdbx_beg_PDB_ins_code 
_struct_conf.end_label_comp_id 
_struct_conf.end_label_asym_id 
_struct_conf.end_label_seq_id 
_struct_conf.pdbx_end_PDB_ins_code 
_struct_conf.beg_auth_comp_id 
_struct_conf.beg_auth_asym_id 
_struct_conf.beg_auth_seq_id 
_struct_conf.end_auth_comp_id 
_struct_conf.end_auth_asym_id 
_struct_conf.end_auth_seq_id 
_struct_conf.pdbx_PDB_helix_class 
_struct_conf.details 
_struct_conf.pdbx_PDB_helix_length 
HELX_P HELX_P1 H1 LYS A 28  ? ASP A 38  ? LYS A 29  ASP A 39  1 ? 11 
HELX_P HELX_P2 H2 ALA A 46  ? GLY A 55  ? ALA A 47  GLY A 56  1 ? 10 
HELX_P HELX_P3 H3 TYR A 61  ? ILE A 69  ? TYR A 62  ILE A 70  1 ? 9  
HELX_P HELX_P4 H4 GLN A 77  ? VAL A 92  ? GLN A 78  VAL A 93  1 ? 16 
HELX_P HELX_P5 H5 MET A 108 ? ILE A 118 ? MET A 109 ILE A 119 1 ? 11 
HELX_P HELX_P6 H6 GLU A 131 ? SER A 145 ? GLU A 132 SER A 146 1 ? 15 
HELX_P HELX_P7 H7 ILE A 152 ? SER A 166 ? ILE A 153 SER A 167 1 ? 15 
HELX_P HELX_P8 H8 VAL A 169 ? GLU A 174 ? VAL A 170 GLU A 175 1 ? 6  
HELX_P HELX_P9 H9 VAL A 188 ? ASP A 201 ? VAL A 189 ASP A 202 1 ? 14 
# 
_struct_conf_type.id          HELX_P 
_struct_conf_type.criteria    ? 
_struct_conf_type.reference   ? 
# 
_struct_conn.id                            disulf1 
_struct_conn.conn_type_id                  disulf 
_struct_conn.pdbx_leaving_atom_flag        ? 
_struct_conn.pdbx_PDB_id                   ? 
_struct_conn.ptnr1_label_asym_id           A 
_struct_conn.ptnr1_label_comp_id           CYS 
_struct_conn.ptnr1_label_seq_id            129 
_struct_conn.ptnr1_label_atom_id           SG 
_struct_conn.pdbx_ptnr1_label_alt_id       ? 
_struct_conn.pdbx_ptnr1_PDB_ins_code       ? 
_struct_conn.pdbx_ptnr1_standard_comp_id   ? 
_struct_conn.ptnr1_symmetry                1_555 
_struct_conn.ptnr2_label_asym_id           A 
_struct_conn.ptnr2_label_comp_id           CYS 
_struct_conn.ptnr2_label_seq_id            184 
_struct_conn.ptnr2_label_atom_id           SG 
_struct_conn.pdbx_ptnr2_label_alt_id       ? 
_struct_conn.pdbx_ptnr2_PDB_ins_code       ? 
_struct_conn.ptnr1_auth_asym_id            A 
_struct_conn.ptnr1_auth_comp_id            CYS 
_struct_conn.ptnr1_auth_seq_id             130 
_struct_conn.ptnr2_auth_asym_id            A 
_struct_conn.ptnr2_auth_comp_id            CYS 
_struct_conn.ptnr2_auth_seq_id             185 
_struct_conn.ptnr2_symmetry                1_555 
_struct_conn.pdbx_ptnr3_label_atom_id      ? 
_struct_conn.pdbx_ptnr3_label_seq_id       ? 
_struct_conn.pdbx_ptnr3_label_comp_id      ? 
_struct_conn.pdbx_ptnr3_label_asym_id      ? 
_struct_conn.pdbx_ptnr3_label_alt_id       ? 
_struct_conn.pdbx_ptnr3_PDB_ins_code       ? 
_struct_conn.details                       ? 
_struct_conn.pdbx_dist_value               2.019 
_struct_conn.pdbx_value_order              ? 
_struct_conn.pdbx_role                     ? 
# 
_struct_conn_type.id          disulf 
_struct_conn_type.criteria    ? 
_struct_conn_type.reference   ? 
# 
_pdbx_modification_feature.ordinal                            1 
_pdbx_modification_feature.label_comp_id                      CYS 
_pdbx_modification_feature.label_asym_id                      A 
_pdbx_modification_feature.label_seq_id                       129 
_pdbx_modification_feature.label_alt_id                       ? 
_pdbx_modification_feature.modified_residue_label_comp_id     CYS 
_pdbx_modification_feature.modified_residue_label_asym_id     A 
_pdbx_modification_feature.modified_residue_label_seq_id      184 
_pdbx_modification_feature.modified_residue_label_alt_id      ? 
_pdbx_modification_feature.auth_comp_id                       CYS 
_pdbx_modification_feature.auth_asym_id                       A 
_pdbx_modification_feature.auth_seq_id                        130 
_pdbx_modification_feature.PDB_ins_code                       ? 
_pdbx_modification_feature.symmetry                           1_555 
_pdbx_modification_feature.modified_residue_auth_comp_id      CYS 
_pdbx_modification_feature.modified_residue_auth_asym_id      A 
_pdbx_modification_feature.modified_residue_auth_seq_id       185 
_pdbx_modification_feature.modified_residue_PDB_ins_code      ? 
_pdbx_modification_feature.modified_residue_symmetry          1_555 
_pdbx_modification_feature.comp_id_linking_atom               SG 
_pdbx_modification_feature.modified_residue_id_linking_atom   SG 
_pdbx_modification_feature.modified_residue_id                . 
_pdbx_modification_feature.ref_pcm_id                         . 
_pdbx_modification_feature.ref_comp_id                        . 
_pdbx_modification_feature.type                               None 
_pdbx_modification_feature.category                           'Disulfide bridge' 
# 
_struct_mon_prot_cis.pdbx_id                1 
_struct_mon_prot_cis.label_comp_id          PHE 
_struct_mon_prot_cis.label_seq_id           104 
_struct_mon_prot_cis.label_asym_id          A 
_struct_mon_prot_cis.label_alt_id           . 
_struct_mon_prot_cis.pdbx_PDB_ins_code      ? 
_struct_mon_prot_cis.auth_comp_id           PHE 
_struct_mon_prot_cis.auth_seq_id            105 
_struct_mon_prot_cis.auth_asym_id           A 
_struct_mon_prot_cis.pdbx_label_comp_id_2   PRO 
_struct_mon_prot_cis.pdbx_label_seq_id_2    105 
_struct_mon_prot_cis.pdbx_label_asym_id_2   A 
_struct_mon_prot_cis.pdbx_PDB_ins_code_2    ? 
_struct_mon_prot_cis.pdbx_auth_comp_id_2    PRO 
_struct_mon_prot_cis.pdbx_auth_seq_id_2     106 
_struct_mon_prot_cis.pdbx_auth_asym_id_2    A 
_struct_mon_prot_cis.pdbx_PDB_model_num     1 
_struct_mon_prot_cis.pdbx_omega_angle       0.27 
# 
_struct_sheet.id               A 
_struct_sheet.type             ? 
_struct_sheet.number_strands   5 
_struct_sheet.details          ? 
# 
loop_
_struct_sheet_order.sheet_id 
_struct_sheet_order.range_id_1 
_struct_sheet_order.range_id_2 
_struct_sheet_order.offset 
_struct_sheet_order.sense 
A 1 2 ? parallel 
A 2 3 ? parallel 
A 3 4 ? parallel 
A 4 5 ? parallel 
# 
loop_
_struct_sheet_range.sheet_id 
_struct_sheet_range.id 
_struct_sheet_range.beg_label_comp_id 
_struct_sheet_range.beg_label_asym_id 
_struct_sheet_range.beg_label_seq_id 
_struct_sheet_range.pdbx_beg_PDB_ins_code 
_struct_sheet_range.end_label_comp_id 
_struct_sheet_range.end_label_asym_id 
_struct_sheet_range.end_label_seq_id 
_struct_sheet_range.pdbx_end_PDB_ins_code 
_struct_sheet_range.beg_auth_comp_id 
_struct_sheet_range.beg_auth_asym_id 
_struct_sheet_range.beg_auth_seq_id 
_struct_sheet_range.end_auth_comp_id 
_struct_sheet_range.end_auth_asym_id 
_struct_sheet_range.end_auth_seq_id 
A 1 VAL A 42  ? LEU A 44  ? VAL A 43  LEU A 45  
A 2 LYS A 98  ? GLY A 103 ? LYS A 99  GLY A 104 
A 3 SER A 16  ? LEU A 21  ? SER A 17  LEU A 22  
A 4 PHE A 123 ? ASP A 128 ? PHE A 124 ASP A 129 
A 5 LYS A 178 ? VAL A 182 ? LYS A 179 VAL A 183 
# 
loop_
_pdbx_struct_sheet_hbond.sheet_id 
_pdbx_struct_sheet_hbond.range_id_1 
_pdbx_struct_sheet_hbond.range_id_2 
_pdbx_struct_sheet_hbond.range_1_label_atom_id 
_pdbx_struct_sheet_hbond.range_1_label_comp_id 
_pdbx_struct_sheet_hbond.range_1_label_asym_id 
_pdbx_struct_sheet_hbond.range_1_label_seq_id 
_pdbx_struct_sheet_hbond.range_1_PDB_ins_code 
_pdbx_struct_sheet_hbond.range_1_auth_atom_id 
_pdbx_struct_sheet_hbond.range_1_auth_comp_id 
_pdbx_struct_sheet_hbond.range_1_auth_asym_id 
_pdbx_struct_sheet_hbond.range_1_auth_seq_id 
_pdbx_struct_sheet_hbond.range_2_label_atom_id 
_pdbx_struct_sheet_hbond.range_2_label_comp_id 
_pdbx_struct_sheet_hbond.range_2_label_asym_id 
_pdbx_struct_sheet_hbond.range_2_label_seq_id 
_pdbx_struct_sheet_hbond.range_2_PDB_ins_code 
_pdbx_struct_sheet_hbond.range_2_auth_atom_id 
_pdbx_struct_sheet_hbond.range_2_auth_comp_id 
_pdbx_struct_sheet_hbond.range_2_auth_asym_id 
_pdbx_struct_sheet_hbond.range_2_auth_seq_id 
A 1 2 N VAL A 42  ? N VAL A 43  O LYS A 98  ? O LYS A 99  
A 2 3 N PHE A 99  ? N PHE A 100 O SER A 16  ? O SER A 17  
A 3 4 N PHE A 19  ? N PHE A 20  O PHE A 123 ? O PHE A 124 
A 4 5 N ILE A 124 ? N ILE A 125 O LYS A 178 ? O LYS A 179 
# 
loop_
_struct_site.id 
_struct_site.pdbx_evidence_code 
_struct_site.pdbx_auth_asym_id 
_struct_site.pdbx_auth_comp_id 
_struct_site.pdbx_auth_seq_id 
_struct_site.pdbx_auth_ins_code 
_struct_site.pdbx_num_residues 
_struct_site.details 
AC1 Software A ADP 205 ? 21 'BINDING SITE FOR RESIDUE ADP A 205' 
AC2 Software A AMP 206 ? 22 'BINDING SITE FOR RESIDUE AMP A 206' 
# 
loop_
_struct_site_gen.id 
_struct_site_gen.site_id 
_struct_site_gen.pdbx_num_res 
_struct_site_gen.label_comp_id 
_struct_site_gen.label_asym_id 
_struct_site_gen.label_seq_id 
_struct_site_gen.pdbx_auth_ins_code 
_struct_site_gen.auth_comp_id 
_struct_site_gen.auth_asym_id 
_struct_site_gen.auth_seq_id 
_struct_site_gen.label_atom_id 
_struct_site_gen.label_alt_id 
_struct_site_gen.symmetry 
_struct_site_gen.details 
1  AC1 21 GLY A 25  ? GLY A 26  . ? 1_555  ? 
2  AC1 21 ALA A 26  ? ALA A 27  . ? 1_555  ? 
3  AC1 21 GLY A 27  ? GLY A 28  . ? 1_555  ? 
4  AC1 21 LYS A 28  ? LYS A 29  . ? 1_555  ? 
5  AC1 21 GLY A 29  ? GLY A 30  . ? 1_555  ? 
6  AC1 21 THR A 30  ? THR A 31  . ? 1_555  ? 
7  AC1 21 ALA A 57  ? ALA A 58  . ? 12_565 ? 
8  AC1 21 ARG A 137 ? ARG A 138 . ? 1_555  ? 
9  AC1 21 ARG A 141 ? ARG A 142 . ? 1_555  ? 
10 AC1 21 ARG A 186 ? ARG A 187 . ? 1_555  ? 
11 AC1 21 SER A 187 ? SER A 188 . ? 1_555  ? 
12 AC1 21 VAL A 188 ? VAL A 189 . ? 1_555  ? 
13 AC1 21 HOH D .   ? HOH A 308 . ? 1_555  ? 
14 AC1 21 HOH D .   ? HOH A 309 . ? 1_555  ? 
15 AC1 21 HOH D .   ? HOH A 316 . ? 1_555  ? 
16 AC1 21 HOH D .   ? HOH A 317 . ? 1_555  ? 
17 AC1 21 HOH D .   ? HOH A 345 . ? 1_555  ? 
18 AC1 21 HOH D .   ? HOH A 347 . ? 1_555  ? 
19 AC1 21 HOH D .   ? HOH A 349 . ? 1_555  ? 
20 AC1 21 HOH D .   ? HOH A 363 . ? 1_555  ? 
21 AC1 21 HOH D .   ? HOH A 393 . ? 1_555  ? 
22 AC2 22 ALA A 46  ? ALA A 47  . ? 1_555  ? 
23 AC2 22 LEU A 50  ? LEU A 51  . ? 1_555  ? 
24 AC2 22 ARG A 51  ? ARG A 52  . ? 1_555  ? 
25 AC2 22 CYS A 68  ? CYS A 69  . ? 1_555  ? 
26 AC2 22 ILE A 69  ? ILE A 70  . ? 1_555  ? 
27 AC2 22 GLN A 73  ? GLN A 74  . ? 1_555  ? 
28 AC2 22 ILE A 74  ? ILE A 75  . ? 1_555  ? 
29 AC2 22 VAL A 75  ? VAL A 76  . ? 1_555  ? 
30 AC2 22 THR A 80  ? THR A 81  . ? 1_555  ? 
31 AC2 22 GLY A 103 ? GLY A 104 . ? 1_555  ? 
32 AC2 22 PHE A 104 ? PHE A 105 . ? 1_555  ? 
33 AC2 22 ARG A 106 ? ARG A 107 . ? 1_555  ? 
34 AC2 22 GLN A 110 ? GLN A 111 . ? 1_555  ? 
35 AC2 22 ARG A 147 ? ARG A 148 . ? 1_555  ? 
36 AC2 22 ARG A 158 ? ARG A 159 . ? 1_555  ? 
37 AC2 22 HOH D .   ? HOH A 302 . ? 1_555  ? 
38 AC2 22 HOH D .   ? HOH A 305 . ? 1_555  ? 
39 AC2 22 HOH D .   ? HOH A 310 . ? 1_555  ? 
40 AC2 22 HOH D .   ? HOH A 316 . ? 1_555  ? 
41 AC2 22 HOH D .   ? HOH A 317 . ? 1_555  ? 
42 AC2 22 HOH D .   ? HOH A 329 . ? 1_555  ? 
43 AC2 22 HOH D .   ? HOH A 356 . ? 1_555  ? 
# 
_pdbx_entry_details.entry_id                   1UKZ 
_pdbx_entry_details.compound_details           ? 
_pdbx_entry_details.source_details             ? 
_pdbx_entry_details.nonpolymer_details         
;THE ADP MOLECULE IS BOUND AT THE ATP-BINDING SITE AND THE
AMP AT THE NMP-BINDING SITE.

THE ENZYME CONTAINS AN ADP AND AN AMP MOLECULE.
;
_pdbx_entry_details.sequence_details           ? 
_pdbx_entry_details.has_ligand_of_interest     ? 
_pdbx_entry_details.has_protein_modification   Y 
# 
_pdbx_validate_rmsd_angle.id                         1 
_pdbx_validate_rmsd_angle.PDB_model_num              1 
_pdbx_validate_rmsd_angle.auth_atom_id_1             CA 
_pdbx_validate_rmsd_angle.auth_asym_id_1             A 
_pdbx_validate_rmsd_angle.auth_comp_id_1             PRO 
_pdbx_validate_rmsd_angle.auth_seq_id_1              9 
_pdbx_validate_rmsd_angle.PDB_ins_code_1             ? 
_pdbx_validate_rmsd_angle.label_alt_id_1             ? 
_pdbx_validate_rmsd_angle.auth_atom_id_2             N 
_pdbx_validate_rmsd_angle.auth_asym_id_2             A 
_pdbx_validate_rmsd_angle.auth_comp_id_2             PRO 
_pdbx_validate_rmsd_angle.auth_seq_id_2              9 
_pdbx_validate_rmsd_angle.PDB_ins_code_2             ? 
_pdbx_validate_rmsd_angle.label_alt_id_2             ? 
_pdbx_validate_rmsd_angle.auth_atom_id_3             CD 
_pdbx_validate_rmsd_angle.auth_asym_id_3             A 
_pdbx_validate_rmsd_angle.auth_comp_id_3             PRO 
_pdbx_validate_rmsd_angle.auth_seq_id_3              9 
_pdbx_validate_rmsd_angle.PDB_ins_code_3             ? 
_pdbx_validate_rmsd_angle.label_alt_id_3             ? 
_pdbx_validate_rmsd_angle.angle_value                101.97 
_pdbx_validate_rmsd_angle.angle_target_value         111.50 
_pdbx_validate_rmsd_angle.angle_deviation            -9.53 
_pdbx_validate_rmsd_angle.angle_standard_deviation   1.40 
_pdbx_validate_rmsd_angle.linker_flag                N 
# 
loop_
_pdbx_validate_torsion.id 
_pdbx_validate_torsion.PDB_model_num 
_pdbx_validate_torsion.auth_comp_id 
_pdbx_validate_torsion.auth_asym_id 
_pdbx_validate_torsion.auth_seq_id 
_pdbx_validate_torsion.PDB_ins_code 
_pdbx_validate_torsion.label_alt_id 
_pdbx_validate_torsion.phi 
_pdbx_validate_torsion.psi 
1 1 PRO A 13  ? ? -59.26  -2.58  
2 1 ILE A 119 ? ? -104.77 -71.24 
3 1 ASP A 151 ? ? -89.43  47.76  
# 
loop_
_pdbx_unobs_or_zero_occ_residues.id 
_pdbx_unobs_or_zero_occ_residues.PDB_model_num 
_pdbx_unobs_or_zero_occ_residues.polymer_flag 
_pdbx_unobs_or_zero_occ_residues.occupancy_flag 
_pdbx_unobs_or_zero_occ_residues.auth_asym_id 
_pdbx_unobs_or_zero_occ_residues.auth_comp_id 
_pdbx_unobs_or_zero_occ_residues.auth_seq_id 
_pdbx_unobs_or_zero_occ_residues.PDB_ins_code 
_pdbx_unobs_or_zero_occ_residues.label_asym_id 
_pdbx_unobs_or_zero_occ_residues.label_comp_id 
_pdbx_unobs_or_zero_occ_residues.label_seq_id 
1 1 Y 1 A THR 2 ? A THR 1 
2 1 Y 1 A ALA 3 ? A ALA 2 
3 1 Y 1 A ALA 4 ? A ALA 3 
4 1 Y 1 A THR 5 ? A THR 4 
5 1 Y 1 A THR 6 ? A THR 5 
6 1 Y 1 A SER 7 ? A SER 6 
7 1 Y 1 A GLN 8 ? A GLN 7 
# 
loop_
_chem_comp_atom.comp_id 
_chem_comp_atom.atom_id 
_chem_comp_atom.type_symbol 
_chem_comp_atom.pdbx_aromatic_flag 
_chem_comp_atom.pdbx_stereo_config 
_chem_comp_atom.pdbx_ordinal 
ADP PB     P N N 1   
ADP O1B    O N N 2   
ADP O2B    O N N 3   
ADP O3B    O N N 4   
ADP PA     P N S 5   
ADP O1A    O N N 6   
ADP O2A    O N N 7   
ADP O3A    O N N 8   
ADP "O5'"  O N N 9   
ADP "C5'"  C N N 10  
ADP "C4'"  C N R 11  
ADP "O4'"  O N N 12  
ADP "C3'"  C N S 13  
ADP "O3'"  O N N 14  
ADP "C2'"  C N R 15  
ADP "O2'"  O N N 16  
ADP "C1'"  C N R 17  
ADP N9     N Y N 18  
ADP C8     C Y N 19  
ADP N7     N Y N 20  
ADP C5     C Y N 21  
ADP C6     C Y N 22  
ADP N6     N N N 23  
ADP N1     N Y N 24  
ADP C2     C Y N 25  
ADP N3     N Y N 26  
ADP C4     C Y N 27  
ADP HOB2   H N N 28  
ADP HOB3   H N N 29  
ADP HOA2   H N N 30  
ADP "H5'1" H N N 31  
ADP "H5'2" H N N 32  
ADP "H4'"  H N N 33  
ADP "H3'"  H N N 34  
ADP "HO3'" H N N 35  
ADP "H2'"  H N N 36  
ADP "HO2'" H N N 37  
ADP "H1'"  H N N 38  
ADP H8     H N N 39  
ADP HN61   H N N 40  
ADP HN62   H N N 41  
ADP H2     H N N 42  
ALA N      N N N 43  
ALA CA     C N S 44  
ALA C      C N N 45  
ALA O      O N N 46  
ALA CB     C N N 47  
ALA OXT    O N N 48  
ALA H      H N N 49  
ALA H2     H N N 50  
ALA HA     H N N 51  
ALA HB1    H N N 52  
ALA HB2    H N N 53  
ALA HB3    H N N 54  
ALA HXT    H N N 55  
AMP P      P N N 56  
AMP O1P    O N N 57  
AMP O2P    O N N 58  
AMP O3P    O N N 59  
AMP "O5'"  O N N 60  
AMP "C5'"  C N N 61  
AMP "C4'"  C N R 62  
AMP "O4'"  O N N 63  
AMP "C3'"  C N S 64  
AMP "O3'"  O N N 65  
AMP "C2'"  C N R 66  
AMP "O2'"  O N N 67  
AMP "C1'"  C N R 68  
AMP N9     N Y N 69  
AMP C8     C Y N 70  
AMP N7     N Y N 71  
AMP C5     C Y N 72  
AMP C6     C Y N 73  
AMP N6     N N N 74  
AMP N1     N Y N 75  
AMP C2     C Y N 76  
AMP N3     N Y N 77  
AMP C4     C Y N 78  
AMP HOP2   H N N 79  
AMP HOP3   H N N 80  
AMP "H5'1" H N N 81  
AMP "H5'2" H N N 82  
AMP "H4'"  H N N 83  
AMP "H3'"  H N N 84  
AMP "HO3'" H N N 85  
AMP "H2'"  H N N 86  
AMP "HO2'" H N N 87  
AMP "H1'"  H N N 88  
AMP H8     H N N 89  
AMP HN61   H N N 90  
AMP HN62   H N N 91  
AMP H2     H N N 92  
ARG N      N N N 93  
ARG CA     C N S 94  
ARG C      C N N 95  
ARG O      O N N 96  
ARG CB     C N N 97  
ARG CG     C N N 98  
ARG CD     C N N 99  
ARG NE     N N N 100 
ARG CZ     C N N 101 
ARG NH1    N N N 102 
ARG NH2    N N N 103 
ARG OXT    O N N 104 
ARG H      H N N 105 
ARG H2     H N N 106 
ARG HA     H N N 107 
ARG HB2    H N N 108 
ARG HB3    H N N 109 
ARG HG2    H N N 110 
ARG HG3    H N N 111 
ARG HD2    H N N 112 
ARG HD3    H N N 113 
ARG HE     H N N 114 
ARG HH11   H N N 115 
ARG HH12   H N N 116 
ARG HH21   H N N 117 
ARG HH22   H N N 118 
ARG HXT    H N N 119 
ASN N      N N N 120 
ASN CA     C N S 121 
ASN C      C N N 122 
ASN O      O N N 123 
ASN CB     C N N 124 
ASN CG     C N N 125 
ASN OD1    O N N 126 
ASN ND2    N N N 127 
ASN OXT    O N N 128 
ASN H      H N N 129 
ASN H2     H N N 130 
ASN HA     H N N 131 
ASN HB2    H N N 132 
ASN HB3    H N N 133 
ASN HD21   H N N 134 
ASN HD22   H N N 135 
ASN HXT    H N N 136 
ASP N      N N N 137 
ASP CA     C N S 138 
ASP C      C N N 139 
ASP O      O N N 140 
ASP CB     C N N 141 
ASP CG     C N N 142 
ASP OD1    O N N 143 
ASP OD2    O N N 144 
ASP OXT    O N N 145 
ASP H      H N N 146 
ASP H2     H N N 147 
ASP HA     H N N 148 
ASP HB2    H N N 149 
ASP HB3    H N N 150 
ASP HD2    H N N 151 
ASP HXT    H N N 152 
CYS N      N N N 153 
CYS CA     C N R 154 
CYS C      C N N 155 
CYS O      O N N 156 
CYS CB     C N N 157 
CYS SG     S N N 158 
CYS OXT    O N N 159 
CYS H      H N N 160 
CYS H2     H N N 161 
CYS HA     H N N 162 
CYS HB2    H N N 163 
CYS HB3    H N N 164 
CYS HG     H N N 165 
CYS HXT    H N N 166 
GLN N      N N N 167 
GLN CA     C N S 168 
GLN C      C N N 169 
GLN O      O N N 170 
GLN CB     C N N 171 
GLN CG     C N N 172 
GLN CD     C N N 173 
GLN OE1    O N N 174 
GLN NE2    N N N 175 
GLN OXT    O N N 176 
GLN H      H N N 177 
GLN H2     H N N 178 
GLN HA     H N N 179 
GLN HB2    H N N 180 
GLN HB3    H N N 181 
GLN HG2    H N N 182 
GLN HG3    H N N 183 
GLN HE21   H N N 184 
GLN HE22   H N N 185 
GLN HXT    H N N 186 
GLU N      N N N 187 
GLU CA     C N S 188 
GLU C      C N N 189 
GLU O      O N N 190 
GLU CB     C N N 191 
GLU CG     C N N 192 
GLU CD     C N N 193 
GLU OE1    O N N 194 
GLU OE2    O N N 195 
GLU OXT    O N N 196 
GLU H      H N N 197 
GLU H2     H N N 198 
GLU HA     H N N 199 
GLU HB2    H N N 200 
GLU HB3    H N N 201 
GLU HG2    H N N 202 
GLU HG3    H N N 203 
GLU HE2    H N N 204 
GLU HXT    H N N 205 
GLY N      N N N 206 
GLY CA     C N N 207 
GLY C      C N N 208 
GLY O      O N N 209 
GLY OXT    O N N 210 
GLY H      H N N 211 
GLY H2     H N N 212 
GLY HA2    H N N 213 
GLY HA3    H N N 214 
GLY HXT    H N N 215 
HIS N      N N N 216 
HIS CA     C N S 217 
HIS C      C N N 218 
HIS O      O N N 219 
HIS CB     C N N 220 
HIS CG     C Y N 221 
HIS ND1    N Y N 222 
HIS CD2    C Y N 223 
HIS CE1    C Y N 224 
HIS NE2    N Y N 225 
HIS OXT    O N N 226 
HIS H      H N N 227 
HIS H2     H N N 228 
HIS HA     H N N 229 
HIS HB2    H N N 230 
HIS HB3    H N N 231 
HIS HD1    H N N 232 
HIS HD2    H N N 233 
HIS HE1    H N N 234 
HIS HE2    H N N 235 
HIS HXT    H N N 236 
HOH O      O N N 237 
HOH H1     H N N 238 
HOH H2     H N N 239 
ILE N      N N N 240 
ILE CA     C N S 241 
ILE C      C N N 242 
ILE O      O N N 243 
ILE CB     C N S 244 
ILE CG1    C N N 245 
ILE CG2    C N N 246 
ILE CD1    C N N 247 
ILE OXT    O N N 248 
ILE H      H N N 249 
ILE H2     H N N 250 
ILE HA     H N N 251 
ILE HB     H N N 252 
ILE HG12   H N N 253 
ILE HG13   H N N 254 
ILE HG21   H N N 255 
ILE HG22   H N N 256 
ILE HG23   H N N 257 
ILE HD11   H N N 258 
ILE HD12   H N N 259 
ILE HD13   H N N 260 
ILE HXT    H N N 261 
LEU N      N N N 262 
LEU CA     C N S 263 
LEU C      C N N 264 
LEU O      O N N 265 
LEU CB     C N N 266 
LEU CG     C N N 267 
LEU CD1    C N N 268 
LEU CD2    C N N 269 
LEU OXT    O N N 270 
LEU H      H N N 271 
LEU H2     H N N 272 
LEU HA     H N N 273 
LEU HB2    H N N 274 
LEU HB3    H N N 275 
LEU HG     H N N 276 
LEU HD11   H N N 277 
LEU HD12   H N N 278 
LEU HD13   H N N 279 
LEU HD21   H N N 280 
LEU HD22   H N N 281 
LEU HD23   H N N 282 
LEU HXT    H N N 283 
LYS N      N N N 284 
LYS CA     C N S 285 
LYS C      C N N 286 
LYS O      O N N 287 
LYS CB     C N N 288 
LYS CG     C N N 289 
LYS CD     C N N 290 
LYS CE     C N N 291 
LYS NZ     N N N 292 
LYS OXT    O N N 293 
LYS H      H N N 294 
LYS H2     H N N 295 
LYS HA     H N N 296 
LYS HB2    H N N 297 
LYS HB3    H N N 298 
LYS HG2    H N N 299 
LYS HG3    H N N 300 
LYS HD2    H N N 301 
LYS HD3    H N N 302 
LYS HE2    H N N 303 
LYS HE3    H N N 304 
LYS HZ1    H N N 305 
LYS HZ2    H N N 306 
LYS HZ3    H N N 307 
LYS HXT    H N N 308 
MET N      N N N 309 
MET CA     C N S 310 
MET C      C N N 311 
MET O      O N N 312 
MET CB     C N N 313 
MET CG     C N N 314 
MET SD     S N N 315 
MET CE     C N N 316 
MET OXT    O N N 317 
MET H      H N N 318 
MET H2     H N N 319 
MET HA     H N N 320 
MET HB2    H N N 321 
MET HB3    H N N 322 
MET HG2    H N N 323 
MET HG3    H N N 324 
MET HE1    H N N 325 
MET HE2    H N N 326 
MET HE3    H N N 327 
MET HXT    H N N 328 
PHE N      N N N 329 
PHE CA     C N S 330 
PHE C      C N N 331 
PHE O      O N N 332 
PHE CB     C N N 333 
PHE CG     C Y N 334 
PHE CD1    C Y N 335 
PHE CD2    C Y N 336 
PHE CE1    C Y N 337 
PHE CE2    C Y N 338 
PHE CZ     C Y N 339 
PHE OXT    O N N 340 
PHE H      H N N 341 
PHE H2     H N N 342 
PHE HA     H N N 343 
PHE HB2    H N N 344 
PHE HB3    H N N 345 
PHE HD1    H N N 346 
PHE HD2    H N N 347 
PHE HE1    H N N 348 
PHE HE2    H N N 349 
PHE HZ     H N N 350 
PHE HXT    H N N 351 
PRO N      N N N 352 
PRO CA     C N S 353 
PRO C      C N N 354 
PRO O      O N N 355 
PRO CB     C N N 356 
PRO CG     C N N 357 
PRO CD     C N N 358 
PRO OXT    O N N 359 
PRO H      H N N 360 
PRO HA     H N N 361 
PRO HB2    H N N 362 
PRO HB3    H N N 363 
PRO HG2    H N N 364 
PRO HG3    H N N 365 
PRO HD2    H N N 366 
PRO HD3    H N N 367 
PRO HXT    H N N 368 
SER N      N N N 369 
SER CA     C N S 370 
SER C      C N N 371 
SER O      O N N 372 
SER CB     C N N 373 
SER OG     O N N 374 
SER OXT    O N N 375 
SER H      H N N 376 
SER H2     H N N 377 
SER HA     H N N 378 
SER HB2    H N N 379 
SER HB3    H N N 380 
SER HG     H N N 381 
SER HXT    H N N 382 
THR N      N N N 383 
THR CA     C N S 384 
THR C      C N N 385 
THR O      O N N 386 
THR CB     C N R 387 
THR OG1    O N N 388 
THR CG2    C N N 389 
THR OXT    O N N 390 
THR H      H N N 391 
THR H2     H N N 392 
THR HA     H N N 393 
THR HB     H N N 394 
THR HG1    H N N 395 
THR HG21   H N N 396 
THR HG22   H N N 397 
THR HG23   H N N 398 
THR HXT    H N N 399 
TYR N      N N N 400 
TYR CA     C N S 401 
TYR C      C N N 402 
TYR O      O N N 403 
TYR CB     C N N 404 
TYR CG     C Y N 405 
TYR CD1    C Y N 406 
TYR CD2    C Y N 407 
TYR CE1    C Y N 408 
TYR CE2    C Y N 409 
TYR CZ     C Y N 410 
TYR OH     O N N 411 
TYR OXT    O N N 412 
TYR H      H N N 413 
TYR H2     H N N 414 
TYR HA     H N N 415 
TYR HB2    H N N 416 
TYR HB3    H N N 417 
TYR HD1    H N N 418 
TYR HD2    H N N 419 
TYR HE1    H N N 420 
TYR HE2    H N N 421 
TYR HH     H N N 422 
TYR HXT    H N N 423 
VAL N      N N N 424 
VAL CA     C N S 425 
VAL C      C N N 426 
VAL O      O N N 427 
VAL CB     C N N 428 
VAL CG1    C N N 429 
VAL CG2    C N N 430 
VAL OXT    O N N 431 
VAL H      H N N 432 
VAL H2     H N N 433 
VAL HA     H N N 434 
VAL HB     H N N 435 
VAL HG11   H N N 436 
VAL HG12   H N N 437 
VAL HG13   H N N 438 
VAL HG21   H N N 439 
VAL HG22   H N N 440 
VAL HG23   H N N 441 
VAL HXT    H N N 442 
# 
loop_
_chem_comp_bond.comp_id 
_chem_comp_bond.atom_id_1 
_chem_comp_bond.atom_id_2 
_chem_comp_bond.value_order 
_chem_comp_bond.pdbx_aromatic_flag 
_chem_comp_bond.pdbx_stereo_config 
_chem_comp_bond.pdbx_ordinal 
ADP PB    O1B    doub N N 1   
ADP PB    O2B    sing N N 2   
ADP PB    O3B    sing N N 3   
ADP PB    O3A    sing N N 4   
ADP O2B   HOB2   sing N N 5   
ADP O3B   HOB3   sing N N 6   
ADP PA    O1A    doub N N 7   
ADP PA    O2A    sing N N 8   
ADP PA    O3A    sing N N 9   
ADP PA    "O5'"  sing N N 10  
ADP O2A   HOA2   sing N N 11  
ADP "O5'" "C5'"  sing N N 12  
ADP "C5'" "C4'"  sing N N 13  
ADP "C5'" "H5'1" sing N N 14  
ADP "C5'" "H5'2" sing N N 15  
ADP "C4'" "O4'"  sing N N 16  
ADP "C4'" "C3'"  sing N N 17  
ADP "C4'" "H4'"  sing N N 18  
ADP "O4'" "C1'"  sing N N 19  
ADP "C3'" "O3'"  sing N N 20  
ADP "C3'" "C2'"  sing N N 21  
ADP "C3'" "H3'"  sing N N 22  
ADP "O3'" "HO3'" sing N N 23  
ADP "C2'" "O2'"  sing N N 24  
ADP "C2'" "C1'"  sing N N 25  
ADP "C2'" "H2'"  sing N N 26  
ADP "O2'" "HO2'" sing N N 27  
ADP "C1'" N9     sing N N 28  
ADP "C1'" "H1'"  sing N N 29  
ADP N9    C8     sing Y N 30  
ADP N9    C4     sing Y N 31  
ADP C8    N7     doub Y N 32  
ADP C8    H8     sing N N 33  
ADP N7    C5     sing Y N 34  
ADP C5    C6     sing Y N 35  
ADP C5    C4     doub Y N 36  
ADP C6    N6     sing N N 37  
ADP C6    N1     doub Y N 38  
ADP N6    HN61   sing N N 39  
ADP N6    HN62   sing N N 40  
ADP N1    C2     sing Y N 41  
ADP C2    N3     doub Y N 42  
ADP C2    H2     sing N N 43  
ADP N3    C4     sing Y N 44  
ALA N     CA     sing N N 45  
ALA N     H      sing N N 46  
ALA N     H2     sing N N 47  
ALA CA    C      sing N N 48  
ALA CA    CB     sing N N 49  
ALA CA    HA     sing N N 50  
ALA C     O      doub N N 51  
ALA C     OXT    sing N N 52  
ALA CB    HB1    sing N N 53  
ALA CB    HB2    sing N N 54  
ALA CB    HB3    sing N N 55  
ALA OXT   HXT    sing N N 56  
AMP P     O1P    doub N N 57  
AMP P     O2P    sing N N 58  
AMP P     O3P    sing N N 59  
AMP P     "O5'"  sing N N 60  
AMP O2P   HOP2   sing N N 61  
AMP O3P   HOP3   sing N N 62  
AMP "O5'" "C5'"  sing N N 63  
AMP "C5'" "C4'"  sing N N 64  
AMP "C5'" "H5'1" sing N N 65  
AMP "C5'" "H5'2" sing N N 66  
AMP "C4'" "O4'"  sing N N 67  
AMP "C4'" "C3'"  sing N N 68  
AMP "C4'" "H4'"  sing N N 69  
AMP "O4'" "C1'"  sing N N 70  
AMP "C3'" "O3'"  sing N N 71  
AMP "C3'" "C2'"  sing N N 72  
AMP "C3'" "H3'"  sing N N 73  
AMP "O3'" "HO3'" sing N N 74  
AMP "C2'" "O2'"  sing N N 75  
AMP "C2'" "C1'"  sing N N 76  
AMP "C2'" "H2'"  sing N N 77  
AMP "O2'" "HO2'" sing N N 78  
AMP "C1'" N9     sing N N 79  
AMP "C1'" "H1'"  sing N N 80  
AMP N9    C8     sing Y N 81  
AMP N9    C4     sing Y N 82  
AMP C8    N7     doub Y N 83  
AMP C8    H8     sing N N 84  
AMP N7    C5     sing Y N 85  
AMP C5    C6     sing Y N 86  
AMP C5    C4     doub Y N 87  
AMP C6    N6     sing N N 88  
AMP C6    N1     doub Y N 89  
AMP N6    HN61   sing N N 90  
AMP N6    HN62   sing N N 91  
AMP N1    C2     sing Y N 92  
AMP C2    N3     doub Y N 93  
AMP C2    H2     sing N N 94  
AMP N3    C4     sing Y N 95  
ARG N     CA     sing N N 96  
ARG N     H      sing N N 97  
ARG N     H2     sing N N 98  
ARG CA    C      sing N N 99  
ARG CA    CB     sing N N 100 
ARG CA    HA     sing N N 101 
ARG C     O      doub N N 102 
ARG C     OXT    sing N N 103 
ARG CB    CG     sing N N 104 
ARG CB    HB2    sing N N 105 
ARG CB    HB3    sing N N 106 
ARG CG    CD     sing N N 107 
ARG CG    HG2    sing N N 108 
ARG CG    HG3    sing N N 109 
ARG CD    NE     sing N N 110 
ARG CD    HD2    sing N N 111 
ARG CD    HD3    sing N N 112 
ARG NE    CZ     sing N N 113 
ARG NE    HE     sing N N 114 
ARG CZ    NH1    sing N N 115 
ARG CZ    NH2    doub N N 116 
ARG NH1   HH11   sing N N 117 
ARG NH1   HH12   sing N N 118 
ARG NH2   HH21   sing N N 119 
ARG NH2   HH22   sing N N 120 
ARG OXT   HXT    sing N N 121 
ASN N     CA     sing N N 122 
ASN N     H      sing N N 123 
ASN N     H2     sing N N 124 
ASN CA    C      sing N N 125 
ASN CA    CB     sing N N 126 
ASN CA    HA     sing N N 127 
ASN C     O      doub N N 128 
ASN C     OXT    sing N N 129 
ASN CB    CG     sing N N 130 
ASN CB    HB2    sing N N 131 
ASN CB    HB3    sing N N 132 
ASN CG    OD1    doub N N 133 
ASN CG    ND2    sing N N 134 
ASN ND2   HD21   sing N N 135 
ASN ND2   HD22   sing N N 136 
ASN OXT   HXT    sing N N 137 
ASP N     CA     sing N N 138 
ASP N     H      sing N N 139 
ASP N     H2     sing N N 140 
ASP CA    C      sing N N 141 
ASP CA    CB     sing N N 142 
ASP CA    HA     sing N N 143 
ASP C     O      doub N N 144 
ASP C     OXT    sing N N 145 
ASP CB    CG     sing N N 146 
ASP CB    HB2    sing N N 147 
ASP CB    HB3    sing N N 148 
ASP CG    OD1    doub N N 149 
ASP CG    OD2    sing N N 150 
ASP OD2   HD2    sing N N 151 
ASP OXT   HXT    sing N N 152 
CYS N     CA     sing N N 153 
CYS N     H      sing N N 154 
CYS N     H2     sing N N 155 
CYS CA    C      sing N N 156 
CYS CA    CB     sing N N 157 
CYS CA    HA     sing N N 158 
CYS C     O      doub N N 159 
CYS C     OXT    sing N N 160 
CYS CB    SG     sing N N 161 
CYS CB    HB2    sing N N 162 
CYS CB    HB3    sing N N 163 
CYS SG    HG     sing N N 164 
CYS OXT   HXT    sing N N 165 
GLN N     CA     sing N N 166 
GLN N     H      sing N N 167 
GLN N     H2     sing N N 168 
GLN CA    C      sing N N 169 
GLN CA    CB     sing N N 170 
GLN CA    HA     sing N N 171 
GLN C     O      doub N N 172 
GLN C     OXT    sing N N 173 
GLN CB    CG     sing N N 174 
GLN CB    HB2    sing N N 175 
GLN CB    HB3    sing N N 176 
GLN CG    CD     sing N N 177 
GLN CG    HG2    sing N N 178 
GLN CG    HG3    sing N N 179 
GLN CD    OE1    doub N N 180 
GLN CD    NE2    sing N N 181 
GLN NE2   HE21   sing N N 182 
GLN NE2   HE22   sing N N 183 
GLN OXT   HXT    sing N N 184 
GLU N     CA     sing N N 185 
GLU N     H      sing N N 186 
GLU N     H2     sing N N 187 
GLU CA    C      sing N N 188 
GLU CA    CB     sing N N 189 
GLU CA    HA     sing N N 190 
GLU C     O      doub N N 191 
GLU C     OXT    sing N N 192 
GLU CB    CG     sing N N 193 
GLU CB    HB2    sing N N 194 
GLU CB    HB3    sing N N 195 
GLU CG    CD     sing N N 196 
GLU CG    HG2    sing N N 197 
GLU CG    HG3    sing N N 198 
GLU CD    OE1    doub N N 199 
GLU CD    OE2    sing N N 200 
GLU OE2   HE2    sing N N 201 
GLU OXT   HXT    sing N N 202 
GLY N     CA     sing N N 203 
GLY N     H      sing N N 204 
GLY N     H2     sing N N 205 
GLY CA    C      sing N N 206 
GLY CA    HA2    sing N N 207 
GLY CA    HA3    sing N N 208 
GLY C     O      doub N N 209 
GLY C     OXT    sing N N 210 
GLY OXT   HXT    sing N N 211 
HIS N     CA     sing N N 212 
HIS N     H      sing N N 213 
HIS N     H2     sing N N 214 
HIS CA    C      sing N N 215 
HIS CA    CB     sing N N 216 
HIS CA    HA     sing N N 217 
HIS C     O      doub N N 218 
HIS C     OXT    sing N N 219 
HIS CB    CG     sing N N 220 
HIS CB    HB2    sing N N 221 
HIS CB    HB3    sing N N 222 
HIS CG    ND1    sing Y N 223 
HIS CG    CD2    doub Y N 224 
HIS ND1   CE1    doub Y N 225 
HIS ND1   HD1    sing N N 226 
HIS CD2   NE2    sing Y N 227 
HIS CD2   HD2    sing N N 228 
HIS CE1   NE2    sing Y N 229 
HIS CE1   HE1    sing N N 230 
HIS NE2   HE2    sing N N 231 
HIS OXT   HXT    sing N N 232 
HOH O     H1     sing N N 233 
HOH O     H2     sing N N 234 
ILE N     CA     sing N N 235 
ILE N     H      sing N N 236 
ILE N     H2     sing N N 237 
ILE CA    C      sing N N 238 
ILE CA    CB     sing N N 239 
ILE CA    HA     sing N N 240 
ILE C     O      doub N N 241 
ILE C     OXT    sing N N 242 
ILE CB    CG1    sing N N 243 
ILE CB    CG2    sing N N 244 
ILE CB    HB     sing N N 245 
ILE CG1   CD1    sing N N 246 
ILE CG1   HG12   sing N N 247 
ILE CG1   HG13   sing N N 248 
ILE CG2   HG21   sing N N 249 
ILE CG2   HG22   sing N N 250 
ILE CG2   HG23   sing N N 251 
ILE CD1   HD11   sing N N 252 
ILE CD1   HD12   sing N N 253 
ILE CD1   HD13   sing N N 254 
ILE OXT   HXT    sing N N 255 
LEU N     CA     sing N N 256 
LEU N     H      sing N N 257 
LEU N     H2     sing N N 258 
LEU CA    C      sing N N 259 
LEU CA    CB     sing N N 260 
LEU CA    HA     sing N N 261 
LEU C     O      doub N N 262 
LEU C     OXT    sing N N 263 
LEU CB    CG     sing N N 264 
LEU CB    HB2    sing N N 265 
LEU CB    HB3    sing N N 266 
LEU CG    CD1    sing N N 267 
LEU CG    CD2    sing N N 268 
LEU CG    HG     sing N N 269 
LEU CD1   HD11   sing N N 270 
LEU CD1   HD12   sing N N 271 
LEU CD1   HD13   sing N N 272 
LEU CD2   HD21   sing N N 273 
LEU CD2   HD22   sing N N 274 
LEU CD2   HD23   sing N N 275 
LEU OXT   HXT    sing N N 276 
LYS N     CA     sing N N 277 
LYS N     H      sing N N 278 
LYS N     H2     sing N N 279 
LYS CA    C      sing N N 280 
LYS CA    CB     sing N N 281 
LYS CA    HA     sing N N 282 
LYS C     O      doub N N 283 
LYS C     OXT    sing N N 284 
LYS CB    CG     sing N N 285 
LYS CB    HB2    sing N N 286 
LYS CB    HB3    sing N N 287 
LYS CG    CD     sing N N 288 
LYS CG    HG2    sing N N 289 
LYS CG    HG3    sing N N 290 
LYS CD    CE     sing N N 291 
LYS CD    HD2    sing N N 292 
LYS CD    HD3    sing N N 293 
LYS CE    NZ     sing N N 294 
LYS CE    HE2    sing N N 295 
LYS CE    HE3    sing N N 296 
LYS NZ    HZ1    sing N N 297 
LYS NZ    HZ2    sing N N 298 
LYS NZ    HZ3    sing N N 299 
LYS OXT   HXT    sing N N 300 
MET N     CA     sing N N 301 
MET N     H      sing N N 302 
MET N     H2     sing N N 303 
MET CA    C      sing N N 304 
MET CA    CB     sing N N 305 
MET CA    HA     sing N N 306 
MET C     O      doub N N 307 
MET C     OXT    sing N N 308 
MET CB    CG     sing N N 309 
MET CB    HB2    sing N N 310 
MET CB    HB3    sing N N 311 
MET CG    SD     sing N N 312 
MET CG    HG2    sing N N 313 
MET CG    HG3    sing N N 314 
MET SD    CE     sing N N 315 
MET CE    HE1    sing N N 316 
MET CE    HE2    sing N N 317 
MET CE    HE3    sing N N 318 
MET OXT   HXT    sing N N 319 
PHE N     CA     sing N N 320 
PHE N     H      sing N N 321 
PHE N     H2     sing N N 322 
PHE CA    C      sing N N 323 
PHE CA    CB     sing N N 324 
PHE CA    HA     sing N N 325 
PHE C     O      doub N N 326 
PHE C     OXT    sing N N 327 
PHE CB    CG     sing N N 328 
PHE CB    HB2    sing N N 329 
PHE CB    HB3    sing N N 330 
PHE CG    CD1    doub Y N 331 
PHE CG    CD2    sing Y N 332 
PHE CD1   CE1    sing Y N 333 
PHE CD1   HD1    sing N N 334 
PHE CD2   CE2    doub Y N 335 
PHE CD2   HD2    sing N N 336 
PHE CE1   CZ     doub Y N 337 
PHE CE1   HE1    sing N N 338 
PHE CE2   CZ     sing Y N 339 
PHE CE2   HE2    sing N N 340 
PHE CZ    HZ     sing N N 341 
PHE OXT   HXT    sing N N 342 
PRO N     CA     sing N N 343 
PRO N     CD     sing N N 344 
PRO N     H      sing N N 345 
PRO CA    C      sing N N 346 
PRO CA    CB     sing N N 347 
PRO CA    HA     sing N N 348 
PRO C     O      doub N N 349 
PRO C     OXT    sing N N 350 
PRO CB    CG     sing N N 351 
PRO CB    HB2    sing N N 352 
PRO CB    HB3    sing N N 353 
PRO CG    CD     sing N N 354 
PRO CG    HG2    sing N N 355 
PRO CG    HG3    sing N N 356 
PRO CD    HD2    sing N N 357 
PRO CD    HD3    sing N N 358 
PRO OXT   HXT    sing N N 359 
SER N     CA     sing N N 360 
SER N     H      sing N N 361 
SER N     H2     sing N N 362 
SER CA    C      sing N N 363 
SER CA    CB     sing N N 364 
SER CA    HA     sing N N 365 
SER C     O      doub N N 366 
SER C     OXT    sing N N 367 
SER CB    OG     sing N N 368 
SER CB    HB2    sing N N 369 
SER CB    HB3    sing N N 370 
SER OG    HG     sing N N 371 
SER OXT   HXT    sing N N 372 
THR N     CA     sing N N 373 
THR N     H      sing N N 374 
THR N     H2     sing N N 375 
THR CA    C      sing N N 376 
THR CA    CB     sing N N 377 
THR CA    HA     sing N N 378 
THR C     O      doub N N 379 
THR C     OXT    sing N N 380 
THR CB    OG1    sing N N 381 
THR CB    CG2    sing N N 382 
THR CB    HB     sing N N 383 
THR OG1   HG1    sing N N 384 
THR CG2   HG21   sing N N 385 
THR CG2   HG22   sing N N 386 
THR CG2   HG23   sing N N 387 
THR OXT   HXT    sing N N 388 
TYR N     CA     sing N N 389 
TYR N     H      sing N N 390 
TYR N     H2     sing N N 391 
TYR CA    C      sing N N 392 
TYR CA    CB     sing N N 393 
TYR CA    HA     sing N N 394 
TYR C     O      doub N N 395 
TYR C     OXT    sing N N 396 
TYR CB    CG     sing N N 397 
TYR CB    HB2    sing N N 398 
TYR CB    HB3    sing N N 399 
TYR CG    CD1    doub Y N 400 
TYR CG    CD2    sing Y N 401 
TYR CD1   CE1    sing Y N 402 
TYR CD1   HD1    sing N N 403 
TYR CD2   CE2    doub Y N 404 
TYR CD2   HD2    sing N N 405 
TYR CE1   CZ     doub Y N 406 
TYR CE1   HE1    sing N N 407 
TYR CE2   CZ     sing Y N 408 
TYR CE2   HE2    sing N N 409 
TYR CZ    OH     sing N N 410 
TYR OH    HH     sing N N 411 
TYR OXT   HXT    sing N N 412 
VAL N     CA     sing N N 413 
VAL N     H      sing N N 414 
VAL N     H2     sing N N 415 
VAL CA    C      sing N N 416 
VAL CA    CB     sing N N 417 
VAL CA    HA     sing N N 418 
VAL C     O      doub N N 419 
VAL C     OXT    sing N N 420 
VAL CB    CG1    sing N N 421 
VAL CB    CG2    sing N N 422 
VAL CB    HB     sing N N 423 
VAL CG1   HG11   sing N N 424 
VAL CG1   HG12   sing N N 425 
VAL CG1   HG13   sing N N 426 
VAL CG2   HG21   sing N N 427 
VAL CG2   HG22   sing N N 428 
VAL CG2   HG23   sing N N 429 
VAL OXT   HXT    sing N N 430 
# 
_atom_sites.entry_id                    1UKZ 
_atom_sites.fract_transf_matrix[1][1]   0.00803022 
_atom_sites.fract_transf_matrix[1][2]   0.00562609 
_atom_sites.fract_transf_matrix[1][3]   -0.01536902 
_atom_sites.fract_transf_matrix[2][1]   -0.00942910 
_atom_sites.fract_transf_matrix[2][2]   0.00977556 
_atom_sites.fract_transf_matrix[2][3]   -0.01215991 
_atom_sites.fract_transf_matrix[3][1]   0.00155061 
_atom_sites.fract_transf_matrix[3][2]   0.00459648 
_atom_sites.fract_transf_matrix[3][3]   0.00249281 
_atom_sites.fract_transf_vector[1]      0.421465 
_atom_sites.fract_transf_vector[2]      0.493211 
_atom_sites.fract_transf_vector[3]      0.061200 
# 
_atom_sites_footnote.id     1 
_atom_sites_footnote.text   'CIS PROLINE - PRO     106' 
# 
loop_
_atom_type.symbol 
C 
N 
O 
P 
S 
# 
loop_
_atom_site.group_PDB 
_atom_site.id 
_atom_site.type_symbol 
_atom_site.label_atom_id 
_atom_site.label_alt_id 
_atom_site.label_comp_id 
_atom_site.label_asym_id 
_atom_site.label_entity_id 
_atom_site.label_seq_id 
_atom_site.pdbx_PDB_ins_code 
_atom_site.Cartn_x 
_atom_site.Cartn_y 
_atom_site.Cartn_z 
_atom_site.occupancy 
_atom_site.B_iso_or_equiv 
_atom_site.pdbx_formal_charge 
_atom_site.auth_seq_id 
_atom_site.auth_comp_id 
_atom_site.auth_asym_id 
_atom_site.auth_atom_id 
_atom_site.pdbx_PDB_model_num 
ATOM   1    N N     . PRO A 1 8   ? 4.672   0.053   21.162  1.00 46.05 ? 9   PRO A N     1 
ATOM   2    C CA    . PRO A 1 8   ? 3.906   0.565   19.986  1.00 46.00 ? 9   PRO A CA    1 
ATOM   3    C C     . PRO A 1 8   ? 2.712   1.342   20.526  1.00 45.15 ? 9   PRO A C     1 
ATOM   4    O O     . PRO A 1 8   ? 2.314   1.133   21.671  1.00 46.96 ? 9   PRO A O     1 
ATOM   5    C CB    . PRO A 1 8   ? 3.429   -0.622  19.146  1.00 47.28 ? 9   PRO A CB    1 
ATOM   6    C CG    . PRO A 1 8   ? 4.475   -1.625  19.394  1.00 46.55 ? 9   PRO A CG    1 
ATOM   7    C CD    . PRO A 1 8   ? 4.720   -1.425  20.883  1.00 48.18 ? 9   PRO A CD    1 
ATOM   8    N N     . ALA A 1 9   ? 2.152   2.236   19.721  1.00 44.05 ? 10  ALA A N     1 
ATOM   9    C CA    . ALA A 1 9   ? 1.000   3.020   20.143  1.00 41.72 ? 10  ALA A CA    1 
ATOM   10   C C     . ALA A 1 9   ? -0.191  2.099   20.383  1.00 42.14 ? 10  ALA A C     1 
ATOM   11   O O     . ALA A 1 9   ? -1.070  2.414   21.182  1.00 44.27 ? 10  ALA A O     1 
ATOM   12   C CB    . ALA A 1 9   ? 0.654   4.056   19.093  1.00 38.37 ? 10  ALA A CB    1 
ATOM   13   N N     . PHE A 1 10  ? -0.211  0.959   19.694  1.00 40.86 ? 11  PHE A N     1 
ATOM   14   C CA    . PHE A 1 10  ? -1.294  -0.003  19.823  1.00 39.59 ? 11  PHE A CA    1 
ATOM   15   C C     . PHE A 1 10  ? -0.729  -1.395  19.950  1.00 39.35 ? 11  PHE A C     1 
ATOM   16   O O     . PHE A 1 10  ? 0.440   -1.624  19.654  1.00 41.33 ? 11  PHE A O     1 
ATOM   17   C CB    . PHE A 1 10  ? -2.161  0.005   18.566  1.00 39.44 ? 11  PHE A CB    1 
ATOM   18   C CG    . PHE A 1 10  ? -2.666  1.360   18.174  1.00 39.09 ? 11  PHE A CG    1 
ATOM   19   C CD1   . PHE A 1 10  ? -3.864  1.846   18.685  1.00 38.81 ? 11  PHE A CD1   1 
ATOM   20   C CD2   . PHE A 1 10  ? -1.972  2.132   17.253  1.00 40.29 ? 11  PHE A CD2   1 
ATOM   21   C CE1   . PHE A 1 10  ? -4.366  3.079   18.278  1.00 39.40 ? 11  PHE A CE1   1 
ATOM   22   C CE2   . PHE A 1 10  ? -2.464  3.367   16.839  1.00 43.19 ? 11  PHE A CE2   1 
ATOM   23   C CZ    . PHE A 1 10  ? -3.666  3.841   17.353  1.00 38.66 ? 11  PHE A CZ    1 
ATOM   24   N N     . SER A 1 11  ? -1.555  -2.327  20.407  1.00 39.89 ? 12  SER A N     1 
ATOM   25   C CA    . SER A 1 11  ? -1.144  -3.719  20.500  1.00 40.48 ? 12  SER A CA    1 
ATOM   26   C C     . SER A 1 11  ? -1.902  -4.388  19.357  1.00 40.76 ? 12  SER A C     1 
ATOM   27   O O     . SER A 1 11  ? -2.984  -3.940  18.970  1.00 39.73 ? 12  SER A O     1 
ATOM   28   C CB    . SER A 1 11  ? -1.540  -4.349  21.845  1.00 42.17 ? 12  SER A CB    1 
ATOM   29   O OG    . SER A 1 11  ? -2.933  -4.618  21.930  1.00 42.70 ? 12  SER A OG    1 
ATOM   30   N N     . PRO A 1 12  ? -1.349  -5.466  18.794  1.00 42.17 ? 13  PRO A N     1 
ATOM   31   C CA    . PRO A 1 12  ? -2.037  -6.142  17.693  1.00 44.79 ? 13  PRO A CA    1 
ATOM   32   C C     . PRO A 1 12  ? -3.440  -6.668  18.042  1.00 46.83 ? 13  PRO A C     1 
ATOM   33   O O     . PRO A 1 12  ? -4.142  -7.217  17.187  1.00 47.87 ? 13  PRO A O     1 
ATOM   34   C CB    . PRO A 1 12  ? -1.061  -7.263  17.320  1.00 43.93 ? 13  PRO A CB    1 
ATOM   35   C CG    . PRO A 1 12  ? -0.286  -7.489  18.590  1.00 43.90 ? 13  PRO A CG    1 
ATOM   36   C CD    . PRO A 1 12  ? -0.051  -6.095  19.071  1.00 41.87 ? 13  PRO A CD    1 
ATOM   37   N N     . ASP A 1 13  ? -3.849  -6.503  19.296  1.00 48.25 ? 14  ASP A N     1 
ATOM   38   C CA    . ASP A 1 13  ? -5.173  -6.946  19.723  1.00 49.73 ? 14  ASP A CA    1 
ATOM   39   C C     . ASP A 1 13  ? -6.169  -5.826  19.489  1.00 48.59 ? 14  ASP A C     1 
ATOM   40   O O     . ASP A 1 13  ? -7.331  -6.068  19.168  1.00 50.21 ? 14  ASP A O     1 
ATOM   41   C CB    . ASP A 1 13  ? -5.166  -7.310  21.208  1.00 58.99 ? 14  ASP A CB    1 
ATOM   42   C CG    . ASP A 1 13  ? -4.114  -8.350  21.548  1.00 70.32 ? 14  ASP A CG    1 
ATOM   43   O OD1   . ASP A 1 13  ? -4.396  -9.562  21.362  1.00 75.31 ? 14  ASP A OD1   1 
ATOM   44   O OD2   . ASP A 1 13  ? -3.007  -7.947  21.996  1.00 78.27 ? 14  ASP A OD2   1 
ATOM   45   N N     . GLN A 1 14  ? -5.715  -4.596  19.692  1.00 46.86 ? 15  GLN A N     1 
ATOM   46   C CA    . GLN A 1 14  ? -6.565  -3.435  19.501  1.00 45.01 ? 15  GLN A CA    1 
ATOM   47   C C     . GLN A 1 14  ? -6.678  -3.145  18.015  1.00 41.61 ? 15  GLN A C     1 
ATOM   48   O O     . GLN A 1 14  ? -7.768  -2.956  17.498  1.00 42.01 ? 15  GLN A O     1 
ATOM   49   C CB    . GLN A 1 14  ? -5.961  -2.211  20.184  1.00 50.69 ? 15  GLN A CB    1 
ATOM   50   C CG    . GLN A 1 14  ? -5.514  -2.435  21.614  1.00 58.48 ? 15  GLN A CG    1 
ATOM   51   C CD    . GLN A 1 14  ? -4.586  -1.328  22.089  1.00 67.74 ? 15  GLN A CD    1 
ATOM   52   O OE1   . GLN A 1 14  ? -4.828  -0.147  21.827  1.00 71.25 ? 15  GLN A OE1   1 
ATOM   53   N NE2   . GLN A 1 14  ? -3.498  -1.707  22.756  1.00 68.89 ? 15  GLN A NE2   1 
ATOM   54   N N     . VAL A 1 15  ? -5.540  -3.124  17.332  1.00 37.84 ? 16  VAL A N     1 
ATOM   55   C CA    . VAL A 1 15  ? -5.516  -2.822  15.911  1.00 33.61 ? 16  VAL A CA    1 
ATOM   56   C C     . VAL A 1 15  ? -4.849  -3.914  15.085  1.00 30.65 ? 16  VAL A C     1 
ATOM   57   O O     . VAL A 1 15  ? -3.687  -4.252  15.320  1.00 31.25 ? 16  VAL A O     1 
ATOM   58   C CB    . VAL A 1 15  ? -4.792  -1.493  15.674  1.00 33.23 ? 16  VAL A CB    1 
ATOM   59   C CG1   . VAL A 1 15  ? -4.688  -1.196  14.198  1.00 36.67 ? 16  VAL A CG1   1 
ATOM   60   C CG2   . VAL A 1 15  ? -5.531  -0.377  16.384  1.00 36.79 ? 16  VAL A CG2   1 
ATOM   61   N N     . SER A 1 16  ? -5.603  -4.475  14.145  1.00 26.75 ? 17  SER A N     1 
ATOM   62   C CA    . SER A 1 16  ? -5.112  -5.515  13.251  1.00 24.01 ? 17  SER A CA    1 
ATOM   63   C C     . SER A 1 16  ? -4.716  -4.835  11.946  1.00 20.75 ? 17  SER A C     1 
ATOM   64   O O     . SER A 1 16  ? -5.540  -4.180  11.319  1.00 20.27 ? 17  SER A O     1 
ATOM   65   C CB    . SER A 1 16  ? -6.213  -6.545  12.970  1.00 26.85 ? 17  SER A CB    1 
ATOM   66   O OG    . SER A 1 16  ? -6.757  -7.069  14.175  1.00 41.37 ? 17  SER A OG    1 
ATOM   67   N N     . VAL A 1 17  ? -3.462  -4.997  11.539  1.00 19.93 ? 18  VAL A N     1 
ATOM   68   C CA    . VAL A 1 17  ? -2.954  -4.381  10.314  1.00 18.15 ? 18  VAL A CA    1 
ATOM   69   C C     . VAL A 1 17  ? -2.415  -5.408  9.310   1.00 17.51 ? 18  VAL A C     1 
ATOM   70   O O     . VAL A 1 17  ? -1.621  -6.273  9.667   1.00 18.44 ? 18  VAL A O     1 
ATOM   71   C CB    . VAL A 1 17  ? -1.844  -3.330  10.652  1.00 17.15 ? 18  VAL A CB    1 
ATOM   72   C CG1   . VAL A 1 17  ? -1.077  -2.900  9.413   1.00 11.97 ? 18  VAL A CG1   1 
ATOM   73   C CG2   . VAL A 1 17  ? -2.475  -2.124  11.311  1.00 17.52 ? 18  VAL A CG2   1 
ATOM   74   N N     . ILE A 1 18  ? -2.928  -5.366  8.085   1.00 16.00 ? 19  ILE A N     1 
ATOM   75   C CA    . ILE A 1 18  ? -2.454  -6.238  7.026   1.00 13.53 ? 19  ILE A CA    1 
ATOM   76   C C     . ILE A 1 18  ? -1.854  -5.289  5.998   1.00 13.03 ? 19  ILE A C     1 
ATOM   77   O O     . ILE A 1 18  ? -2.548  -4.420  5.503   1.00 13.51 ? 19  ILE A O     1 
ATOM   78   C CB    . ILE A 1 18  ? -3.599  -7.004  6.332   1.00 11.01 ? 19  ILE A CB    1 
ATOM   79   C CG1   . ILE A 1 18  ? -4.255  -7.970  7.310   1.00 15.57 ? 19  ILE A CG1   1 
ATOM   80   C CG2   . ILE A 1 18  ? -3.064  -7.784  5.133   1.00 10.28 ? 19  ILE A CG2   1 
ATOM   81   C CD1   . ILE A 1 18  ? -5.517  -8.583  6.761   1.00 16.33 ? 19  ILE A CD1   1 
ATOM   82   N N     . PHE A 1 19  ? -0.559  -5.395  5.743   1.00 12.44 ? 20  PHE A N     1 
ATOM   83   C CA    . PHE A 1 19  ? 0.074   -4.554  4.746   1.00 12.84 ? 20  PHE A CA    1 
ATOM   84   C C     . PHE A 1 19  ? -0.199  -5.210  3.402   1.00 13.63 ? 20  PHE A C     1 
ATOM   85   O O     . PHE A 1 19  ? -0.021  -6.409  3.267   1.00 14.89 ? 20  PHE A O     1 
ATOM   86   C CB    . PHE A 1 19  ? 1.586   -4.487  4.964   1.00 14.86 ? 20  PHE A CB    1 
ATOM   87   C CG    . PHE A 1 19  ? 1.994   -3.705  6.181   1.00 16.54 ? 20  PHE A CG    1 
ATOM   88   C CD1   . PHE A 1 19  ? 1.321   -2.542  6.540   1.00 15.95 ? 20  PHE A CD1   1 
ATOM   89   C CD2   . PHE A 1 19  ? 3.064   -4.119  6.954   1.00 14.31 ? 20  PHE A CD2   1 
ATOM   90   C CE1   . PHE A 1 19  ? 1.706   -1.804  7.651   1.00 18.63 ? 20  PHE A CE1   1 
ATOM   91   C CE2   . PHE A 1 19  ? 3.456   -3.378  8.078   1.00 22.22 ? 20  PHE A CE2   1 
ATOM   92   C CZ    . PHE A 1 19  ? 2.773   -2.221  8.420   1.00 18.91 ? 20  PHE A CZ    1 
ATOM   93   N N     . VAL A 1 20  ? -0.666  -4.445  2.427   1.00 12.89 ? 21  VAL A N     1 
ATOM   94   C CA    . VAL A 1 20  ? -0.946  -4.983  1.099   1.00 12.85 ? 21  VAL A CA    1 
ATOM   95   C C     . VAL A 1 20  ? 0.111   -4.379  0.195   1.00 12.52 ? 21  VAL A C     1 
ATOM   96   O O     . VAL A 1 20  ? 0.126   -3.168  -0.051  1.00 13.31 ? 21  VAL A O     1 
ATOM   97   C CB    . VAL A 1 20  ? -2.363  -4.640  0.642   1.00 13.38 ? 21  VAL A CB    1 
ATOM   98   C CG1   . VAL A 1 20  ? -2.610  -5.208  -0.744  1.00 11.54 ? 21  VAL A CG1   1 
ATOM   99   C CG2   . VAL A 1 20  ? -3.378  -5.199  1.666   1.00 8.51  ? 21  VAL A CG2   1 
ATOM   100  N N     . LEU A 1 21  ? 1.029   -5.226  -0.252  1.00 12.39 ? 22  LEU A N     1 
ATOM   101  C CA    . LEU A 1 21  ? 2.159   -4.781  -1.038  1.00 12.16 ? 22  LEU A CA    1 
ATOM   102  C C     . LEU A 1 21  ? 2.203   -5.347  -2.440  1.00 12.54 ? 22  LEU A C     1 
ATOM   103  O O     . LEU A 1 21  ? 1.447   -6.250  -2.782  1.00 13.77 ? 22  LEU A O     1 
ATOM   104  C CB    . LEU A 1 21  ? 3.446   -5.099  -0.272  1.00 10.88 ? 22  LEU A CB    1 
ATOM   105  C CG    . LEU A 1 21  ? 3.481   -4.455  1.117   1.00 14.79 ? 22  LEU A CG    1 
ATOM   106  C CD1   . LEU A 1 21  ? 4.695   -4.899  1.919   1.00 15.55 ? 22  LEU A CD1   1 
ATOM   107  C CD2   . LEU A 1 21  ? 3.477   -2.945  0.941   1.00 19.47 ? 22  LEU A CD2   1 
ATOM   108  N N     . GLY A 1 22  ? 3.095   -4.791  -3.249  1.00 13.15 ? 23  GLY A N     1 
ATOM   109  C CA    . GLY A 1 22  ? 3.221   -5.200  -4.633  1.00 12.66 ? 23  GLY A CA    1 
ATOM   110  C C     . GLY A 1 22  ? 3.522   -3.950  -5.439  1.00 12.78 ? 23  GLY A C     1 
ATOM   111  O O     . GLY A 1 22  ? 3.291   -2.841  -4.962  1.00 12.68 ? 23  GLY A O     1 
ATOM   112  N N     . GLY A 1 23  ? 4.027   -4.124  -6.654  1.00 12.24 ? 24  GLY A N     1 
ATOM   113  C CA    . GLY A 1 23  ? 4.376   -2.995  -7.487  1.00 12.31 ? 24  GLY A CA    1 
ATOM   114  C C     . GLY A 1 23  ? 3.183   -2.210  -7.953  1.00 12.47 ? 24  GLY A C     1 
ATOM   115  O O     . GLY A 1 23  ? 2.049   -2.645  -7.768  1.00 11.79 ? 24  GLY A O     1 
ATOM   116  N N     . PRO A 1 24  ? 3.408   -1.051  -8.588  1.00 13.14 ? 25  PRO A N     1 
ATOM   117  C CA    . PRO A 1 24  ? 2.298   -0.227  -9.072  1.00 12.59 ? 25  PRO A CA    1 
ATOM   118  C C     . PRO A 1 24  ? 1.526   -0.960  -10.177 1.00 12.25 ? 25  PRO A C     1 
ATOM   119  O O     . PRO A 1 24  ? 2.138   -1.554  -11.076 1.00 12.22 ? 25  PRO A O     1 
ATOM   120  C CB    . PRO A 1 24  ? 3.004   1.026   -9.593  1.00 11.05 ? 25  PRO A CB    1 
ATOM   121  C CG    . PRO A 1 24  ? 4.332   0.511   -10.059 1.00 12.00 ? 25  PRO A CG    1 
ATOM   122  C CD    . PRO A 1 24  ? 4.713   -0.477  -8.969  1.00 14.73 ? 25  PRO A CD    1 
ATOM   123  N N     . GLY A 1 25  ? 0.199   -0.963  -10.067 1.00 11.00 ? 26  GLY A N     1 
ATOM   124  C CA    . GLY A 1 25  ? -0.645  -1.611  -11.057 1.00 10.41 ? 26  GLY A CA    1 
ATOM   125  C C     . GLY A 1 25  ? -0.805  -3.106  -10.871 1.00 11.93 ? 26  GLY A C     1 
ATOM   126  O O     . GLY A 1 25  ? -1.284  -3.783  -11.766 1.00 12.89 ? 26  GLY A O     1 
ATOM   127  N N     . ALA A 1 26  ? -0.381  -3.630  -9.723  1.00 12.93 ? 27  ALA A N     1 
ATOM   128  C CA    . ALA A 1 26  ? -0.489  -5.055  -9.429  1.00 11.86 ? 27  ALA A CA    1 
ATOM   129  C C     . ALA A 1 26  ? -1.929  -5.428  -9.106  1.00 13.45 ? 27  ALA A C     1 
ATOM   130  O O     . ALA A 1 26  ? -2.269  -6.605  -9.110  1.00 13.28 ? 27  ALA A O     1 
ATOM   131  C CB    . ALA A 1 26  ? 0.411   -5.424  -8.261  1.00 11.89 ? 27  ALA A CB    1 
ATOM   132  N N     . GLY A 1 27  ? -2.747  -4.425  -8.769  1.00 12.21 ? 28  GLY A N     1 
ATOM   133  C CA    . GLY A 1 27  ? -4.146  -4.653  -8.437  1.00 11.56 ? 28  GLY A CA    1 
ATOM   134  C C     . GLY A 1 27  ? -4.456  -4.501  -6.959  1.00 10.92 ? 28  GLY A C     1 
ATOM   135  O O     . GLY A 1 27  ? -5.513  -4.936  -6.492  1.00 11.70 ? 28  GLY A O     1 
ATOM   136  N N     . LYS A 1 28  ? -3.562  -3.853  -6.216  1.00 10.93 ? 29  LYS A N     1 
ATOM   137  C CA    . LYS A 1 28  ? -3.745  -3.676  -4.779  1.00 9.73  ? 29  LYS A CA    1 
ATOM   138  C C     . LYS A 1 28  ? -5.003  -2.909  -4.440  1.00 10.25 ? 29  LYS A C     1 
ATOM   139  O O     . LYS A 1 28  ? -5.842  -3.389  -3.676  1.00 10.41 ? 29  LYS A O     1 
ATOM   140  C CB    . LYS A 1 28  ? -2.535  -2.978  -4.170  1.00 10.07 ? 29  LYS A CB    1 
ATOM   141  C CG    . LYS A 1 28  ? -1.240  -3.767  -4.347  1.00 9.97  ? 29  LYS A CG    1 
ATOM   142  C CD    . LYS A 1 28  ? -0.062  -3.067  -3.698  1.00 11.27 ? 29  LYS A CD    1 
ATOM   143  C CE    . LYS A 1 28  ? 0.056   -1.633  -4.165  1.00 9.19  ? 29  LYS A CE    1 
ATOM   144  N NZ    . LYS A 1 28  ? 0.417   -1.558  -5.605  1.00 8.08  ? 29  LYS A NZ    1 
ATOM   145  N N     . GLY A 1 29  ? -5.149  -1.733  -5.036  1.00 9.14  ? 30  GLY A N     1 
ATOM   146  C CA    . GLY A 1 29  ? -6.306  -0.905  -4.780  1.00 9.85  ? 30  GLY A CA    1 
ATOM   147  C C     . GLY A 1 29  ? -7.576  -1.612  -5.181  1.00 10.69 ? 30  GLY A C     1 
ATOM   148  O O     . GLY A 1 29  ? -8.557  -1.601  -4.441  1.00 11.40 ? 30  GLY A O     1 
ATOM   149  N N     . THR A 1 30  ? -7.554  -2.250  -6.342  1.00 10.94 ? 31  THR A N     1 
ATOM   150  C CA    . THR A 1 30  ? -8.712  -2.982  -6.839  1.00 11.79 ? 31  THR A CA    1 
ATOM   151  C C     . THR A 1 30  ? -9.185  -4.068  -5.866  1.00 11.69 ? 31  THR A C     1 
ATOM   152  O O     . THR A 1 30  ? -10.370 -4.119  -5.507  1.00 13.39 ? 31  THR A O     1 
ATOM   153  C CB    . THR A 1 30  ? -8.394  -3.615  -8.204  1.00 14.45 ? 31  THR A CB    1 
ATOM   154  O OG1   . THR A 1 30  ? -8.180  -2.567  -9.152  1.00 12.75 ? 31  THR A OG1   1 
ATOM   155  C CG2   . THR A 1 30  ? -9.543  -4.534  -8.684  1.00 13.35 ? 31  THR A CG2   1 
ATOM   156  N N     . GLN A 1 31  ? -8.261  -4.900  -5.400  1.00 11.20 ? 32  GLN A N     1 
ATOM   157  C CA    . GLN A 1 31  ? -8.595  -5.986  -4.478  1.00 11.08 ? 32  GLN A CA    1 
ATOM   158  C C     . GLN A 1 31  ? -9.008  -5.494  -3.107  1.00 12.35 ? 32  GLN A C     1 
ATOM   159  O O     . GLN A 1 31  ? -9.914  -6.061  -2.489  1.00 11.34 ? 32  GLN A O     1 
ATOM   160  C CB    . GLN A 1 31  ? -7.444  -6.985  -4.369  1.00 8.08  ? 32  GLN A CB    1 
ATOM   161  C CG    . GLN A 1 31  ? -7.167  -7.726  -5.689  1.00 10.93 ? 32  GLN A CG    1 
ATOM   162  C CD    . GLN A 1 31  ? -8.368  -8.521  -6.190  1.00 12.99 ? 32  GLN A CD    1 
ATOM   163  O OE1   . GLN A 1 31  ? -8.664  -8.551  -7.388  1.00 14.70 ? 32  GLN A OE1   1 
ATOM   164  N NE2   . GLN A 1 31  ? -9.051  -9.176  -5.281  1.00 12.17 ? 32  GLN A NE2   1 
ATOM   165  N N     . CYS A 1 32  ? -8.366  -4.426  -2.645  1.00 10.91 ? 33  CYS A N     1 
ATOM   166  C CA    . CYS A 1 32  ? -8.689  -3.861  -1.343  1.00 12.17 ? 33  CYS A CA    1 
ATOM   167  C C     . CYS A 1 32  ? -10.107 -3.328  -1.330  1.00 13.12 ? 33  CYS A C     1 
ATOM   168  O O     . CYS A 1 32  ? -10.845 -3.498  -0.358  1.00 13.00 ? 33  CYS A O     1 
ATOM   169  C CB    . CYS A 1 32  ? -7.695  -2.759  -0.976  1.00 8.64  ? 33  CYS A CB    1 
ATOM   170  S SG    . CYS A 1 32  ? -6.139  -3.433  -0.408  1.00 14.83 ? 33  CYS A SG    1 
ATOM   171  N N     . GLU A 1 33  ? -10.506 -2.732  -2.442  1.00 13.96 ? 34  GLU A N     1 
ATOM   172  C CA    . GLU A 1 33  ? -11.837 -2.189  -2.546  1.00 14.75 ? 34  GLU A CA    1 
ATOM   173  C C     . GLU A 1 33  ? -12.877 -3.288  -2.545  1.00 15.80 ? 34  GLU A C     1 
ATOM   174  O O     . GLU A 1 33  ? -13.971 -3.107  -2.032  1.00 16.61 ? 34  GLU A O     1 
ATOM   175  C CB    . GLU A 1 33  ? -11.946 -1.297  -3.776  1.00 17.16 ? 34  GLU A CB    1 
ATOM   176  C CG    . GLU A 1 33  ? -11.276 0.064   -3.547  1.00 17.63 ? 34  GLU A CG    1 
ATOM   177  C CD    . GLU A 1 33  ? -11.915 0.841   -2.401  1.00 23.07 ? 34  GLU A CD    1 
ATOM   178  O OE1   . GLU A 1 33  ? -13.044 1.353   -2.574  1.00 29.00 ? 34  GLU A OE1   1 
ATOM   179  O OE2   . GLU A 1 33  ? -11.307 0.929   -1.314  1.00 21.53 ? 34  GLU A OE2   1 
ATOM   180  N N     . LYS A 1 34  ? -12.528 -4.449  -3.072  1.00 15.45 ? 35  LYS A N     1 
ATOM   181  C CA    . LYS A 1 34  ? -13.475 -5.559  -3.071  1.00 15.07 ? 35  LYS A CA    1 
ATOM   182  C C     . LYS A 1 34  ? -13.551 -6.125  -1.664  1.00 14.37 ? 35  LYS A C     1 
ATOM   183  O O     . LYS A 1 34  ? -14.638 -6.356  -1.135  1.00 14.85 ? 35  LYS A O     1 
ATOM   184  C CB    . LYS A 1 34  ? -13.039 -6.637  -4.068  1.00 15.31 ? 35  LYS A CB    1 
ATOM   185  C CG    . LYS A 1 34  ? -13.186 -6.206  -5.518  1.00 14.11 ? 35  LYS A CG    1 
ATOM   186  C CD    . LYS A 1 34  ? -12.645 -7.273  -6.471  1.00 20.12 ? 35  LYS A CD    1 
ATOM   187  C CE    . LYS A 1 34  ? -13.409 -8.580  -6.331  1.00 19.11 ? 35  LYS A CE    1 
ATOM   188  N NZ    . LYS A 1 34  ? -14.854 -8.414  -6.584  1.00 22.39 ? 35  LYS A NZ    1 
ATOM   189  N N     . LEU A 1 35  ? -12.390 -6.280  -1.041  1.00 12.20 ? 36  LEU A N     1 
ATOM   190  C CA    . LEU A 1 35  ? -12.315 -6.806  0.304   1.00 13.63 ? 36  LEU A CA    1 
ATOM   191  C C     . LEU A 1 35  ? -13.138 -6.018  1.289   1.00 15.21 ? 36  LEU A C     1 
ATOM   192  O O     . LEU A 1 35  ? -13.789 -6.607  2.147   1.00 15.04 ? 36  LEU A O     1 
ATOM   193  C CB    . LEU A 1 35  ? -10.870 -6.856  0.789   1.00 14.15 ? 36  LEU A CB    1 
ATOM   194  C CG    . LEU A 1 35  ? -10.011 -8.006  0.263   1.00 15.38 ? 36  LEU A CG    1 
ATOM   195  C CD1   . LEU A 1 35  ? -8.558  -7.792  0.645   1.00 10.92 ? 36  LEU A CD1   1 
ATOM   196  C CD2   . LEU A 1 35  ? -10.521 -9.322  0.819   1.00 13.78 ? 36  LEU A CD2   1 
ATOM   197  N N     . VAL A 1 36  ? -13.155 -4.697  1.168   1.00 14.23 ? 37  VAL A N     1 
ATOM   198  C CA    . VAL A 1 36  ? -13.928 -3.917  2.126   1.00 15.98 ? 37  VAL A CA    1 
ATOM   199  C C     . VAL A 1 36  ? -15.437 -4.140  2.035   1.00 17.03 ? 37  VAL A C     1 
ATOM   200  O O     . VAL A 1 36  ? -16.180 -3.819  2.967   1.00 19.13 ? 37  VAL A O     1 
ATOM   201  C CB    . VAL A 1 36  ? -13.567 -2.409  2.121   1.00 12.16 ? 37  VAL A CB    1 
ATOM   202  C CG1   . VAL A 1 36  ? -12.100 -2.247  2.391   1.00 13.53 ? 37  VAL A CG1   1 
ATOM   203  C CG2   . VAL A 1 36  ? -13.951 -1.755  0.833   1.00 15.97 ? 37  VAL A CG2   1 
ATOM   204  N N     . LYS A 1 37  ? -15.887 -4.737  0.939   1.00 17.30 ? 38  LYS A N     1 
ATOM   205  C CA    . LYS A 1 37  ? -17.303 -5.030  0.768   1.00 18.93 ? 38  LYS A CA    1 
ATOM   206  C C     . LYS A 1 37  ? -17.673 -6.274  1.568   1.00 18.51 ? 38  LYS A C     1 
ATOM   207  O O     . LYS A 1 37  ? -18.739 -6.339  2.171   1.00 20.31 ? 38  LYS A O     1 
ATOM   208  C CB    . LYS A 1 37  ? -17.625 -5.270  -0.709  1.00 21.96 ? 38  LYS A CB    1 
ATOM   209  C CG    . LYS A 1 37  ? -17.240 -4.112  -1.615  1.00 32.77 ? 38  LYS A CG    1 
ATOM   210  C CD    . LYS A 1 37  ? -17.620 -4.369  -3.067  1.00 46.26 ? 38  LYS A CD    1 
ATOM   211  C CE    . LYS A 1 37  ? -19.131 -4.255  -3.283  1.00 56.11 ? 38  LYS A CE    1 
ATOM   212  N NZ    . LYS A 1 37  ? -19.672 -2.909  -2.878  1.00 63.86 ? 38  LYS A NZ    1 
ATOM   213  N N     . ASP A 1 38  ? -16.755 -7.230  1.613   1.00 18.02 ? 39  ASP A N     1 
ATOM   214  C CA    . ASP A 1 38  ? -16.970 -8.498  2.297   1.00 16.82 ? 39  ASP A CA    1 
ATOM   215  C C     . ASP A 1 38  ? -16.429 -8.628  3.703   1.00 16.57 ? 39  ASP A C     1 
ATOM   216  O O     . ASP A 1 38  ? -16.873 -9.498  4.454   1.00 17.12 ? 39  ASP A O     1 
ATOM   217  C CB    . ASP A 1 38  ? -16.376 -9.628  1.461   1.00 18.37 ? 39  ASP A CB    1 
ATOM   218  C CG    . ASP A 1 38  ? -17.067 -9.792  0.133   1.00 21.76 ? 39  ASP A CG    1 
ATOM   219  O OD1   . ASP A 1 38  ? -18.285 -9.533  0.045   1.00 26.41 ? 39  ASP A OD1   1 
ATOM   220  O OD2   . ASP A 1 38  ? -16.392 -10.196 -0.826  1.00 22.25 ? 39  ASP A OD2   1 
ATOM   221  N N     . TYR A 1 39  ? -15.439 -7.813  4.043   1.00 14.75 ? 40  TYR A N     1 
ATOM   222  C CA    . TYR A 1 39  ? -14.812 -7.871  5.351   1.00 14.14 ? 40  TYR A CA    1 
ATOM   223  C C     . TYR A 1 39  ? -14.954 -6.549  6.097   1.00 13.74 ? 40  TYR A C     1 
ATOM   224  O O     . TYR A 1 39  ? -15.283 -5.535  5.499   1.00 15.31 ? 40  TYR A O     1 
ATOM   225  C CB    . TYR A 1 39  ? -13.341 -8.257  5.203   1.00 14.39 ? 40  TYR A CB    1 
ATOM   226  C CG    . TYR A 1 39  ? -13.133 -9.604  4.536   1.00 16.22 ? 40  TYR A CG    1 
ATOM   227  C CD1   . TYR A 1 39  ? -13.238 -9.739  3.149   1.00 15.58 ? 40  TYR A CD1   1 
ATOM   228  C CD2   . TYR A 1 39  ? -12.863 -10.749 5.289   1.00 12.96 ? 40  TYR A CD2   1 
ATOM   229  C CE1   . TYR A 1 39  ? -13.090 -10.960 2.534   1.00 14.51 ? 40  TYR A CE1   1 
ATOM   230  C CE2   . TYR A 1 39  ? -12.709 -11.981 4.674   1.00 15.09 ? 40  TYR A CE2   1 
ATOM   231  C CZ    . TYR A 1 39  ? -12.829 -12.076 3.298   1.00 17.73 ? 40  TYR A CZ    1 
ATOM   232  O OH    . TYR A 1 39  ? -12.718 -13.290 2.671   1.00 18.77 ? 40  TYR A OH    1 
ATOM   233  N N     . SER A 1 40  ? -14.687 -6.562  7.398   1.00 13.21 ? 41  SER A N     1 
ATOM   234  C CA    . SER A 1 40  ? -14.825 -5.365  8.211   1.00 15.41 ? 41  SER A CA    1 
ATOM   235  C C     . SER A 1 40  ? -13.606 -4.457  8.159   1.00 17.36 ? 41  SER A C     1 
ATOM   236  O O     . SER A 1 40  ? -13.519 -3.497  8.916   1.00 18.44 ? 41  SER A O     1 
ATOM   237  C CB    . SER A 1 40  ? -15.062 -5.749  9.660   1.00 13.67 ? 41  SER A CB    1 
ATOM   238  O OG    . SER A 1 40  ? -13.901 -6.345  10.194  1.00 16.77 ? 41  SER A OG    1 
ATOM   239  N N     . PHE A 1 41  ? -12.665 -4.764  7.276   1.00 16.95 ? 42  PHE A N     1 
ATOM   240  C CA    . PHE A 1 41  ? -11.446 -3.980  7.160   1.00 17.66 ? 42  PHE A CA    1 
ATOM   241  C C     . PHE A 1 41  ? -11.697 -2.610  6.586   1.00 16.71 ? 42  PHE A C     1 
ATOM   242  O O     . PHE A 1 41  ? -12.561 -2.426  5.722   1.00 15.75 ? 42  PHE A O     1 
ATOM   243  C CB    . PHE A 1 41  ? -10.434 -4.637  6.203   1.00 19.83 ? 42  PHE A CB    1 
ATOM   244  C CG    . PHE A 1 41  ? -10.044 -6.036  6.565   1.00 24.67 ? 42  PHE A CG    1 
ATOM   245  C CD1   . PHE A 1 41  ? -9.322  -6.297  7.724   1.00 29.53 ? 42  PHE A CD1   1 
ATOM   246  C CD2   . PHE A 1 41  ? -10.370 -7.095  5.720   1.00 23.55 ? 42  PHE A CD2   1 
ATOM   247  C CE1   . PHE A 1 41  ? -8.930  -7.597  8.034   1.00 34.73 ? 42  PHE A CE1   1 
ATOM   248  C CE2   . PHE A 1 41  ? -9.983  -8.388  6.023   1.00 26.08 ? 42  PHE A CE2   1 
ATOM   249  C CZ    . PHE A 1 41  ? -9.263  -8.643  7.178   1.00 32.32 ? 42  PHE A CZ    1 
ATOM   250  N N     . VAL A 1 42  ? -10.885 -1.667  7.044   1.00 17.19 ? 43  VAL A N     1 
ATOM   251  C CA    . VAL A 1 42  ? -10.902 -0.316  6.532   1.00 15.07 ? 43  VAL A CA    1 
ATOM   252  C C     . VAL A 1 42  ? -9.696  -0.299  5.600   1.00 14.98 ? 43  VAL A C     1 
ATOM   253  O O     . VAL A 1 42  ? -8.620  -0.800  5.946   1.00 14.16 ? 43  VAL A O     1 
ATOM   254  C CB    . VAL A 1 42  ? -10.705 0.716   7.631   1.00 15.12 ? 43  VAL A CB    1 
ATOM   255  C CG1   . VAL A 1 42  ? -10.326 2.065   7.019   1.00 16.31 ? 43  VAL A CG1   1 
ATOM   256  C CG2   . VAL A 1 42  ? -11.993 0.865   8.392   1.00 16.35 ? 43  VAL A CG2   1 
ATOM   257  N N     . HIS A 1 43  ? -9.897  0.221   4.401   1.00 14.47 ? 44  HIS A N     1 
ATOM   258  C CA    . HIS A 1 43  ? -8.834  0.306   3.417   1.00 14.55 ? 44  HIS A CA    1 
ATOM   259  C C     . HIS A 1 43  ? -8.172  1.679   3.424   1.00 14.00 ? 44  HIS A C     1 
ATOM   260  O O     . HIS A 1 43  ? -8.811  2.696   3.137   1.00 15.01 ? 44  HIS A O     1 
ATOM   261  C CB    . HIS A 1 43  ? -9.381  0.009   2.031   1.00 10.63 ? 44  HIS A CB    1 
ATOM   262  C CG    . HIS A 1 43  ? -8.393  0.228   0.939   1.00 11.35 ? 44  HIS A CG    1 
ATOM   263  N ND1   . HIS A 1 43  ? -8.758  0.653   -0.318  1.00 9.69  ? 44  HIS A ND1   1 
ATOM   264  C CD2   . HIS A 1 43  ? -7.048  0.070   0.909   1.00 11.12 ? 44  HIS A CD2   1 
ATOM   265  C CE1   . HIS A 1 43  ? -7.683  0.745   -1.077  1.00 11.84 ? 44  HIS A CE1   1 
ATOM   266  N NE2   . HIS A 1 43  ? -6.633  0.400   -0.357  1.00 12.55 ? 44  HIS A NE2   1 
ATOM   267  N N     . LEU A 1 44  ? -6.898  1.698   3.787   1.00 13.00 ? 45  LEU A N     1 
ATOM   268  C CA    . LEU A 1 44  ? -6.115  2.919   3.808   1.00 14.46 ? 45  LEU A CA    1 
ATOM   269  C C     . LEU A 1 44  ? -5.057  2.798   2.709   1.00 15.04 ? 45  LEU A C     1 
ATOM   270  O O     . LEU A 1 44  ? -4.292  1.849   2.705   1.00 17.71 ? 45  LEU A O     1 
ATOM   271  C CB    . LEU A 1 44  ? -5.432  3.068   5.172   1.00 12.49 ? 45  LEU A CB    1 
ATOM   272  C CG    . LEU A 1 44  ? -6.107  3.931   6.240   1.00 18.79 ? 45  LEU A CG    1 
ATOM   273  C CD1   . LEU A 1 44  ? -7.583  4.060   6.028   1.00 18.88 ? 45  LEU A CD1   1 
ATOM   274  C CD2   . LEU A 1 44  ? -5.777  3.401   7.607   1.00 16.59 ? 45  LEU A CD2   1 
ATOM   275  N N     . SER A 1 45  ? -5.047  3.730   1.766   1.00 14.12 ? 46  SER A N     1 
ATOM   276  C CA    . SER A 1 45  ? -4.074  3.731   0.683   1.00 13.93 ? 46  SER A CA    1 
ATOM   277  C C     . SER A 1 45  ? -3.035  4.821   0.953   1.00 13.46 ? 46  SER A C     1 
ATOM   278  O O     . SER A 1 45  ? -3.382  5.991   1.106   1.00 14.15 ? 46  SER A O     1 
ATOM   279  C CB    . SER A 1 45  ? -4.773  3.979   -0.661  1.00 12.45 ? 46  SER A CB    1 
ATOM   280  O OG    . SER A 1 45  ? -3.839  4.264   -1.695  1.00 17.36 ? 46  SER A OG    1 
ATOM   281  N N     . ALA A 1 46  ? -1.763  4.448   0.993   1.00 12.28 ? 47  ALA A N     1 
ATOM   282  C CA    . ALA A 1 46  ? -0.730  5.423   1.257   1.00 11.63 ? 47  ALA A CA    1 
ATOM   283  C C     . ALA A 1 46  ? -0.697  6.429   0.114   1.00 12.13 ? 47  ALA A C     1 
ATOM   284  O O     . ALA A 1 46  ? -0.595  7.624   0.354   1.00 14.82 ? 47  ALA A O     1 
ATOM   285  C CB    . ALA A 1 46  ? 0.611   4.744   1.437   1.00 12.93 ? 47  ALA A CB    1 
ATOM   286  N N     . GLY A 1 47  ? -0.843  5.964   -1.120  1.00 12.43 ? 48  GLY A N     1 
ATOM   287  C CA    . GLY A 1 47  ? -0.846  6.878   -2.251  1.00 11.76 ? 48  GLY A CA    1 
ATOM   288  C C     . GLY A 1 47  ? -1.972  7.893   -2.147  1.00 12.98 ? 48  GLY A C     1 
ATOM   289  O O     . GLY A 1 47  ? -1.793  9.082   -2.432  1.00 13.55 ? 48  GLY A O     1 
ATOM   290  N N     . ASP A 1 48  ? -3.149  7.421   -1.761  1.00 12.28 ? 49  ASP A N     1 
ATOM   291  C CA    . ASP A 1 48  ? -4.298  8.297   -1.600  1.00 13.13 ? 49  ASP A CA    1 
ATOM   292  C C     . ASP A 1 48  ? -4.058  9.327   -0.496  1.00 12.62 ? 49  ASP A C     1 
ATOM   293  O O     . ASP A 1 48  ? -4.391  10.498  -0.660  1.00 14.56 ? 49  ASP A O     1 
ATOM   294  C CB    . ASP A 1 48  ? -5.554  7.498   -1.219  1.00 14.84 ? 49  ASP A CB    1 
ATOM   295  C CG    . ASP A 1 48  ? -6.212  6.824   -2.400  1.00 22.04 ? 49  ASP A CG    1 
ATOM   296  O OD1   . ASP A 1 48  ? -5.781  7.049   -3.550  1.00 20.57 ? 49  ASP A OD1   1 
ATOM   297  O OD2   . ASP A 1 48  ? -7.183  6.068   -2.165  1.00 29.62 ? 49  ASP A OD2   1 
ATOM   298  N N     . LEU A 1 49  ? -3.517  8.886   0.634   1.00 11.61 ? 50  LEU A N     1 
ATOM   299  C CA    . LEU A 1 49  ? -3.269  9.781   1.763   1.00 11.68 ? 50  LEU A CA    1 
ATOM   300  C C     . LEU A 1 49  ? -2.302  10.870  1.359   1.00 12.55 ? 50  LEU A C     1 
ATOM   301  O O     . LEU A 1 49  ? -2.458  12.031  1.747   1.00 11.40 ? 50  LEU A O     1 
ATOM   302  C CB    . LEU A 1 49  ? -2.724  9.010   2.966   1.00 12.46 ? 50  LEU A CB    1 
ATOM   303  C CG    . LEU A 1 49  ? -3.663  7.968   3.571   1.00 14.71 ? 50  LEU A CG    1 
ATOM   304  C CD1   . LEU A 1 49  ? -2.937  7.193   4.635   1.00 15.60 ? 50  LEU A CD1   1 
ATOM   305  C CD2   . LEU A 1 49  ? -4.892  8.644   4.146   1.00 17.62 ? 50  LEU A CD2   1 
ATOM   306  N N     . LEU A 1 50  ? -1.308  10.488  0.566   1.00 12.23 ? 51  LEU A N     1 
ATOM   307  C CA    . LEU A 1 50  ? -0.308  11.429  0.088   1.00 11.24 ? 51  LEU A CA    1 
ATOM   308  C C     . LEU A 1 50  ? -0.903  12.395  -0.906  1.00 11.10 ? 51  LEU A C     1 
ATOM   309  O O     . LEU A 1 50  ? -0.661  13.597  -0.834  1.00 11.51 ? 51  LEU A O     1 
ATOM   310  C CB    . LEU A 1 50  ? 0.857   10.689  -0.553  1.00 11.04 ? 51  LEU A CB    1 
ATOM   311  C CG    . LEU A 1 50  ? 1.763   9.995   0.448   1.00 13.37 ? 51  LEU A CG    1 
ATOM   312  C CD1   . LEU A 1 50  ? 2.721   9.104   -0.327  1.00 11.69 ? 51  LEU A CD1   1 
ATOM   313  C CD2   . LEU A 1 50  ? 2.503   11.029  1.305   1.00 11.30 ? 51  LEU A CD2   1 
ATOM   314  N N     . ARG A 1 51  ? -1.683  11.878  -1.841  1.00 11.73 ? 52  ARG A N     1 
ATOM   315  C CA    . ARG A 1 51  ? -2.304  12.741  -2.824  1.00 12.72 ? 52  ARG A CA    1 
ATOM   316  C C     . ARG A 1 51  ? -3.271  13.739  -2.184  1.00 14.96 ? 52  ARG A C     1 
ATOM   317  O O     . ARG A 1 51  ? -3.411  14.871  -2.654  1.00 16.55 ? 52  ARG A O     1 
ATOM   318  C CB    . ARG A 1 51  ? -2.993  11.913  -3.882  1.00 11.72 ? 52  ARG A CB    1 
ATOM   319  C CG    . ARG A 1 51  ? -2.034  11.344  -4.884  1.00 13.32 ? 52  ARG A CG    1 
ATOM   320  C CD    . ARG A 1 51  ? -2.787  10.631  -5.988  1.00 14.53 ? 52  ARG A CD    1 
ATOM   321  N NE    . ARG A 1 51  ? -3.357  9.362   -5.533  1.00 13.51 ? 52  ARG A NE    1 
ATOM   322  C CZ    . ARG A 1 51  ? -2.679  8.225   -5.450  1.00 12.74 ? 52  ARG A CZ    1 
ATOM   323  N NH1   . ARG A 1 51  ? -1.405  8.185   -5.797  1.00 12.93 ? 52  ARG A NH1   1 
ATOM   324  N NH2   . ARG A 1 51  ? -3.270  7.138   -4.976  1.00 15.88 ? 52  ARG A NH2   1 
ATOM   325  N N     . ALA A 1 52  ? -3.904  13.342  -1.084  1.00 15.48 ? 53  ALA A N     1 
ATOM   326  C CA    . ALA A 1 52  ? -4.830  14.220  -0.371  1.00 15.05 ? 53  ALA A CA    1 
ATOM   327  C C     . ALA A 1 52  ? -4.064  15.368  0.298   1.00 15.28 ? 53  ALA A C     1 
ATOM   328  O O     . ALA A 1 52  ? -4.489  16.523  0.261   1.00 15.78 ? 53  ALA A O     1 
ATOM   329  C CB    . ALA A 1 52  ? -5.605  13.417  0.682   1.00 15.12 ? 53  ALA A CB    1 
ATOM   330  N N     . GLU A 1 53  ? -2.943  15.045  0.930   1.00 13.58 ? 54  GLU A N     1 
ATOM   331  C CA    . GLU A 1 53  ? -2.132  16.053  1.590   1.00 13.75 ? 54  GLU A CA    1 
ATOM   332  C C     . GLU A 1 53  ? -1.555  17.010  0.560   1.00 14.71 ? 54  GLU A C     1 
ATOM   333  O O     . GLU A 1 53  ? -1.504  18.216  0.784   1.00 14.53 ? 54  GLU A O     1 
ATOM   334  C CB    . GLU A 1 53  ? -1.010  15.392  2.387   1.00 14.07 ? 54  GLU A CB    1 
ATOM   335  C CG    . GLU A 1 53  ? -0.076  16.369  3.063   1.00 12.35 ? 54  GLU A CG    1 
ATOM   336  C CD    . GLU A 1 53  ? -0.783  17.257  4.054   1.00 16.31 ? 54  GLU A CD    1 
ATOM   337  O OE1   . GLU A 1 53  ? -1.870  16.889  4.525   1.00 16.41 ? 54  GLU A OE1   1 
ATOM   338  O OE2   . GLU A 1 53  ? -0.248  18.327  4.375   1.00 20.87 ? 54  GLU A OE2   1 
ATOM   339  N N     . GLN A 1 54  ? -1.145  16.467  -0.584  1.00 15.45 ? 55  GLN A N     1 
ATOM   340  C CA    . GLN A 1 54  ? -0.580  17.266  -1.663  1.00 15.12 ? 55  GLN A CA    1 
ATOM   341  C C     . GLN A 1 54  ? -1.528  18.400  -2.084  1.00 15.33 ? 55  GLN A C     1 
ATOM   342  O O     . GLN A 1 54  ? -1.102  19.514  -2.391  1.00 15.78 ? 55  GLN A O     1 
ATOM   343  C CB    . GLN A 1 54  ? -0.306  16.372  -2.867  1.00 10.49 ? 55  GLN A CB    1 
ATOM   344  C CG    . GLN A 1 54  ? 0.261   17.109  -4.074  1.00 16.21 ? 55  GLN A CG    1 
ATOM   345  C CD    . GLN A 1 54  ? 0.286   16.253  -5.336  1.00 26.63 ? 55  GLN A CD    1 
ATOM   346  O OE1   . GLN A 1 54  ? 0.333   16.774  -6.449  1.00 31.05 ? 55  GLN A OE1   1 
ATOM   347  N NE2   . GLN A 1 54  ? 0.270   14.939  -5.172  1.00 28.02 ? 55  GLN A NE2   1 
ATOM   348  N N     . GLY A 1 55  ? -2.812  18.100  -2.141  1.00 14.25 ? 56  GLY A N     1 
ATOM   349  C CA    . GLY A 1 55  ? -3.754  19.119  -2.543  1.00 16.37 ? 56  GLY A CA    1 
ATOM   350  C C     . GLY A 1 55  ? -4.395  19.894  -1.408  1.00 16.89 ? 56  GLY A C     1 
ATOM   351  O O     . GLY A 1 55  ? -5.207  20.783  -1.667  1.00 18.20 ? 56  GLY A O     1 
ATOM   352  N N     . ARG A 1 56  ? -4.037  19.590  -0.164  1.00 15.62 ? 57  ARG A N     1 
ATOM   353  C CA    . ARG A 1 56  ? -4.626  20.276  0.972   1.00 16.24 ? 57  ARG A CA    1 
ATOM   354  C C     . ARG A 1 56  ? -4.189  21.738  1.084   1.00 17.47 ? 57  ARG A C     1 
ATOM   355  O O     . ARG A 1 56  ? -2.988  22.054  1.113   1.00 16.48 ? 57  ARG A O     1 
ATOM   356  C CB    . ARG A 1 56  ? -4.327  19.533  2.264   1.00 15.57 ? 57  ARG A CB    1 
ATOM   357  C CG    . ARG A 1 56  ? -5.134  20.061  3.442   1.00 17.63 ? 57  ARG A CG    1 
ATOM   358  C CD    . ARG A 1 56  ? -4.912  19.231  4.689   1.00 21.27 ? 57  ARG A CD    1 
ATOM   359  N NE    . ARG A 1 56  ? -3.509  19.205  5.099   1.00 28.09 ? 57  ARG A NE    1 
ATOM   360  C CZ    . ARG A 1 56  ? -2.899  20.174  5.778   1.00 28.56 ? 57  ARG A CZ    1 
ATOM   361  N NH1   . ARG A 1 56  ? -3.560  21.271  6.137   1.00 30.61 ? 57  ARG A NH1   1 
ATOM   362  N NH2   . ARG A 1 56  ? -1.622  20.040  6.111   1.00 26.40 ? 57  ARG A NH2   1 
ATOM   363  N N     . ALA A 1 57  ? -5.180  22.624  1.113   1.00 18.36 ? 58  ALA A N     1 
ATOM   364  C CA    . ALA A 1 57  ? -4.939  24.054  1.221   1.00 19.27 ? 58  ALA A CA    1 
ATOM   365  C C     . ALA A 1 57  ? -4.166  24.297  2.495   1.00 18.96 ? 58  ALA A C     1 
ATOM   366  O O     . ALA A 1 57  ? -4.577  23.865  3.561   1.00 19.92 ? 58  ALA A O     1 
ATOM   367  C CB    . ALA A 1 57  ? -6.266  24.822  1.251   1.00 16.64 ? 58  ALA A CB    1 
ATOM   368  N N     . GLY A 1 58  ? -3.007  24.926  2.362   1.00 20.58 ? 59  GLY A N     1 
ATOM   369  C CA    . GLY A 1 58  ? -2.198  25.227  3.522   1.00 23.18 ? 59  GLY A CA    1 
ATOM   370  C C     . GLY A 1 58  ? -1.120  24.211  3.851   1.00 25.38 ? 59  GLY A C     1 
ATOM   371  O O     . GLY A 1 58  ? -0.356  24.416  4.805   1.00 27.41 ? 59  GLY A O     1 
ATOM   372  N N     . SER A 1 59  ? -1.070  23.111  3.101   1.00 24.22 ? 60  SER A N     1 
ATOM   373  C CA    . SER A 1 59  ? -0.063  22.075  3.322   1.00 22.68 ? 60  SER A CA    1 
ATOM   374  C C     . SER A 1 59  ? 1.318   22.630  2.963   1.00 21.66 ? 60  SER A C     1 
ATOM   375  O O     . SER A 1 59  ? 1.472   23.311  1.952   1.00 22.50 ? 60  SER A O     1 
ATOM   376  C CB    . SER A 1 59  ? -0.364  20.850  2.442   1.00 19.13 ? 60  SER A CB    1 
ATOM   377  O OG    . SER A 1 59  ? 0.686   19.901  2.496   1.00 17.60 ? 60  SER A OG    1 
ATOM   378  N N     . GLN A 1 60  ? 2.320   22.353  3.792   1.00 21.24 ? 61  GLN A N     1 
ATOM   379  C CA    . GLN A 1 60  ? 3.686   22.805  3.506   1.00 20.61 ? 61  GLN A CA    1 
ATOM   380  C C     . GLN A 1 60  ? 4.398   21.731  2.691   1.00 19.72 ? 61  GLN A C     1 
ATOM   381  O O     . GLN A 1 60  ? 5.538   21.929  2.248   1.00 18.59 ? 61  GLN A O     1 
ATOM   382  C CB    . GLN A 1 60  ? 4.467   23.051  4.795   1.00 21.55 ? 61  GLN A CB    1 
ATOM   383  C CG    . GLN A 1 60  ? 4.009   24.266  5.565   1.00 28.52 ? 61  GLN A CG    1 
ATOM   384  C CD    . GLN A 1 60  ? 4.881   24.543  6.761   1.00 31.32 ? 61  GLN A CD    1 
ATOM   385  O OE1   . GLN A 1 60  ? 5.629   25.525  6.790   1.00 31.94 ? 61  GLN A OE1   1 
ATOM   386  N NE2   . GLN A 1 60  ? 4.798   23.676  7.763   1.00 32.63 ? 61  GLN A NE2   1 
ATOM   387  N N     . TYR A 1 61  ? 3.700   20.611  2.479   1.00 18.33 ? 62  TYR A N     1 
ATOM   388  C CA    . TYR A 1 61  ? 4.238   19.465  1.747   1.00 16.71 ? 62  TYR A CA    1 
ATOM   389  C C     . TYR A 1 61  ? 3.769   19.318  0.312   1.00 16.38 ? 62  TYR A C     1 
ATOM   390  O O     . TYR A 1 61  ? 4.173   18.388  -0.377  1.00 16.80 ? 62  TYR A O     1 
ATOM   391  C CB    . TYR A 1 61  ? 3.911   18.199  2.508   1.00 14.51 ? 62  TYR A CB    1 
ATOM   392  C CG    . TYR A 1 61  ? 4.437   18.217  3.912   1.00 18.83 ? 62  TYR A CG    1 
ATOM   393  C CD1   . TYR A 1 61  ? 5.804   18.137  4.158   1.00 25.18 ? 62  TYR A CD1   1 
ATOM   394  C CD2   . TYR A 1 61  ? 3.573   18.283  4.998   1.00 22.75 ? 62  TYR A CD2   1 
ATOM   395  C CE1   . TYR A 1 61  ? 6.306   18.114  5.454   1.00 24.27 ? 62  TYR A CE1   1 
ATOM   396  C CE2   . TYR A 1 61  ? 4.064   18.261  6.298   1.00 25.68 ? 62  TYR A CE2   1 
ATOM   397  C CZ    . TYR A 1 61  ? 5.436   18.171  6.512   1.00 19.77 ? 62  TYR A CZ    1 
ATOM   398  O OH    . TYR A 1 61  ? 5.928   18.093  7.789   1.00 31.14 ? 62  TYR A OH    1 
ATOM   399  N N     . GLY A 1 62  ? 2.954   20.256  -0.142  1.00 15.60 ? 63  GLY A N     1 
ATOM   400  C CA    . GLY A 1 62  ? 2.422   20.209  -1.491  1.00 17.06 ? 63  GLY A CA    1 
ATOM   401  C C     . GLY A 1 62  ? 3.415   19.965  -2.600  1.00 18.99 ? 63  GLY A C     1 
ATOM   402  O O     . GLY A 1 62  ? 3.242   19.052  -3.413  1.00 18.19 ? 63  GLY A O     1 
ATOM   403  N N     . GLU A 1 63  ? 4.454   20.782  -2.650  1.00 18.68 ? 64  GLU A N     1 
ATOM   404  C CA    . GLU A 1 63  ? 5.457   20.630  -3.689  1.00 21.25 ? 64  GLU A CA    1 
ATOM   405  C C     . GLU A 1 63  ? 6.298   19.375  -3.512  1.00 18.07 ? 64  GLU A C     1 
ATOM   406  O O     . GLU A 1 63  ? 6.567   18.676  -4.485  1.00 18.76 ? 64  GLU A O     1 
ATOM   407  C CB    . GLU A 1 63  ? 6.364   21.866  -3.770  1.00 27.75 ? 64  GLU A CB    1 
ATOM   408  C CG    . GLU A 1 63  ? 5.804   22.980  -4.641  1.00 42.72 ? 64  GLU A CG    1 
ATOM   409  C CD    . GLU A 1 63  ? 5.590   22.546  -6.095  1.00 55.71 ? 64  GLU A CD    1 
ATOM   410  O OE1   . GLU A 1 63  ? 6.577   22.113  -6.750  1.00 55.32 ? 64  GLU A OE1   1 
ATOM   411  O OE2   . GLU A 1 63  ? 4.431   22.642  -6.576  1.00 59.90 ? 64  GLU A OE2   1 
ATOM   412  N N     . LEU A 1 64  ? 6.723   19.104  -2.282  1.00 15.78 ? 65  LEU A N     1 
ATOM   413  C CA    . LEU A 1 64  ? 7.533   17.932  -1.999  1.00 14.63 ? 65  LEU A CA    1 
ATOM   414  C C     . LEU A 1 64  ? 6.844   16.641  -2.486  1.00 15.28 ? 65  LEU A C     1 
ATOM   415  O O     . LEU A 1 64  ? 7.399   15.897  -3.295  1.00 14.84 ? 65  LEU A O     1 
ATOM   416  C CB    . LEU A 1 64  ? 7.837   17.878  -0.509  1.00 12.91 ? 65  LEU A CB    1 
ATOM   417  C CG    . LEU A 1 64  ? 8.720   16.761  0.052   1.00 18.56 ? 65  LEU A CG    1 
ATOM   418  C CD1   . LEU A 1 64  ? 9.392   17.250  1.285   1.00 16.85 ? 65  LEU A CD1   1 
ATOM   419  C CD2   . LEU A 1 64  ? 7.911   15.520  0.378   1.00 18.08 ? 65  LEU A CD2   1 
ATOM   420  N N     . ILE A 1 65  ? 5.606   16.418  -2.054  1.00 15.98 ? 66  ILE A N     1 
ATOM   421  C CA    . ILE A 1 65  ? 4.850   15.227  -2.455  1.00 14.45 ? 66  ILE A CA    1 
ATOM   422  C C     . ILE A 1 65  ? 4.665   15.193  -3.971  1.00 16.11 ? 66  ILE A C     1 
ATOM   423  O O     . ILE A 1 65  ? 4.893   14.167  -4.603  1.00 16.48 ? 66  ILE A O     1 
ATOM   424  C CB    . ILE A 1 65  ? 3.467   15.167  -1.728  1.00 15.21 ? 66  ILE A CB    1 
ATOM   425  C CG1   . ILE A 1 65  ? 3.682   15.029  -0.215  1.00 13.39 ? 66  ILE A CG1   1 
ATOM   426  C CG2   . ILE A 1 65  ? 2.614   13.985  -2.247  1.00 11.92 ? 66  ILE A CG2   1 
ATOM   427  C CD1   . ILE A 1 65  ? 2.411   15.182  0.625   1.00 11.49 ? 66  ILE A CD1   1 
ATOM   428  N N     . LYS A 1 66  ? 4.292   16.329  -4.551  1.00 16.00 ? 67  LYS A N     1 
ATOM   429  C CA    . LYS A 1 66  ? 4.088   16.447  -5.991  1.00 16.78 ? 67  LYS A CA    1 
ATOM   430  C C     . LYS A 1 66  ? 5.315   15.967  -6.734  1.00 17.31 ? 67  LYS A C     1 
ATOM   431  O O     . LYS A 1 66  ? 5.211   15.200  -7.694  1.00 16.44 ? 67  LYS A O     1 
ATOM   432  C CB    . LYS A 1 66  ? 3.818   17.898  -6.398  1.00 19.10 ? 67  LYS A CB    1 
ATOM   433  C CG    . LYS A 1 66  ? 3.641   18.053  -7.894  1.00 21.90 ? 67  LYS A CG    1 
ATOM   434  C CD    . LYS A 1 66  ? 3.616   19.495  -8.342  1.00 26.94 ? 67  LYS A CD    1 
ATOM   435  C CE    . LYS A 1 66  ? 3.504   19.528  -9.866  1.00 39.50 ? 67  LYS A CE    1 
ATOM   436  N NZ    . LYS A 1 66  ? 3.446   20.906  -10.432 1.00 47.87 ? 67  LYS A NZ    1 
ATOM   437  N N     . ASN A 1 67  ? 6.480   16.409  -6.286  1.00 17.07 ? 68  ASN A N     1 
ATOM   438  C CA    . ASN A 1 67  ? 7.703   16.009  -6.945  1.00 19.04 ? 68  ASN A CA    1 
ATOM   439  C C     . ASN A 1 67  ? 8.083   14.563  -6.705  1.00 17.98 ? 68  ASN A C     1 
ATOM   440  O O     . ASN A 1 67  ? 8.522   13.889  -7.627  1.00 21.49 ? 68  ASN A O     1 
ATOM   441  C CB    . ASN A 1 67  ? 8.832   16.964  -6.602  1.00 23.59 ? 68  ASN A CB    1 
ATOM   442  C CG    . ASN A 1 67  ? 8.574   18.348  -7.157  1.00 38.23 ? 68  ASN A CG    1 
ATOM   443  O OD1   . ASN A 1 67  ? 8.861   19.356  -6.503  1.00 51.00 ? 68  ASN A OD1   1 
ATOM   444  N ND2   . ASN A 1 67  ? 7.980   18.410  -8.358  1.00 40.70 ? 68  ASN A ND2   1 
ATOM   445  N N     . CYS A 1 68  ? 7.888   14.073  -5.494  1.00 16.00 ? 69  CYS A N     1 
ATOM   446  C CA    . CYS A 1 68  ? 8.193   12.687  -5.194  1.00 16.32 ? 69  CYS A CA    1 
ATOM   447  C C     . CYS A 1 68  ? 7.359   11.759  -6.076  1.00 16.29 ? 69  CYS A C     1 
ATOM   448  O O     . CYS A 1 68  ? 7.901   10.846  -6.692  1.00 16.77 ? 69  CYS A O     1 
ATOM   449  C CB    . CYS A 1 68  ? 7.935   12.391  -3.722  1.00 12.59 ? 69  CYS A CB    1 
ATOM   450  S SG    . CYS A 1 68  ? 9.236   12.972  -2.641  1.00 19.48 ? 69  CYS A SG    1 
ATOM   451  N N     . ILE A 1 69  ? 6.054   12.018  -6.162  1.00 17.90 ? 70  ILE A N     1 
ATOM   452  C CA    . ILE A 1 69  ? 5.136   11.205  -6.973  1.00 17.96 ? 70  ILE A CA    1 
ATOM   453  C C     . ILE A 1 69  ? 5.531   11.175  -8.458  1.00 19.83 ? 70  ILE A C     1 
ATOM   454  O O     . ILE A 1 69  ? 5.619   10.098  -9.058  1.00 20.20 ? 70  ILE A O     1 
ATOM   455  C CB    . ILE A 1 69  ? 3.643   11.662  -6.796  1.00 14.72 ? 70  ILE A CB    1 
ATOM   456  C CG1   . ILE A 1 69  ? 3.150   11.293  -5.391  1.00 13.06 ? 70  ILE A CG1   1 
ATOM   457  C CG2   . ILE A 1 69  ? 2.745   11.056  -7.888  1.00 14.01 ? 70  ILE A CG2   1 
ATOM   458  C CD1   . ILE A 1 69  ? 1.722   11.755  -5.070  1.00 13.14 ? 70  ILE A CD1   1 
ATOM   459  N N     . LYS A 1 70  ? 5.817   12.334  -9.042  1.00 20.18 ? 71  LYS A N     1 
ATOM   460  C CA    . LYS A 1 70  ? 6.205   12.386  -10.456 1.00 21.99 ? 71  LYS A CA    1 
ATOM   461  C C     . LYS A 1 70  ? 7.499   11.629  -10.740 1.00 20.83 ? 71  LYS A C     1 
ATOM   462  O O     . LYS A 1 70  ? 7.687   11.079  -11.831 1.00 21.98 ? 71  LYS A O     1 
ATOM   463  C CB    . LYS A 1 70  ? 6.367   13.830  -10.942 1.00 27.89 ? 71  LYS A CB    1 
ATOM   464  C CG    . LYS A 1 70  ? 6.600   13.912  -12.446 1.00 40.23 ? 71  LYS A CG    1 
ATOM   465  C CD    . LYS A 1 70  ? 6.978   15.312  -12.919 1.00 51.31 ? 71  LYS A CD    1 
ATOM   466  C CE    . LYS A 1 70  ? 7.350   15.309  -14.418 1.00 59.32 ? 71  LYS A CE    1 
ATOM   467  N NZ    . LYS A 1 70  ? 8.647   14.603  -14.743 1.00 63.56 ? 71  LYS A NZ    1 
ATOM   468  N N     . GLU A 1 71  ? 8.406   11.644  -9.772  1.00 19.63 ? 72  GLU A N     1 
ATOM   469  C CA    . GLU A 1 71  ? 9.687   10.971  -9.907  1.00 18.89 ? 72  GLU A CA    1 
ATOM   470  C C     . GLU A 1 71  ? 9.630   9.541   -9.412  1.00 18.73 ? 72  GLU A C     1 
ATOM   471  O O     . GLU A 1 71  ? 10.633  8.827   -9.464  1.00 20.02 ? 72  GLU A O     1 
ATOM   472  C CB    . GLU A 1 71  ? 10.755  11.729  -9.122  1.00 18.57 ? 72  GLU A CB    1 
ATOM   473  C CG    . GLU A 1 71  ? 11.087  13.097  -9.683  1.00 24.84 ? 72  GLU A CG    1 
ATOM   474  C CD    . GLU A 1 71  ? 11.628  13.027  -11.097 1.00 28.57 ? 72  GLU A CD    1 
ATOM   475  O OE1   . GLU A 1 71  ? 12.497  12.166  -11.360 1.00 30.41 ? 72  GLU A OE1   1 
ATOM   476  O OE2   . GLU A 1 71  ? 11.170  13.827  -11.944 1.00 34.13 ? 72  GLU A OE2   1 
ATOM   477  N N     . GLY A 1 72  ? 8.473   9.134   -8.894  1.00 18.13 ? 73  GLY A N     1 
ATOM   478  C CA    . GLY A 1 72  ? 8.324   7.785   -8.379  1.00 15.96 ? 73  GLY A CA    1 
ATOM   479  C C     . GLY A 1 72  ? 9.176   7.555   -7.150  1.00 16.50 ? 73  GLY A C     1 
ATOM   480  O O     . GLY A 1 72  ? 9.577   6.431   -6.866  1.00 16.78 ? 73  GLY A O     1 
ATOM   481  N N     . GLN A 1 73  ? 9.434   8.620   -6.400  1.00 15.96 ? 74  GLN A N     1 
ATOM   482  C CA    . GLN A 1 73  ? 10.256  8.550   -5.197  1.00 15.91 ? 74  GLN A CA    1 
ATOM   483  C C     . GLN A 1 73  ? 9.441   8.269   -3.956  1.00 14.94 ? 74  GLN A C     1 
ATOM   484  O O     . GLN A 1 73  ? 8.264   8.613   -3.883  1.00 14.43 ? 74  GLN A O     1 
ATOM   485  C CB    . GLN A 1 73  ? 10.980  9.878   -4.964  1.00 17.51 ? 74  GLN A CB    1 
ATOM   486  C CG    . GLN A 1 73  ? 11.892  10.326  -6.082  1.00 24.94 ? 74  GLN A CG    1 
ATOM   487  C CD    . GLN A 1 73  ? 12.569  11.670  -5.800  1.00 37.20 ? 74  GLN A CD    1 
ATOM   488  O OE1   . GLN A 1 73  ? 13.647  11.937  -6.329  1.00 45.14 ? 74  GLN A OE1   1 
ATOM   489  N NE2   . GLN A 1 73  ? 11.948  12.513  -4.968  1.00 34.98 ? 74  GLN A NE2   1 
ATOM   490  N N     . ILE A 1 74  ? 10.098  7.689   -2.963  1.00 14.38 ? 75  ILE A N     1 
ATOM   491  C CA    . ILE A 1 74  ? 9.468   7.406   -1.677  1.00 16.63 ? 75  ILE A CA    1 
ATOM   492  C C     . ILE A 1 74  ? 9.472   8.711   -0.848  1.00 16.03 ? 75  ILE A C     1 
ATOM   493  O O     . ILE A 1 74  ? 10.525  9.276   -0.569  1.00 16.27 ? 75  ILE A O     1 
ATOM   494  C CB    . ILE A 1 74  ? 10.224  6.261   -0.913  1.00 16.20 ? 75  ILE A CB    1 
ATOM   495  C CG1   . ILE A 1 74  ? 10.129  4.957   -1.706  1.00 14.98 ? 75  ILE A CG1   1 
ATOM   496  C CG2   . ILE A 1 74  ? 9.670   6.056   0.494   1.00 15.45 ? 75  ILE A CG2   1 
ATOM   497  C CD1   . ILE A 1 74  ? 8.706   4.539   -2.050  1.00 18.25 ? 75  ILE A CD1   1 
ATOM   498  N N     . VAL A 1 75  ? 8.282   9.215   -0.534  1.00 15.04 ? 76  VAL A N     1 
ATOM   499  C CA    . VAL A 1 75  ? 8.140   10.420  0.273   1.00 14.39 ? 76  VAL A CA    1 
ATOM   500  C C     . VAL A 1 75  ? 8.699   10.097  1.654   1.00 14.20 ? 76  VAL A C     1 
ATOM   501  O O     . VAL A 1 75  ? 8.486   8.999   2.167   1.00 15.20 ? 76  VAL A O     1 
ATOM   502  C CB    . VAL A 1 75  ? 6.640   10.829  0.381   1.00 14.22 ? 76  VAL A CB    1 
ATOM   503  C CG1   . VAL A 1 75  ? 6.445   11.989  1.351   1.00 10.78 ? 76  VAL A CG1   1 
ATOM   504  C CG2   . VAL A 1 75  ? 6.096   11.200  -0.996  1.00 11.52 ? 76  VAL A CG2   1 
ATOM   505  N N     . PRO A 1 76  ? 9.474   11.025  2.254   1.00 15.52 ? 77  PRO A N     1 
ATOM   506  C CA    . PRO A 1 76  ? 10.063  10.826  3.584   1.00 14.76 ? 77  PRO A CA    1 
ATOM   507  C C     . PRO A 1 76  ? 9.081   10.214  4.589   1.00 14.58 ? 77  PRO A C     1 
ATOM   508  O O     . PRO A 1 76  ? 7.935   10.652  4.723   1.00 14.62 ? 77  PRO A O     1 
ATOM   509  C CB    . PRO A 1 76  ? 10.478  12.241  3.965   1.00 16.76 ? 77  PRO A CB    1 
ATOM   510  C CG    . PRO A 1 76  ? 10.923  12.795  2.672   1.00 15.69 ? 77  PRO A CG    1 
ATOM   511  C CD    . PRO A 1 76  ? 9.853   12.348  1.716   1.00 15.51 ? 77  PRO A CD    1 
ATOM   512  N N     . GLN A 1 77  ? 9.553   9.219   5.326   1.00 14.89 ? 78  GLN A N     1 
ATOM   513  C CA    . GLN A 1 77  ? 8.710   8.518   6.270   1.00 17.81 ? 78  GLN A CA    1 
ATOM   514  C C     . GLN A 1 77  ? 8.024   9.406   7.289   1.00 20.25 ? 78  GLN A C     1 
ATOM   515  O O     . GLN A 1 77  ? 6.917   9.114   7.713   1.00 20.61 ? 78  GLN A O     1 
ATOM   516  C CB    . GLN A 1 77  ? 9.500   7.426   6.996   1.00 18.68 ? 78  GLN A CB    1 
ATOM   517  C CG    . GLN A 1 77  ? 10.583  7.951   7.933   1.00 23.64 ? 78  GLN A CG    1 
ATOM   518  C CD    . GLN A 1 77  ? 11.127  6.888   8.870   1.00 26.89 ? 78  GLN A CD    1 
ATOM   519  O OE1   . GLN A 1 77  ? 10.406  5.996   9.289   1.00 31.13 ? 78  GLN A OE1   1 
ATOM   520  N NE2   . GLN A 1 77  ? 12.396  7.001   9.225   1.00 28.41 ? 78  GLN A NE2   1 
ATOM   521  N N     . GLU A 1 78  ? 8.662   10.504  7.672   1.00 21.57 ? 79  GLU A N     1 
ATOM   522  C CA    . GLU A 1 78  ? 8.079   11.388  8.687   1.00 23.21 ? 79  GLU A CA    1 
ATOM   523  C C     . GLU A 1 78  ? 6.735   11.905  8.253   1.00 21.47 ? 79  GLU A C     1 
ATOM   524  O O     . GLU A 1 78  ? 5.783   11.909  9.031   1.00 24.82 ? 79  GLU A O     1 
ATOM   525  C CB    . GLU A 1 78  ? 9.000   12.568  9.004   1.00 26.00 ? 79  GLU A CB    1 
ATOM   526  C CG    . GLU A 1 78  ? 10.488  12.223  9.020   1.00 34.71 ? 79  GLU A CG    1 
ATOM   527  C CD    . GLU A 1 78  ? 11.155  12.598  7.717   1.00 37.35 ? 79  GLU A CD    1 
ATOM   528  O OE1   . GLU A 1 78  ? 10.696  13.581  7.081   1.00 42.89 ? 79  GLU A OE1   1 
ATOM   529  O OE2   . GLU A 1 78  ? 12.133  11.922  7.338   1.00 37.43 ? 79  GLU A OE2   1 
ATOM   530  N N     . ILE A 1 79  ? 6.662   12.323  7.000   1.00 19.29 ? 80  ILE A N     1 
ATOM   531  C CA    . ILE A 1 79  ? 5.434   12.839  6.433   1.00 17.42 ? 80  ILE A CA    1 
ATOM   532  C C     . ILE A 1 79  ? 4.439   11.686  6.262   1.00 18.27 ? 80  ILE A C     1 
ATOM   533  O O     . ILE A 1 79  ? 3.303   11.767  6.724   1.00 16.18 ? 80  ILE A O     1 
ATOM   534  C CB    . ILE A 1 79  ? 5.714   13.478  5.052   1.00 19.61 ? 80  ILE A CB    1 
ATOM   535  C CG1   . ILE A 1 79  ? 6.838   14.523  5.171   1.00 23.85 ? 80  ILE A CG1   1 
ATOM   536  C CG2   . ILE A 1 79  ? 4.435   14.083  4.491   1.00 23.57 ? 80  ILE A CG2   1 
ATOM   537  C CD1   . ILE A 1 79  ? 7.357   15.061  3.839   1.00 25.69 ? 80  ILE A CD1   1 
ATOM   538  N N     . THR A 1 80  ? 4.897   10.599  5.632   1.00 17.57 ? 81  THR A N     1 
ATOM   539  C CA    . THR A 1 80  ? 4.074   9.429   5.364   1.00 14.02 ? 81  THR A CA    1 
ATOM   540  C C     . THR A 1 80  ? 3.494   8.800   6.616   1.00 13.64 ? 81  THR A C     1 
ATOM   541  O O     . THR A 1 80  ? 2.298   8.512   6.684   1.00 13.12 ? 81  THR A O     1 
ATOM   542  C CB    . THR A 1 80  ? 4.878   8.378   4.589   1.00 16.29 ? 81  THR A CB    1 
ATOM   543  O OG1   . THR A 1 80  ? 5.461   8.994   3.434   1.00 16.55 ? 81  THR A OG1   1 
ATOM   544  C CG2   . THR A 1 80  ? 3.982   7.227   4.158   1.00 14.49 ? 81  THR A CG2   1 
ATOM   545  N N     . LEU A 1 81  ? 4.336   8.582   7.611   1.00 13.27 ? 82  LEU A N     1 
ATOM   546  C CA    . LEU A 1 81  ? 3.877   7.994   8.859   1.00 15.01 ? 82  LEU A CA    1 
ATOM   547  C C     . LEU A 1 81  ? 2.876   8.882   9.562   1.00 14.56 ? 82  LEU A C     1 
ATOM   548  O O     . LEU A 1 81  ? 1.927   8.392   10.145  1.00 15.94 ? 82  LEU A O     1 
ATOM   549  C CB    . LEU A 1 81  ? 5.039   7.751   9.809   1.00 17.88 ? 82  LEU A CB    1 
ATOM   550  C CG    . LEU A 1 81  ? 5.985   6.601   9.497   1.00 24.22 ? 82  LEU A CG    1 
ATOM   551  C CD1   . LEU A 1 81  ? 7.147   6.629   10.481  1.00 30.75 ? 82  LEU A CD1   1 
ATOM   552  C CD2   . LEU A 1 81  ? 5.240   5.312   9.617   1.00 26.07 ? 82  LEU A CD2   1 
ATOM   553  N N     . ALA A 1 82  ? 3.095   10.191  9.530   1.00 14.34 ? 83  ALA A N     1 
ATOM   554  C CA    . ALA A 1 82  ? 2.182   11.094  10.211  1.00 15.04 ? 83  ALA A CA    1 
ATOM   555  C C     . ALA A 1 82  ? 0.775   11.010  9.615   1.00 14.86 ? 83  ALA A C     1 
ATOM   556  O O     . ALA A 1 82  ? -0.212  10.915  10.344  1.00 15.95 ? 83  ALA A O     1 
ATOM   557  C CB    . ALA A 1 82  ? 2.714   12.505  10.172  1.00 13.70 ? 83  ALA A CB    1 
ATOM   558  N N     . LEU A 1 83  ? 0.695   10.943  8.293   1.00 15.05 ? 84  LEU A N     1 
ATOM   559  C CA    . LEU A 1 83  ? -0.591  10.863  7.626   1.00 15.03 ? 84  LEU A CA    1 
ATOM   560  C C     . LEU A 1 83  ? -1.260  9.535   7.919   1.00 15.59 ? 84  LEU A C     1 
ATOM   561  O O     . LEU A 1 83  ? -2.466  9.472   8.167   1.00 15.78 ? 84  LEU A O     1 
ATOM   562  C CB    . LEU A 1 83  ? -0.424  11.071  6.122   1.00 16.75 ? 84  LEU A CB    1 
ATOM   563  C CG    . LEU A 1 83  ? 0.151   12.422  5.682   1.00 18.10 ? 84  LEU A CG    1 
ATOM   564  C CD1   . LEU A 1 83  ? 0.411   12.404  4.184   1.00 14.49 ? 84  LEU A CD1   1 
ATOM   565  C CD2   . LEU A 1 83  ? -0.803  13.558  6.075   1.00 17.88 ? 84  LEU A CD2   1 
ATOM   566  N N     . LEU A 1 84  ? -0.471  8.469   7.921   1.00 15.80 ? 85  LEU A N     1 
ATOM   567  C CA    . LEU A 1 84  ? -1.013  7.147   8.210   1.00 16.92 ? 85  LEU A CA    1 
ATOM   568  C C     . LEU A 1 84  ? -1.480  7.030   9.651   1.00 17.13 ? 85  LEU A C     1 
ATOM   569  O O     . LEU A 1 84  ? -2.502  6.422   9.933   1.00 17.96 ? 85  LEU A O     1 
ATOM   570  C CB    . LEU A 1 84  ? 0.027   6.061   7.954   1.00 17.45 ? 85  LEU A CB    1 
ATOM   571  C CG    . LEU A 1 84  ? -0.055  5.229   6.682   1.00 21.11 ? 85  LEU A CG    1 
ATOM   572  C CD1   . LEU A 1 84  ? 0.985   4.150   6.809   1.00 23.78 ? 85  LEU A CD1   1 
ATOM   573  C CD2   . LEU A 1 84  ? -1.424  4.597   6.508   1.00 21.30 ? 85  LEU A CD2   1 
ATOM   574  N N     . ARG A 1 85  ? -0.705  7.580   10.571  1.00 19.59 ? 86  ARG A N     1 
ATOM   575  C CA    . ARG A 1 85  ? -1.046  7.516   11.988  1.00 20.73 ? 86  ARG A CA    1 
ATOM   576  C C     . ARG A 1 85  ? -2.343  8.258   12.262  1.00 18.42 ? 86  ARG A C     1 
ATOM   577  O O     . ARG A 1 85  ? -3.190  7.780   13.003  1.00 18.50 ? 86  ARG A O     1 
ATOM   578  C CB    . ARG A 1 85  ? 0.076   8.116   12.829  1.00 25.50 ? 86  ARG A CB    1 
ATOM   579  C CG    . ARG A 1 85  ? -0.095  7.880   14.307  1.00 37.82 ? 86  ARG A CG    1 
ATOM   580  C CD    . ARG A 1 85  ? 0.955   8.615   15.127  1.00 47.15 ? 86  ARG A CD    1 
ATOM   581  N NE    . ARG A 1 85  ? 1.045   8.044   16.473  1.00 57.16 ? 86  ARG A NE    1 
ATOM   582  C CZ    . ARG A 1 85  ? 2.130   7.445   16.960  1.00 59.31 ? 86  ARG A CZ    1 
ATOM   583  N NH1   . ARG A 1 85  ? 3.231   7.346   16.217  1.00 58.50 ? 86  ARG A NH1   1 
ATOM   584  N NH2   . ARG A 1 85  ? 2.098   6.902   18.172  1.00 58.40 ? 86  ARG A NH2   1 
ATOM   585  N N     . ASN A 1 86  ? -2.509  9.411   11.631  1.00 18.57 ? 87  ASN A N     1 
ATOM   586  C CA    . ASN A 1 86  ? -3.717  10.205  11.819  1.00 20.13 ? 87  ASN A CA    1 
ATOM   587  C C     . ASN A 1 86  ? -4.954  9.486   11.295  1.00 19.49 ? 87  ASN A C     1 
ATOM   588  O O     . ASN A 1 86  ? -6.024  9.552   11.901  1.00 18.18 ? 87  ASN A O     1 
ATOM   589  C CB    . ASN A 1 86  ? -3.597  11.565  11.120  1.00 24.39 ? 87  ASN A CB    1 
ATOM   590  C CG    . ASN A 1 86  ? -2.540  12.462  11.736  1.00 28.13 ? 87  ASN A CG    1 
ATOM   591  O OD1   . ASN A 1 86  ? -2.173  13.487  11.146  1.00 33.39 ? 87  ASN A OD1   1 
ATOM   592  N ND2   . ASN A 1 86  ? -2.043  12.096  12.917  1.00 30.67 ? 87  ASN A ND2   1 
ATOM   593  N N     . ALA A 1 87  ? -4.807  8.814   10.158  1.00 19.42 ? 88  ALA A N     1 
ATOM   594  C CA    . ALA A 1 87  ? -5.919  8.098   9.551   1.00 18.69 ? 88  ALA A CA    1 
ATOM   595  C C     . ALA A 1 87  ? -6.293  6.877   10.384  1.00 19.06 ? 88  ALA A C     1 
ATOM   596  O O     . ALA A 1 87  ? -7.474  6.588   10.588  1.00 19.99 ? 88  ALA A O     1 
ATOM   597  C CB    . ALA A 1 87  ? -5.573  7.709   8.108   1.00 20.12 ? 88  ALA A CB    1 
ATOM   598  N N     . ILE A 1 88  ? -5.287  6.189   10.907  1.00 18.85 ? 89  ILE A N     1 
ATOM   599  C CA    . ILE A 1 88  ? -5.517  5.024   11.739  1.00 19.74 ? 89  ILE A CA    1 
ATOM   600  C C     . ILE A 1 88  ? -6.230  5.480   13.019  1.00 22.36 ? 89  ILE A C     1 
ATOM   601  O O     . ILE A 1 88  ? -7.237  4.892   13.427  1.00 23.13 ? 89  ILE A O     1 
ATOM   602  C CB    . ILE A 1 88  ? -4.181  4.328   12.075  1.00 18.85 ? 89  ILE A CB    1 
ATOM   603  C CG1   . ILE A 1 88  ? -3.627  3.622   10.835  1.00 15.19 ? 89  ILE A CG1   1 
ATOM   604  C CG2   . ILE A 1 88  ? -4.359  3.329   13.194  1.00 19.80 ? 89  ILE A CG2   1 
ATOM   605  C CD1   . ILE A 1 88  ? -2.259  3.020   11.050  1.00 13.47 ? 89  ILE A CD1   1 
ATOM   606  N N     . SER A 1 89  ? -5.743  6.568   13.609  1.00 23.40 ? 90  SER A N     1 
ATOM   607  C CA    . SER A 1 89  ? -6.330  7.108   14.829  1.00 26.34 ? 90  SER A CA    1 
ATOM   608  C C     . SER A 1 89  ? -7.779  7.501   14.647  1.00 25.11 ? 90  SER A C     1 
ATOM   609  O O     . SER A 1 89  ? -8.613  7.154   15.474  1.00 26.33 ? 90  SER A O     1 
ATOM   610  C CB    . SER A 1 89  ? -5.535  8.308   15.343  1.00 30.50 ? 90  SER A CB    1 
ATOM   611  O OG    . SER A 1 89  ? -4.203  7.927   15.646  1.00 42.47 ? 90  SER A OG    1 
ATOM   612  N N     . ASP A 1 90  ? -8.085  8.211   13.568  1.00 24.92 ? 91  ASP A N     1 
ATOM   613  C CA    . ASP A 1 90  ? -9.457  8.618   13.310  1.00 26.60 ? 91  ASP A CA    1 
ATOM   614  C C     . ASP A 1 90  ? -10.370 7.395   13.253  1.00 27.69 ? 91  ASP A C     1 
ATOM   615  O O     . ASP A 1 90  ? -11.507 7.424   13.721  1.00 28.33 ? 91  ASP A O     1 
ATOM   616  C CB    . ASP A 1 90  ? -9.570  9.386   11.984  1.00 31.35 ? 91  ASP A CB    1 
ATOM   617  C CG    . ASP A 1 90  ? -8.906  10.768  12.026  1.00 42.31 ? 91  ASP A CG    1 
ATOM   618  O OD1   . ASP A 1 90  ? -8.915  11.430  13.098  1.00 47.75 ? 91  ASP A OD1   1 
ATOM   619  O OD2   . ASP A 1 90  ? -8.391  11.198  10.964  1.00 46.69 ? 91  ASP A OD2   1 
ATOM   620  N N     . ASN A 1 91  ? -9.868  6.311   12.677  1.00 28.12 ? 92  ASN A N     1 
ATOM   621  C CA    . ASN A 1 91  ? -10.657 5.096   12.563  1.00 26.29 ? 92  ASN A CA    1 
ATOM   622  C C     . ASN A 1 91  ? -10.840 4.373   13.862  1.00 25.23 ? 92  ASN A C     1 
ATOM   623  O O     . ASN A 1 91  ? -11.952 4.015   14.207  1.00 26.47 ? 92  ASN A O     1 
ATOM   624  C CB    . ASN A 1 91  ? -10.059 4.177   11.519  1.00 23.77 ? 92  ASN A CB    1 
ATOM   625  C CG    . ASN A 1 91  ? -10.400 4.617   10.140  1.00 24.28 ? 92  ASN A CG    1 
ATOM   626  O OD1   . ASN A 1 91  ? -11.527 4.431   9.691   1.00 27.90 ? 92  ASN A OD1   1 
ATOM   627  N ND2   . ASN A 1 91  ? -9.458  5.252   9.468   1.00 23.64 ? 92  ASN A ND2   1 
ATOM   628  N N     . VAL A 1 92  ? -9.757  4.161   14.588  1.00 25.46 ? 93  VAL A N     1 
ATOM   629  C CA    . VAL A 1 92  ? -9.836  3.473   15.867  1.00 28.80 ? 93  VAL A CA    1 
ATOM   630  C C     . VAL A 1 92  ? -10.830 4.200   16.766  1.00 30.74 ? 93  VAL A C     1 
ATOM   631  O O     . VAL A 1 92  ? -11.635 3.586   17.458  1.00 30.74 ? 93  VAL A O     1 
ATOM   632  C CB    . VAL A 1 92  ? -8.460  3.419   16.527  1.00 30.89 ? 93  VAL A CB    1 
ATOM   633  C CG1   . VAL A 1 92  ? -8.555  2.790   17.910  1.00 34.03 ? 93  VAL A CG1   1 
ATOM   634  C CG2   . VAL A 1 92  ? -7.505  2.627   15.646  1.00 31.06 ? 93  VAL A CG2   1 
ATOM   635  N N     . LYS A 1 93  ? -10.783 5.519   16.702  1.00 32.82 ? 94  LYS A N     1 
ATOM   636  C CA    . LYS A 1 93  ? -11.671 6.390   17.463  1.00 36.84 ? 94  LYS A CA    1 
ATOM   637  C C     . LYS A 1 93  ? -13.114 6.033   17.100  1.00 36.63 ? 94  LYS A C     1 
ATOM   638  O O     . LYS A 1 93  ? -13.980 5.917   17.972  1.00 37.96 ? 94  LYS A O     1 
ATOM   639  C CB    . LYS A 1 93  ? -11.362 7.857   17.092  1.00 43.04 ? 94  LYS A CB    1 
ATOM   640  C CG    . LYS A 1 93  ? -12.320 8.919   17.623  1.00 53.35 ? 94  LYS A CG    1 
ATOM   641  C CD    . LYS A 1 93  ? -12.051 10.292  16.986  1.00 59.85 ? 94  LYS A CD    1 
ATOM   642  C CE    . LYS A 1 93  ? -13.067 11.340  17.470  1.00 68.75 ? 94  LYS A CE    1 
ATOM   643  N NZ    . LYS A 1 93  ? -12.922 12.683  16.822  1.00 70.43 ? 94  LYS A NZ    1 
ATOM   644  N N     . ALA A 1 94  ? -13.347 5.842   15.805  1.00 37.23 ? 95  ALA A N     1 
ATOM   645  C CA    . ALA A 1 94  ? -14.661 5.490   15.277  1.00 36.50 ? 95  ALA A CA    1 
ATOM   646  C C     . ALA A 1 94  ? -14.922 3.981   15.404  1.00 36.40 ? 95  ALA A C     1 
ATOM   647  O O     . ALA A 1 94  ? -15.818 3.447   14.761  1.00 37.18 ? 95  ALA A O     1 
ATOM   648  C CB    . ALA A 1 94  ? -14.773 5.937   13.813  1.00 33.08 ? 95  ALA A CB    1 
ATOM   649  N N     . ASN A 1 95  ? -14.128 3.309   16.233  1.00 36.68 ? 96  ASN A N     1 
ATOM   650  C CA    . ASN A 1 95  ? -14.240 1.874   16.486  1.00 38.00 ? 96  ASN A CA    1 
ATOM   651  C C     . ASN A 1 95  ? -13.973 0.924   15.327  1.00 36.38 ? 96  ASN A C     1 
ATOM   652  O O     . ASN A 1 95  ? -14.578 -0.155  15.207  1.00 35.29 ? 96  ASN A O     1 
ATOM   653  C CB    . ASN A 1 95  ? -15.554 1.539   17.195  1.00 46.76 ? 96  ASN A CB    1 
ATOM   654  C CG    . ASN A 1 95  ? -15.513 1.907   18.661  1.00 57.88 ? 96  ASN A CG    1 
ATOM   655  O OD1   . ASN A 1 95  ? -14.674 1.395   19.419  1.00 63.22 ? 96  ASN A OD1   1 
ATOM   656  N ND2   . ASN A 1 95  ? -16.381 2.834   19.066  1.00 64.36 ? 96  ASN A ND2   1 
ATOM   657  N N     . LYS A 1 96  ? -13.035 1.337   14.490  1.00 34.14 ? 97  LYS A N     1 
ATOM   658  C CA    . LYS A 1 96  ? -12.598 0.554   13.358  1.00 32.00 ? 97  LYS A CA    1 
ATOM   659  C C     . LYS A 1 96  ? -11.217 0.107   13.829  1.00 30.50 ? 97  LYS A C     1 
ATOM   660  O O     . LYS A 1 96  ? -10.353 0.939   14.131  1.00 30.67 ? 97  LYS A O     1 
ATOM   661  C CB    . LYS A 1 96  ? -12.510 1.435   12.117  1.00 34.25 ? 97  LYS A CB    1 
ATOM   662  C CG    . LYS A 1 96  ? -13.659 1.270   11.132  1.00 41.75 ? 97  LYS A CG    1 
ATOM   663  C CD    . LYS A 1 96  ? -15.014 1.678   11.664  1.00 49.86 ? 97  LYS A CD    1 
ATOM   664  C CE    . LYS A 1 96  ? -16.075 1.549   10.563  1.00 57.56 ? 97  LYS A CE    1 
ATOM   665  N NZ    . LYS A 1 96  ? -17.482 1.749   11.049  1.00 65.49 ? 97  LYS A NZ    1 
ATOM   666  N N     . HIS A 1 97  ? -11.041 -1.206  13.950  1.00 27.90 ? 98  HIS A N     1 
ATOM   667  C CA    . HIS A 1 97  ? -9.793  -1.787  14.437  1.00 26.26 ? 98  HIS A CA    1 
ATOM   668  C C     . HIS A 1 97  ? -9.042  -2.672  13.441  1.00 22.83 ? 98  HIS A C     1 
ATOM   669  O O     . HIS A 1 97  ? -7.964  -3.165  13.758  1.00 22.47 ? 98  HIS A O     1 
ATOM   670  C CB    . HIS A 1 97  ? -10.076 -2.582  15.716  1.00 32.65 ? 98  HIS A CB    1 
ATOM   671  C CG    . HIS A 1 97  ? -10.627 -1.747  16.833  1.00 46.64 ? 98  HIS A CG    1 
ATOM   672  N ND1   . HIS A 1 97  ? -9.958  -0.657  17.350  1.00 54.26 ? 98  HIS A ND1   1 
ATOM   673  C CD2   . HIS A 1 97  ? -11.793 -1.831  17.520  1.00 51.68 ? 98  HIS A CD2   1 
ATOM   674  C CE1   . HIS A 1 97  ? -10.686 -0.105  18.306  1.00 52.06 ? 98  HIS A CE1   1 
ATOM   675  N NE2   . HIS A 1 97  ? -11.803 -0.797  18.427  1.00 52.83 ? 98  HIS A NE2   1 
ATOM   676  N N     . LYS A 1 98  ? -9.611  -2.884  12.256  1.00 19.98 ? 99  LYS A N     1 
ATOM   677  C CA    . LYS A 1 98  ? -8.974  -3.716  11.237  1.00 18.85 ? 99  LYS A CA    1 
ATOM   678  C C     . LYS A 1 98  ? -8.711  -2.903  9.981   1.00 17.82 ? 99  LYS A C     1 
ATOM   679  O O     . LYS A 1 98  ? -9.620  -2.318  9.386   1.00 18.15 ? 99  LYS A O     1 
ATOM   680  C CB    . LYS A 1 98  ? -9.824  -4.941  10.917  1.00 18.77 ? 99  LYS A CB    1 
ATOM   681  C CG    . LYS A 1 98  ? -10.143 -5.766  12.132  1.00 18.71 ? 99  LYS A CG    1 
ATOM   682  C CD    . LYS A 1 98  ? -10.808 -7.059  11.738  1.00 22.09 ? 99  LYS A CD    1 
ATOM   683  C CE    . LYS A 1 98  ? -11.220 -7.853  12.962  1.00 26.95 ? 99  LYS A CE    1 
ATOM   684  N NZ    . LYS A 1 98  ? -11.861 -9.150  12.583  1.00 26.87 ? 99  LYS A NZ    1 
ATOM   685  N N     . PHE A 1 99  ? -7.458  -2.933  9.554   1.00 18.19 ? 100 PHE A N     1 
ATOM   686  C CA    . PHE A 1 99  ? -7.007  -2.155  8.414   1.00 16.57 ? 100 PHE A CA    1 
ATOM   687  C C     . PHE A 1 99  ? -6.247  -2.903  7.341   1.00 15.56 ? 100 PHE A C     1 
ATOM   688  O O     . PHE A 1 99  ? -5.443  -3.793  7.632   1.00 16.79 ? 100 PHE A O     1 
ATOM   689  C CB    . PHE A 1 99  ? -6.084  -1.045  8.922   1.00 15.61 ? 100 PHE A CB    1 
ATOM   690  C CG    . PHE A 1 99  ? -6.726  -0.150  9.937   1.00 18.57 ? 100 PHE A CG    1 
ATOM   691  C CD1   . PHE A 1 99  ? -7.467  0.950   9.532   1.00 19.29 ? 100 PHE A CD1   1 
ATOM   692  C CD2   . PHE A 1 99  ? -6.627  -0.434  11.295  1.00 17.02 ? 100 PHE A CD2   1 
ATOM   693  C CE1   . PHE A 1 99  ? -8.101  1.753   10.470  1.00 21.03 ? 100 PHE A CE1   1 
ATOM   694  C CE2   . PHE A 1 99  ? -7.261  0.367   12.229  1.00 17.84 ? 100 PHE A CE2   1 
ATOM   695  C CZ    . PHE A 1 99  ? -7.997  1.456   11.815  1.00 16.09 ? 100 PHE A CZ    1 
ATOM   696  N N     . LEU A 1 100 ? -6.522  -2.528  6.099   1.00 14.14 ? 101 LEU A N     1 
ATOM   697  C CA    . LEU A 1 100 ? -5.808  -3.048  4.951   1.00 14.44 ? 101 LEU A CA    1 
ATOM   698  C C     . LEU A 1 100 ? -5.029  -1.806  4.578   1.00 14.80 ? 101 LEU A C     1 
ATOM   699  O O     . LEU A 1 100 ? -5.631  -0.811  4.191   1.00 16.00 ? 101 LEU A O     1 
ATOM   700  C CB    . LEU A 1 100 ? -6.756  -3.368  3.804   1.00 14.69 ? 101 LEU A CB    1 
ATOM   701  C CG    . LEU A 1 100 ? -7.603  -4.626  3.885   1.00 16.74 ? 101 LEU A CG    1 
ATOM   702  C CD1   . LEU A 1 100 ? -8.618  -4.561  2.764   1.00 16.00 ? 101 LEU A CD1   1 
ATOM   703  C CD2   . LEU A 1 100 ? -6.723  -5.871  3.768   1.00 16.92 ? 101 LEU A CD2   1 
ATOM   704  N N     . ILE A 1 101 ? -3.724  -1.802  4.814   1.00 16.21 ? 102 ILE A N     1 
ATOM   705  C CA    . ILE A 1 101 ? -2.912  -0.634  4.475   1.00 14.73 ? 102 ILE A CA    1 
ATOM   706  C C     . ILE A 1 101 ? -2.215  -0.973  3.178   1.00 13.20 ? 102 ILE A C     1 
ATOM   707  O O     . ILE A 1 101 ? -1.344  -1.824  3.116   1.00 13.98 ? 102 ILE A O     1 
ATOM   708  C CB    . ILE A 1 101 ? -1.921  -0.263  5.587   1.00 16.84 ? 102 ILE A CB    1 
ATOM   709  C CG1   . ILE A 1 101 ? -2.703  0.136   6.846   1.00 17.00 ? 102 ILE A CG1   1 
ATOM   710  C CG2   . ILE A 1 101 ? -1.042  0.896   5.117   1.00 19.25 ? 102 ILE A CG2   1 
ATOM   711  C CD1   . ILE A 1 101 ? -1.856  0.557   7.994   1.00 20.98 ? 102 ILE A CD1   1 
ATOM   712  N N     . ASP A 1 102 ? -2.691  -0.353  2.122   1.00 12.97 ? 103 ASP A N     1 
ATOM   713  C CA    . ASP A 1 102 ? -2.192  -0.606  0.800   1.00 13.68 ? 103 ASP A CA    1 
ATOM   714  C C     . ASP A 1 102 ? -1.093  0.374   0.371   1.00 13.20 ? 103 ASP A C     1 
ATOM   715  O O     . ASP A 1 102 ? -1.227  1.588   0.510   1.00 14.10 ? 103 ASP A O     1 
ATOM   716  C CB    . ASP A 1 102 ? -3.443  -0.731  -0.117  1.00 18.33 ? 103 ASP A CB    1 
ATOM   717  C CG    . ASP A 1 102 ? -3.340  -0.023  -1.458  1.00 17.89 ? 103 ASP A CG    1 
ATOM   718  O OD1   . ASP A 1 102 ? -2.266  0.075   -2.063  1.00 24.73 ? 103 ASP A OD1   1 
ATOM   719  O OD2   . ASP A 1 102 ? -4.411  0.384   -1.955  1.00 18.57 ? 103 ASP A OD2   1 
ATOM   720  N N     . GLY A 1 103 ? 0.029   -0.183  -0.071  1.00 12.06 ? 104 GLY A N     1 
ATOM   721  C CA    . GLY A 1 103 ? 1.135   0.638   -0.530  1.00 12.18 ? 104 GLY A CA    1 
ATOM   722  C C     . GLY A 1 103 ? 2.084   1.113   0.548   1.00 10.28 ? 104 GLY A C     1 
ATOM   723  O O     . GLY A 1 103 ? 2.848   2.040   0.344   1.00 10.77 ? 104 GLY A O     1 
ATOM   724  N N     . PHE A 1 104 ? 2.045   0.469   1.701   1.00 11.36 ? 105 PHE A N     1 
ATOM   725  C CA    . PHE A 1 104 ? 2.923   0.838   2.792   1.00 12.04 ? 105 PHE A CA    1 
ATOM   726  C C     . PHE A 1 104 ? 3.157   -0.438  3.563   1.00 12.20 ? 105 PHE A C     1 
ATOM   727  O O     . PHE A 1 104 ? 2.222   -1.202  3.759   1.00 12.79 ? 105 PHE A O     1 
ATOM   728  C CB    . PHE A 1 104 ? 2.244   1.871   3.685   1.00 12.81 ? 105 PHE A CB    1 
ATOM   729  C CG    . PHE A 1 104 ? 3.054   2.251   4.894   1.00 12.94 ? 105 PHE A CG    1 
ATOM   730  C CD1   . PHE A 1 104 ? 3.159   1.387   5.979   1.00 11.41 ? 105 PHE A CD1   1 
ATOM   731  C CD2   . PHE A 1 104 ? 3.724   3.463   4.939   1.00 13.64 ? 105 PHE A CD2   1 
ATOM   732  C CE1   . PHE A 1 104 ? 3.925   1.721   7.080   1.00 15.59 ? 105 PHE A CE1   1 
ATOM   733  C CE2   . PHE A 1 104 ? 4.489   3.800   6.040   1.00 11.95 ? 105 PHE A CE2   1 
ATOM   734  C CZ    . PHE A 1 104 ? 4.592   2.930   7.107   1.00 11.98 ? 105 PHE A CZ    1 
ATOM   735  N N     . PRO A 1 105 ? 4.403   -0.693  4.018   1.00 13.14 ? 106 PRO A N     1 
ATOM   736  C CA    . PRO A 1 105 ? 5.616   0.125   3.871   1.00 12.28 ? 106 PRO A CA    1 
ATOM   737  C C     . PRO A 1 105 ? 6.355   -0.119  2.574   1.00 13.36 ? 106 PRO A C     1 
ATOM   738  O O     . PRO A 1 105 ? 6.493   -1.260  2.127   1.00 15.75 ? 106 PRO A O     1 
ATOM   739  C CB    . PRO A 1 105 ? 6.455   -0.306  5.057   1.00 11.41 ? 106 PRO A CB    1 
ATOM   740  C CG    . PRO A 1 105 ? 6.147   -1.751  5.168   1.00 15.53 ? 106 PRO A CG    1 
ATOM   741  C CD    . PRO A 1 105 ? 4.651   -1.828  4.927   1.00 14.79 ? 106 PRO A CD    1 
ATOM   742  N N     . ARG A 1 106 ? 6.874   0.947   1.992   1.00 12.86 ? 107 ARG A N     1 
ATOM   743  C CA    . ARG A 1 106 ? 7.582   0.833   0.731   1.00 12.49 ? 107 ARG A CA    1 
ATOM   744  C C     . ARG A 1 106 ? 9.077   1.027   0.863   1.00 12.03 ? 107 ARG A C     1 
ATOM   745  O O     . ARG A 1 106 ? 9.794   1.013   -0.118  1.00 13.43 ? 107 ARG A O     1 
ATOM   746  C CB    . ARG A 1 106 ? 6.998   1.815   -0.283  1.00 14.30 ? 107 ARG A CB    1 
ATOM   747  C CG    . ARG A 1 106 ? 5.798   1.256   -1.011  1.00 14.51 ? 107 ARG A CG    1 
ATOM   748  C CD    . ARG A 1 106 ? 5.177   2.252   -1.949  1.00 15.37 ? 107 ARG A CD    1 
ATOM   749  N NE    . ARG A 1 106 ? 4.396   1.562   -2.970  1.00 19.86 ? 107 ARG A NE    1 
ATOM   750  C CZ    . ARG A 1 106 ? 3.183   1.923   -3.375  1.00 19.90 ? 107 ARG A CZ    1 
ATOM   751  N NH1   . ARG A 1 106 ? 2.581   2.974   -2.843  1.00 15.25 ? 107 ARG A NH1   1 
ATOM   752  N NH2   . ARG A 1 106 ? 2.585   1.246   -4.348  1.00 18.83 ? 107 ARG A NH2   1 
ATOM   753  N N     . LYS A 1 107 ? 9.543   1.164   2.093   1.00 13.37 ? 108 LYS A N     1 
ATOM   754  C CA    . LYS A 1 107 ? 10.956  1.378   2.353   1.00 14.00 ? 108 LYS A CA    1 
ATOM   755  C C     . LYS A 1 107 ? 11.208  0.827   3.740   1.00 15.24 ? 108 LYS A C     1 
ATOM   756  O O     . LYS A 1 107 ? 10.311  0.843   4.586   1.00 17.64 ? 108 LYS A O     1 
ATOM   757  C CB    . LYS A 1 107 ? 11.277  2.873   2.281   1.00 12.87 ? 108 LYS A CB    1 
ATOM   758  C CG    . LYS A 1 107 ? 12.759  3.180   2.256   1.00 17.17 ? 108 LYS A CG    1 
ATOM   759  C CD    . LYS A 1 107 ? 13.030  4.603   1.803   1.00 21.10 ? 108 LYS A CD    1 
ATOM   760  C CE    . LYS A 1 107 ? 14.505  4.930   1.898   1.00 22.92 ? 108 LYS A CE    1 
ATOM   761  N NZ    . LYS A 1 107 ? 14.736  6.338   1.508   1.00 33.40 ? 108 LYS A NZ    1 
ATOM   762  N N     . MET A 1 108 ? 12.403  0.298   3.970   1.00 16.40 ? 109 MET A N     1 
ATOM   763  C CA    . MET A 1 108 ? 12.740  -0.286  5.261   1.00 16.38 ? 109 MET A CA    1 
ATOM   764  C C     . MET A 1 108 ? 12.552  0.622   6.468   1.00 17.02 ? 109 MET A C     1 
ATOM   765  O O     . MET A 1 108 ? 12.077  0.167   7.514   1.00 17.51 ? 109 MET A O     1 
ATOM   766  C CB    . MET A 1 108 ? 14.176  -0.832  5.250   1.00 20.74 ? 109 MET A CB    1 
ATOM   767  C CG    . MET A 1 108 ? 14.310  -2.249  4.691   1.00 20.11 ? 109 MET A CG    1 
ATOM   768  S SD    . MET A 1 108 ? 13.351  -3.425  5.622   1.00 27.60 ? 109 MET A SD    1 
ATOM   769  C CE    . MET A 1 108 ? 14.352  -3.563  7.045   1.00 28.48 ? 109 MET A CE    1 
ATOM   770  N N     . ASP A 1 109 ? 12.936  1.892   6.337   1.00 16.50 ? 110 ASP A N     1 
ATOM   771  C CA    . ASP A 1 109 ? 12.808  2.802   7.454   1.00 16.68 ? 110 ASP A CA    1 
ATOM   772  C C     . ASP A 1 109 ? 11.382  2.920   7.935   1.00 17.57 ? 110 ASP A C     1 
ATOM   773  O O     . ASP A 1 109 ? 11.110  2.670   9.103   1.00 18.55 ? 110 ASP A O     1 
ATOM   774  C CB    . ASP A 1 109 ? 13.459  4.175   7.191   1.00 18.15 ? 110 ASP A CB    1 
ATOM   775  C CG    . ASP A 1 109 ? 12.887  4.932   5.981   1.00 22.09 ? 110 ASP A CG    1 
ATOM   776  O OD1   . ASP A 1 109 ? 12.040  4.428   5.222   1.00 21.38 ? 110 ASP A OD1   1 
ATOM   777  O OD2   . ASP A 1 109 ? 13.318  6.085   5.787   1.00 25.52 ? 110 ASP A OD2   1 
ATOM   778  N N     . GLN A 1 110 ? 10.455  3.182   7.020   1.00 17.93 ? 111 GLN A N     1 
ATOM   779  C CA    . GLN A 1 110 ? 9.055   3.319   7.404   1.00 18.55 ? 111 GLN A CA    1 
ATOM   780  C C     . GLN A 1 110 ? 8.451   2.006   7.880   1.00 17.99 ? 111 GLN A C     1 
ATOM   781  O O     . GLN A 1 110 ? 7.515   2.001   8.682   1.00 19.95 ? 111 GLN A O     1 
ATOM   782  C CB    . GLN A 1 110 ? 8.226   3.959   6.286   1.00 18.06 ? 111 GLN A CB    1 
ATOM   783  C CG    . GLN A 1 110 ? 8.360   3.316   4.937   1.00 15.63 ? 111 GLN A CG    1 
ATOM   784  C CD    . GLN A 1 110 ? 7.443   3.931   3.901   1.00 17.04 ? 111 GLN A CD    1 
ATOM   785  O OE1   . GLN A 1 110 ? 6.525   3.265   3.419   1.00 16.21 ? 111 GLN A OE1   1 
ATOM   786  N NE2   . GLN A 1 110 ? 7.673   5.195   3.553   1.00 14.23 ? 111 GLN A NE2   1 
ATOM   787  N N     . ALA A 1 111 ? 9.014   0.890   7.431   1.00 17.36 ? 112 ALA A N     1 
ATOM   788  C CA    . ALA A 1 111 ? 8.534   -0.417  7.854   1.00 15.99 ? 112 ALA A CA    1 
ATOM   789  C C     . ALA A 1 111 ? 8.861   -0.624  9.325   1.00 15.98 ? 112 ALA A C     1 
ATOM   790  O O     . ALA A 1 111 ? 8.012   -1.025  10.128  1.00 17.62 ? 112 ALA A O     1 
ATOM   791  C CB    . ALA A 1 111 ? 9.182   -1.505  7.013   1.00 17.08 ? 112 ALA A CB    1 
ATOM   792  N N     . ILE A 1 112 ? 10.107  -0.352  9.683   1.00 17.17 ? 113 ILE A N     1 
ATOM   793  C CA    . ILE A 1 112 ? 10.542  -0.520  11.071  1.00 18.87 ? 113 ILE A CA    1 
ATOM   794  C C     . ILE A 1 112 ? 9.903   0.522   11.998  1.00 17.64 ? 113 ILE A C     1 
ATOM   795  O O     . ILE A 1 112 ? 9.468   0.192   13.091  1.00 20.03 ? 113 ILE A O     1 
ATOM   796  C CB    . ILE A 1 112 ? 12.091  -0.494  11.207  1.00 20.37 ? 113 ILE A CB    1 
ATOM   797  C CG1   . ILE A 1 112 ? 12.702  -1.752  10.585  1.00 21.08 ? 113 ILE A CG1   1 
ATOM   798  C CG2   . ILE A 1 112 ? 12.485  -0.437  12.680  1.00 26.95 ? 113 ILE A CG2   1 
ATOM   799  C CD1   . ILE A 1 112 ? 14.073  -1.515  10.005  1.00 25.30 ? 113 ILE A CD1   1 
ATOM   800  N N     . SER A 1 113 ? 9.811   1.762   11.550  1.00 17.51 ? 114 SER A N     1 
ATOM   801  C CA    . SER A 1 113 ? 9.201   2.793   12.364  1.00 18.63 ? 114 SER A CA    1 
ATOM   802  C C     . SER A 1 113 ? 7.750   2.464   12.640  1.00 19.46 ? 114 SER A C     1 
ATOM   803  O O     . SER A 1 113 ? 7.290   2.558   13.784  1.00 21.23 ? 114 SER A O     1 
ATOM   804  C CB    . SER A 1 113 ? 9.294   4.136   11.664  1.00 16.44 ? 114 SER A CB    1 
ATOM   805  O OG    . SER A 1 113 ? 10.645  4.487   11.473  1.00 24.49 ? 114 SER A OG    1 
ATOM   806  N N     . PHE A 1 114 ? 7.028   2.040   11.609  1.00 19.20 ? 115 PHE A N     1 
ATOM   807  C CA    . PHE A 1 114 ? 5.618   1.712   11.771  1.00 18.19 ? 115 PHE A CA    1 
ATOM   808  C C     . PHE A 1 114 ? 5.406   0.625   12.804  1.00 19.61 ? 115 PHE A C     1 
ATOM   809  O O     . PHE A 1 114 ? 4.644   0.789   13.757  1.00 19.90 ? 115 PHE A O     1 
ATOM   810  C CB    . PHE A 1 114 ? 4.999   1.250   10.445  1.00 15.72 ? 115 PHE A CB    1 
ATOM   811  C CG    . PHE A 1 114 ? 3.525   1.025   10.529  1.00 13.22 ? 115 PHE A CG    1 
ATOM   812  C CD1   . PHE A 1 114 ? 3.019   -0.148  11.074  1.00 12.16 ? 115 PHE A CD1   1 
ATOM   813  C CD2   . PHE A 1 114 ? 2.638   2.022   10.122  1.00 16.64 ? 115 PHE A CD2   1 
ATOM   814  C CE1   . PHE A 1 114 ? 1.645   -0.335  11.222  1.00 17.53 ? 115 PHE A CE1   1 
ATOM   815  C CE2   . PHE A 1 114 ? 1.264   1.852   10.260  1.00 17.58 ? 115 PHE A CE2   1 
ATOM   816  C CZ    . PHE A 1 114 ? 0.765   0.666   10.815  1.00 15.81 ? 115 PHE A CZ    1 
ATOM   817  N N     . GLU A 1 115 ? 6.065   -0.503  12.601  1.00 20.65 ? 116 GLU A N     1 
ATOM   818  C CA    . GLU A 1 115 ? 5.899   -1.616  13.503  1.00 21.89 ? 116 GLU A CA    1 
ATOM   819  C C     . GLU A 1 115 ? 6.369   -1.331  14.908  1.00 23.16 ? 116 GLU A C     1 
ATOM   820  O O     . GLU A 1 115 ? 5.819   -1.872  15.853  1.00 24.08 ? 116 GLU A O     1 
ATOM   821  C CB    . GLU A 1 115 ? 6.570   -2.855  12.941  1.00 24.25 ? 116 GLU A CB    1 
ATOM   822  C CG    . GLU A 1 115 ? 5.877   -3.378  11.696  1.00 24.21 ? 116 GLU A CG    1 
ATOM   823  C CD    . GLU A 1 115 ? 6.020   -4.863  11.564  1.00 23.69 ? 116 GLU A CD    1 
ATOM   824  O OE1   . GLU A 1 115 ? 7.167   -5.340  11.613  1.00 28.62 ? 116 GLU A OE1   1 
ATOM   825  O OE2   . GLU A 1 115 ? 4.993   -5.553  11.429  1.00 21.23 ? 116 GLU A OE2   1 
ATOM   826  N N     . ARG A 1 116 ? 7.341   -0.444  15.064  1.00 23.73 ? 117 ARG A N     1 
ATOM   827  C CA    . ARG A 1 116 ? 7.822   -0.143  16.402  1.00 26.65 ? 117 ARG A CA    1 
ATOM   828  C C     . ARG A 1 116 ? 7.052   0.969   17.140  1.00 25.70 ? 117 ARG A C     1 
ATOM   829  O O     . ARG A 1 116 ? 6.831   0.875   18.350  1.00 27.01 ? 117 ARG A O     1 
ATOM   830  C CB    . ARG A 1 116 ? 9.330   0.117   16.389  1.00 27.83 ? 117 ARG A CB    1 
ATOM   831  C CG    . ARG A 1 116 ? 9.740   1.512   16.093  1.00 29.67 ? 117 ARG A CG    1 
ATOM   832  C CD    . ARG A 1 116 ? 10.560  2.024   17.246  1.00 28.05 ? 117 ARG A CD    1 
ATOM   833  N NE    . ARG A 1 116 ? 11.773  2.666   16.764  1.00 38.46 ? 117 ARG A NE    1 
ATOM   834  C CZ    . ARG A 1 116 ? 11.800  3.689   15.917  1.00 38.42 ? 117 ARG A CZ    1 
ATOM   835  N NH1   . ARG A 1 116 ? 10.679  4.207   15.446  1.00 42.73 ? 117 ARG A NH1   1 
ATOM   836  N NH2   . ARG A 1 116 ? 12.962  4.188   15.526  1.00 47.49 ? 117 ARG A NH2   1 
ATOM   837  N N     . ASP A 1 117 ? 6.574   1.969   16.408  1.00 25.68 ? 118 ASP A N     1 
ATOM   838  C CA    . ASP A 1 117 ? 5.845   3.074   17.013  1.00 25.09 ? 118 ASP A CA    1 
ATOM   839  C C     . ASP A 1 117 ? 4.339   2.968   16.969  1.00 25.60 ? 118 ASP A C     1 
ATOM   840  O O     . ASP A 1 117 ? 3.665   3.485   17.843  1.00 26.33 ? 118 ASP A O     1 
ATOM   841  C CB    . ASP A 1 117 ? 6.254   4.388   16.367  1.00 25.89 ? 118 ASP A CB    1 
ATOM   842  C CG    . ASP A 1 117 ? 7.727   4.680   16.531  1.00 28.72 ? 118 ASP A CG    1 
ATOM   843  O OD1   . ASP A 1 117 ? 8.360   4.102   17.438  1.00 30.70 ? 118 ASP A OD1   1 
ATOM   844  O OD2   . ASP A 1 117 ? 8.254   5.490   15.748  1.00 30.10 ? 118 ASP A OD2   1 
ATOM   845  N N     . ILE A 1 118 ? 3.798   2.300   15.965  1.00 24.76 ? 119 ILE A N     1 
ATOM   846  C CA    . ILE A 1 118 ? 2.355   2.211   15.845  1.00 23.56 ? 119 ILE A CA    1 
ATOM   847  C C     . ILE A 1 118 ? 1.836   0.856   16.247  1.00 23.46 ? 119 ILE A C     1 
ATOM   848  O O     . ILE A 1 118 ? 1.234   0.717   17.311  1.00 23.75 ? 119 ILE A O     1 
ATOM   849  C CB    . ILE A 1 118 ? 1.896   2.615   14.420  1.00 22.94 ? 119 ILE A CB    1 
ATOM   850  C CG1   . ILE A 1 118 ? 2.398   4.039   14.126  1.00 21.16 ? 119 ILE A CG1   1 
ATOM   851  C CG2   . ILE A 1 118 ? 0.366   2.517   14.298  1.00 18.75 ? 119 ILE A CG2   1 
ATOM   852  C CD1   . ILE A 1 118 ? 1.970   4.615   12.789  1.00 27.85 ? 119 ILE A CD1   1 
ATOM   853  N N     . VAL A 1 119 ? 2.092   -0.156  15.427  1.00 22.68 ? 120 VAL A N     1 
ATOM   854  C CA    . VAL A 1 119 ? 1.637   -1.503  15.748  1.00 22.05 ? 120 VAL A CA    1 
ATOM   855  C C     . VAL A 1 119 ? 2.313   -2.527  14.841  1.00 22.51 ? 120 VAL A C     1 
ATOM   856  O O     . VAL A 1 119 ? 2.737   -2.210  13.722  1.00 21.28 ? 120 VAL A O     1 
ATOM   857  C CB    . VAL A 1 119 ? 0.062   -1.627  15.697  1.00 23.58 ? 120 VAL A CB    1 
ATOM   858  C CG1   . VAL A 1 119 ? -0.482  -1.366  14.287  1.00 20.97 ? 120 VAL A CG1   1 
ATOM   859  C CG2   . VAL A 1 119 ? -0.397  -2.983  16.237  1.00 21.58 ? 120 VAL A CG2   1 
ATOM   860  N N     . GLU A 1 120 ? 2.530   -3.721  15.371  1.00 22.29 ? 121 GLU A N     1 
ATOM   861  C CA    . GLU A 1 120 ? 3.143   -4.759  14.578  1.00 23.66 ? 121 GLU A CA    1 
ATOM   862  C C     . GLU A 1 120 ? 2.047   -5.322  13.689  1.00 22.54 ? 121 GLU A C     1 
ATOM   863  O O     . GLU A 1 120 ? 0.945   -5.584  14.161  1.00 23.44 ? 121 GLU A O     1 
ATOM   864  C CB    . GLU A 1 120 ? 3.711   -5.844  15.473  1.00 28.33 ? 121 GLU A CB    1 
ATOM   865  C CG    . GLU A 1 120 ? 4.620   -6.784  14.720  1.00 46.66 ? 121 GLU A CG    1 
ATOM   866  C CD    . GLU A 1 120 ? 5.445   -7.669  15.638  1.00 62.61 ? 121 GLU A CD    1 
ATOM   867  O OE1   . GLU A 1 120 ? 6.374   -7.146  16.309  1.00 68.75 ? 121 GLU A OE1   1 
ATOM   868  O OE2   . GLU A 1 120 ? 5.173   -8.894  15.673  1.00 71.29 ? 121 GLU A OE2   1 
ATOM   869  N N     . SER A 1 121 ? 2.330   -5.479  12.403  1.00 22.53 ? 122 SER A N     1 
ATOM   870  C CA    . SER A 1 121 ? 1.344   -6.003  11.470  1.00 20.84 ? 122 SER A CA    1 
ATOM   871  C C     . SER A 1 121 ? 1.039   -7.483  11.689  1.00 21.04 ? 122 SER A C     1 
ATOM   872  O O     . SER A 1 121 ? 1.854   -8.222  12.250  1.00 21.32 ? 122 SER A O     1 
ATOM   873  C CB    . SER A 1 121 ? 1.830   -5.806  10.042  1.00 20.72 ? 122 SER A CB    1 
ATOM   874  O OG    . SER A 1 121 ? 3.050   -6.494  9.847   1.00 23.78 ? 122 SER A OG    1 
ATOM   875  N N     . LYS A 1 122 ? -0.154  -7.895  11.272  1.00 19.95 ? 123 LYS A N     1 
ATOM   876  C CA    . LYS A 1 122 ? -0.593  -9.281  11.360  1.00 21.23 ? 123 LYS A CA    1 
ATOM   877  C C     . LYS A 1 122 ? 0.177   -10.058 10.302  1.00 22.35 ? 123 LYS A C     1 
ATOM   878  O O     . LYS A 1 122 ? 0.878   -11.028 10.603  1.00 23.20 ? 123 LYS A O     1 
ATOM   879  C CB    . LYS A 1 122 ? -2.070  -9.377  11.031  1.00 24.81 ? 123 LYS A CB    1 
ATOM   880  C CG    . LYS A 1 122 ? -2.999  -9.110  12.174  1.00 33.96 ? 123 LYS A CG    1 
ATOM   881  C CD    . LYS A 1 122 ? -4.432  -9.332  11.696  1.00 47.79 ? 123 LYS A CD    1 
ATOM   882  C CE    . LYS A 1 122 ? -4.535  -10.544 10.746  1.00 53.19 ? 123 LYS A CE    1 
ATOM   883  N NZ    . LYS A 1 122 ? -3.887  -11.794 11.273  1.00 54.77 ? 123 LYS A NZ    1 
ATOM   884  N N     . PHE A 1 123 ? -0.009  -9.657  9.048   1.00 20.48 ? 124 PHE A N     1 
ATOM   885  C CA    . PHE A 1 123 ? 0.689   -10.275 7.941   1.00 19.22 ? 124 PHE A CA    1 
ATOM   886  C C     . PHE A 1 123 ? 0.687   -9.337  6.745   1.00 17.99 ? 124 PHE A C     1 
ATOM   887  O O     . PHE A 1 123 ? 0.015   -8.306  6.745   1.00 17.42 ? 124 PHE A O     1 
ATOM   888  C CB    . PHE A 1 123 ? 0.119   -11.672 7.590   1.00 18.30 ? 124 PHE A CB    1 
ATOM   889  C CG    . PHE A 1 123 ? -1.287  -11.657 7.068   1.00 19.85 ? 124 PHE A CG    1 
ATOM   890  C CD1   . PHE A 1 123 ? -2.367  -11.653 7.942   1.00 16.07 ? 124 PHE A CD1   1 
ATOM   891  C CD2   . PHE A 1 123 ? -1.532  -11.664 5.698   1.00 22.24 ? 124 PHE A CD2   1 
ATOM   892  C CE1   . PHE A 1 123 ? -3.676  -11.653 7.463   1.00 15.27 ? 124 PHE A CE1   1 
ATOM   893  C CE2   . PHE A 1 123 ? -2.836  -11.663 5.209   1.00 23.84 ? 124 PHE A CE2   1 
ATOM   894  C CZ    . PHE A 1 123 ? -3.910  -11.657 6.095   1.00 15.88 ? 124 PHE A CZ    1 
ATOM   895  N N     . ILE A 1 124 ? 1.538   -9.657  5.783   1.00 17.79 ? 125 ILE A N     1 
ATOM   896  C CA    . ILE A 1 124 ? 1.679   -8.904  4.556   1.00 17.96 ? 125 ILE A CA    1 
ATOM   897  C C     . ILE A 1 124 ? 1.044   -9.718  3.416   1.00 18.38 ? 125 ILE A C     1 
ATOM   898  O O     . ILE A 1 124 ? 1.262   -10.933 3.293   1.00 18.29 ? 125 ILE A O     1 
ATOM   899  C CB    . ILE A 1 124 ? 3.187   -8.640  4.217   1.00 16.87 ? 125 ILE A CB    1 
ATOM   900  C CG1   . ILE A 1 124 ? 3.795   -7.592  5.158   1.00 20.33 ? 125 ILE A CG1   1 
ATOM   901  C CG2   . ILE A 1 124 ? 3.337   -8.156  2.782   1.00 12.46 ? 125 ILE A CG2   1 
ATOM   902  C CD1   . ILE A 1 124 ? 4.016   -8.050  6.578   1.00 19.66 ? 125 ILE A CD1   1 
ATOM   903  N N     . LEU A 1 125 ? 0.174   -9.068  2.658   1.00 16.60 ? 126 LEU A N     1 
ATOM   904  C CA    . LEU A 1 125 ? -0.453  -9.682  1.511   1.00 14.95 ? 126 LEU A CA    1 
ATOM   905  C C     . LEU A 1 125 ? 0.338   -9.072  0.347   1.00 15.62 ? 126 LEU A C     1 
ATOM   906  O O     . LEU A 1 125 ? 0.283   -7.859  0.108   1.00 15.49 ? 126 LEU A O     1 
ATOM   907  C CB    . LEU A 1 125 ? -1.908  -9.274  1.458   1.00 14.59 ? 126 LEU A CB    1 
ATOM   908  C CG    . LEU A 1 125 ? -2.779  -10.079 0.518   1.00 23.69 ? 126 LEU A CG    1 
ATOM   909  C CD1   . LEU A 1 125 ? -2.768  -11.548 0.916   1.00 26.69 ? 126 LEU A CD1   1 
ATOM   910  C CD2   . LEU A 1 125 ? -4.169  -9.520  0.647   1.00 27.25 ? 126 LEU A CD2   1 
ATOM   911  N N     . PHE A 1 126 ? 1.139   -9.903  -0.315  1.00 15.39 ? 127 PHE A N     1 
ATOM   912  C CA    . PHE A 1 126 ? 1.987   -9.470  -1.416  1.00 14.71 ? 127 PHE A CA    1 
ATOM   913  C C     . PHE A 1 126 ? 1.471   -9.926  -2.765  1.00 14.83 ? 127 PHE A C     1 
ATOM   914  O O     . PHE A 1 126 ? 1.358   -11.124 -3.022  1.00 14.54 ? 127 PHE A O     1 
ATOM   915  C CB    . PHE A 1 126 ? 3.422   -9.977  -1.210  1.00 14.37 ? 127 PHE A CB    1 
ATOM   916  C CG    . PHE A 1 126 ? 4.368   -9.611  -2.322  1.00 15.83 ? 127 PHE A CG    1 
ATOM   917  C CD1   . PHE A 1 126 ? 4.599   -8.281  -2.650  1.00 16.85 ? 127 PHE A CD1   1 
ATOM   918  C CD2   . PHE A 1 126 ? 5.014   -10.597 -3.048  1.00 18.85 ? 127 PHE A CD2   1 
ATOM   919  C CE1   . PHE A 1 126 ? 5.459   -7.944  -3.689  1.00 19.26 ? 127 PHE A CE1   1 
ATOM   920  C CE2   . PHE A 1 126 ? 5.876   -10.266 -4.090  1.00 17.53 ? 127 PHE A CE2   1 
ATOM   921  C CZ    . PHE A 1 126 ? 6.095   -8.938  -4.409  1.00 17.82 ? 127 PHE A CZ    1 
ATOM   922  N N     . PHE A 1 127 ? 1.185   -8.966  -3.637  1.00 14.15 ? 128 PHE A N     1 
ATOM   923  C CA    . PHE A 1 127 ? 0.701   -9.268  -4.974  1.00 15.49 ? 128 PHE A CA    1 
ATOM   924  C C     . PHE A 1 127 ? 1.868   -9.426  -5.911  1.00 16.96 ? 128 PHE A C     1 
ATOM   925  O O     . PHE A 1 127 ? 2.404   -8.454  -6.432  1.00 18.00 ? 128 PHE A O     1 
ATOM   926  C CB    . PHE A 1 127 ? -0.234  -8.180  -5.465  1.00 16.10 ? 128 PHE A CB    1 
ATOM   927  C CG    . PHE A 1 127 ? -1.575  -8.220  -4.809  1.00 19.60 ? 128 PHE A CG    1 
ATOM   928  C CD1   . PHE A 1 127 ? -2.571  -9.050  -5.297  1.00 26.96 ? 128 PHE A CD1   1 
ATOM   929  C CD2   . PHE A 1 127 ? -1.830  -7.468  -3.669  1.00 20.79 ? 128 PHE A CD2   1 
ATOM   930  C CE1   . PHE A 1 127 ? -3.808  -9.128  -4.646  1.00 27.27 ? 128 PHE A CE1   1 
ATOM   931  C CE2   . PHE A 1 127 ? -3.049  -7.543  -3.023  1.00 21.36 ? 128 PHE A CE2   1 
ATOM   932  C CZ    . PHE A 1 127 ? -4.040  -8.372  -3.508  1.00 19.88 ? 128 PHE A CZ    1 
ATOM   933  N N     . ASP A 1 128 ? 2.280   -10.674 -6.068  1.00 17.32 ? 129 ASP A N     1 
ATOM   934  C CA    . ASP A 1 128 ? 3.390   -11.053 -6.914  1.00 17.40 ? 129 ASP A CA    1 
ATOM   935  C C     . ASP A 1 128 ? 2.937   -10.792 -8.342  1.00 16.82 ? 129 ASP A C     1 
ATOM   936  O O     . ASP A 1 128 ? 2.017   -11.431 -8.829  1.00 17.44 ? 129 ASP A O     1 
ATOM   937  C CB    . ASP A 1 128 ? 3.670   -12.525 -6.690  1.00 21.03 ? 129 ASP A CB    1 
ATOM   938  C CG    . ASP A 1 128 ? 5.114   -12.855 -6.833  1.00 28.52 ? 129 ASP A CG    1 
ATOM   939  O OD1   . ASP A 1 128 ? 5.863   -12.008 -7.361  1.00 38.11 ? 129 ASP A OD1   1 
ATOM   940  O OD2   . ASP A 1 128 ? 5.505   -13.953 -6.399  1.00 38.18 ? 129 ASP A OD2   1 
ATOM   941  N N     . CYS A 1 129 ? 3.606   -9.879  -9.028  1.00 16.32 ? 130 CYS A N     1 
ATOM   942  C CA    . CYS A 1 129 ? 3.171   -9.499  -10.359 1.00 16.01 ? 130 CYS A CA    1 
ATOM   943  C C     . CYS A 1 129 ? 4.281   -9.281  -11.380 1.00 15.17 ? 130 CYS A C     1 
ATOM   944  O O     . CYS A 1 129 ? 5.256   -8.584  -11.099 1.00 17.24 ? 130 CYS A O     1 
ATOM   945  C CB    . CYS A 1 129 ? 2.372   -8.205  -10.210 1.00 14.73 ? 130 CYS A CB    1 
ATOM   946  S SG    . CYS A 1 129 ? 1.190   -7.938  -11.535 1.00 19.87 ? 130 CYS A SG    1 
ATOM   947  N N     . PRO A 1 130 ? 4.171   -9.899  -12.575 1.00 15.84 ? 131 PRO A N     1 
ATOM   948  C CA    . PRO A 1 130 ? 5.222   -9.698  -13.580 1.00 13.70 ? 131 PRO A CA    1 
ATOM   949  C C     . PRO A 1 130 ? 5.158   -8.235  -13.988 1.00 12.94 ? 131 PRO A C     1 
ATOM   950  O O     . PRO A 1 130 ? 4.069   -7.661  -14.080 1.00 13.81 ? 131 PRO A O     1 
ATOM   951  C CB    . PRO A 1 130 ? 4.773   -10.594 -14.737 1.00 12.66 ? 131 PRO A CB    1 
ATOM   952  C CG    . PRO A 1 130 ? 3.960   -11.643 -14.085 1.00 14.26 ? 131 PRO A CG    1 
ATOM   953  C CD    . PRO A 1 130 ? 3.166   -10.860 -13.065 1.00 16.51 ? 131 PRO A CD    1 
ATOM   954  N N     . GLU A 1 131 ? 6.299   -7.648  -14.312 1.00 12.84 ? 132 GLU A N     1 
ATOM   955  C CA    . GLU A 1 131 ? 6.324   -6.247  -14.693 1.00 12.26 ? 132 GLU A CA    1 
ATOM   956  C C     . GLU A 1 131 ? 5.608   -5.905  -15.969 1.00 13.65 ? 132 GLU A C     1 
ATOM   957  O O     . GLU A 1 131 ? 5.047   -4.827  -16.080 1.00 15.14 ? 132 GLU A O     1 
ATOM   958  C CB    . GLU A 1 131 ? 7.742   -5.732  -14.782 1.00 15.32 ? 132 GLU A CB    1 
ATOM   959  C CG    . GLU A 1 131 ? 7.816   -4.236  -14.911 1.00 16.80 ? 132 GLU A CG    1 
ATOM   960  C CD    . GLU A 1 131 ? 9.212   -3.774  -15.182 1.00 15.91 ? 132 GLU A CD    1 
ATOM   961  O OE1   . GLU A 1 131 ? 10.013  -3.711  -14.228 1.00 14.30 ? 132 GLU A OE1   1 
ATOM   962  O OE2   . GLU A 1 131 ? 9.503   -3.485  -16.354 1.00 14.11 ? 132 GLU A OE2   1 
ATOM   963  N N     . ASP A 1 132 ? 5.647   -6.789  -16.955 1.00 13.06 ? 133 ASP A N     1 
ATOM   964  C CA    . ASP A 1 132 ? 4.959   -6.505  -18.209 1.00 12.40 ? 133 ASP A CA    1 
ATOM   965  C C     . ASP A 1 132 ? 3.457   -6.405  -17.969 1.00 12.33 ? 133 ASP A C     1 
ATOM   966  O O     . ASP A 1 132 ? 2.769   -5.651  -18.642 1.00 12.93 ? 133 ASP A O     1 
ATOM   967  C CB    . ASP A 1 132 ? 5.270   -7.568  -19.265 1.00 13.34 ? 133 ASP A CB    1 
ATOM   968  C CG    . ASP A 1 132 ? 5.063   -8.981  -18.759 1.00 14.93 ? 133 ASP A CG    1 
ATOM   969  O OD1   . ASP A 1 132 ? 5.672   -9.362  -17.743 1.00 17.94 ? 133 ASP A OD1   1 
ATOM   970  O OD2   . ASP A 1 132 ? 4.302   -9.726  -19.384 1.00 15.92 ? 133 ASP A OD2   1 
ATOM   971  N N     . ILE A 1 133 ? 2.958   -7.150  -16.991 1.00 12.53 ? 134 ILE A N     1 
ATOM   972  C CA    . ILE A 1 133 ? 1.540   -7.125  -16.666 1.00 12.47 ? 134 ILE A CA    1 
ATOM   973  C C     . ILE A 1 133 ? 1.229   -5.803  -15.971 1.00 13.39 ? 134 ILE A C     1 
ATOM   974  O O     . ILE A 1 133 ? 0.263   -5.121  -16.317 1.00 14.24 ? 134 ILE A O     1 
ATOM   975  C CB    . ILE A 1 133 ? 1.161   -8.285  -15.738 1.00 14.77 ? 134 ILE A CB    1 
ATOM   976  C CG1   . ILE A 1 133 ? 1.455   -9.631  -16.412 1.00 18.80 ? 134 ILE A CG1   1 
ATOM   977  C CG2   . ILE A 1 133 ? -0.300  -8.187  -15.355 1.00 16.29 ? 134 ILE A CG2   1 
ATOM   978  C CD1   . ILE A 1 133 ? 0.755   -9.820  -17.730 1.00 20.59 ? 134 ILE A CD1   1 
ATOM   979  N N     . MET A 1 134 ? 2.050   -5.442  -14.990 1.00 12.81 ? 135 MET A N     1 
ATOM   980  C CA    . MET A 1 134 ? 1.871   -4.188  -14.282 1.00 13.49 ? 135 MET A CA    1 
ATOM   981  C C     . MET A 1 134 ? 1.932   -3.030  -15.269 1.00 14.08 ? 135 MET A C     1 
ATOM   982  O O     . MET A 1 134 ? 1.113   -2.119  -15.210 1.00 14.99 ? 135 MET A O     1 
ATOM   983  C CB    . MET A 1 134 ? 2.948   -4.007  -13.218 1.00 9.92  ? 135 MET A CB    1 
ATOM   984  C CG    . MET A 1 134 ? 2.826   -4.984  -12.095 1.00 11.20 ? 135 MET A CG    1 
ATOM   985  S SD    . MET A 1 134 ? 3.937   -4.583  -10.780 1.00 19.18 ? 135 MET A SD    1 
ATOM   986  C CE    . MET A 1 134 ? 5.481   -5.031  -11.440 1.00 13.66 ? 135 MET A CE    1 
ATOM   987  N N     . LEU A 1 135 ? 2.850   -3.104  -16.224 1.00 14.35 ? 136 LEU A N     1 
ATOM   988  C CA    . LEU A 1 135 ? 3.009   -2.041  -17.212 1.00 15.35 ? 136 LEU A CA    1 
ATOM   989  C C     . LEU A 1 135 ? 1.779   -1.830  -18.089 1.00 16.06 ? 136 LEU A C     1 
ATOM   990  O O     . LEU A 1 135 ? 1.348   -0.694  -18.296 1.00 14.96 ? 136 LEU A O     1 
ATOM   991  C CB    . LEU A 1 135 ? 4.248   -2.293  -18.075 1.00 14.28 ? 136 LEU A CB    1 
ATOM   992  C CG    . LEU A 1 135 ? 4.554   -1.237  -19.135 1.00 20.47 ? 136 LEU A CG    1 
ATOM   993  C CD1   . LEU A 1 135 ? 4.839   0.123   -18.489 1.00 20.03 ? 136 LEU A CD1   1 
ATOM   994  C CD2   . LEU A 1 135 ? 5.760   -1.705  -19.926 1.00 24.71 ? 136 LEU A CD2   1 
ATOM   995  N N     . GLU A 1 136 ? 1.206   -2.913  -18.606 1.00 16.63 ? 137 GLU A N     1 
ATOM   996  C CA    . GLU A 1 136 ? 0.027   -2.778  -19.441 1.00 18.91 ? 137 GLU A CA    1 
ATOM   997  C C     . GLU A 1 136 ? -1.161  -2.234  -18.655 1.00 17.84 ? 137 GLU A C     1 
ATOM   998  O O     . GLU A 1 136 ? -1.928  -1.435  -19.185 1.00 19.64 ? 137 GLU A O     1 
ATOM   999  C CB    . GLU A 1 136 ? -0.328  -4.090  -20.117 1.00 25.10 ? 137 GLU A CB    1 
ATOM   1000 C CG    . GLU A 1 136 ? -0.666  -5.217  -19.177 1.00 41.23 ? 137 GLU A CG    1 
ATOM   1001 C CD    . GLU A 1 136 ? -1.069  -6.467  -19.929 1.00 50.05 ? 137 GLU A CD    1 
ATOM   1002 O OE1   . GLU A 1 136 ? -0.261  -6.932  -20.775 1.00 55.45 ? 137 GLU A OE1   1 
ATOM   1003 O OE2   . GLU A 1 136 ? -2.194  -6.965  -19.686 1.00 50.43 ? 137 GLU A OE2   1 
ATOM   1004 N N     . ARG A 1 137 ? -1.302  -2.646  -17.396 1.00 16.66 ? 138 ARG A N     1 
ATOM   1005 C CA    . ARG A 1 137 ? -2.391  -2.141  -16.550 1.00 16.03 ? 138 ARG A CA    1 
ATOM   1006 C C     . ARG A 1 137 ? -2.255  -0.649  -16.242 1.00 15.73 ? 138 ARG A C     1 
ATOM   1007 O O     . ARG A 1 137 ? -3.251  0.066   -16.193 1.00 16.99 ? 138 ARG A O     1 
ATOM   1008 C CB    . ARG A 1 137 ? -2.471  -2.922  -15.250 1.00 13.47 ? 138 ARG A CB    1 
ATOM   1009 C CG    . ARG A 1 137 ? -2.979  -4.319  -15.454 1.00 15.06 ? 138 ARG A CG    1 
ATOM   1010 C CD    . ARG A 1 137 ? -2.997  -5.045  -14.147 1.00 15.15 ? 138 ARG A CD    1 
ATOM   1011 N NE    . ARG A 1 137 ? -3.302  -6.451  -14.338 1.00 13.85 ? 138 ARG A NE    1 
ATOM   1012 C CZ    . ARG A 1 137 ? -3.253  -7.351  -13.368 1.00 17.26 ? 138 ARG A CZ    1 
ATOM   1013 N NH1   . ARG A 1 137 ? -2.913  -6.976  -12.142 1.00 19.87 ? 138 ARG A NH1   1 
ATOM   1014 N NH2   . ARG A 1 137 ? -3.524  -8.621  -13.633 1.00 16.71 ? 138 ARG A NH2   1 
ATOM   1015 N N     . LEU A 1 138 ? -1.031  -0.177  -16.031 1.00 15.85 ? 139 LEU A N     1 
ATOM   1016 C CA    . LEU A 1 138 ? -0.794  1.230   -15.738 1.00 14.39 ? 139 LEU A CA    1 
ATOM   1017 C C     . LEU A 1 138 ? -1.003  2.117   -16.953 1.00 16.68 ? 139 LEU A C     1 
ATOM   1018 O O     . LEU A 1 138 ? -1.477  3.248   -16.828 1.00 16.47 ? 139 LEU A O     1 
ATOM   1019 C CB    . LEU A 1 138 ? 0.610   1.438   -15.176 1.00 14.25 ? 139 LEU A CB    1 
ATOM   1020 C CG    . LEU A 1 138 ? 0.836   0.917   -13.749 1.00 16.83 ? 139 LEU A CG    1 
ATOM   1021 C CD1   . LEU A 1 138 ? 2.301   1.093   -13.336 1.00 16.20 ? 139 LEU A CD1   1 
ATOM   1022 C CD2   . LEU A 1 138 ? -0.069  1.621   -12.766 1.00 11.23 ? 139 LEU A CD2   1 
ATOM   1023 N N     . LEU A 1 139 ? -0.633  1.628   -18.132 1.00 18.05 ? 140 LEU A N     1 
ATOM   1024 C CA    . LEU A 1 139 ? -0.828  2.417   -19.348 1.00 20.40 ? 140 LEU A CA    1 
ATOM   1025 C C     . LEU A 1 139 ? -2.323  2.524   -19.613 1.00 22.42 ? 140 LEU A C     1 
ATOM   1026 O O     . LEU A 1 139 ? -2.816  3.585   -19.988 1.00 23.30 ? 140 LEU A O     1 
ATOM   1027 C CB    . LEU A 1 139 ? -0.102  1.792   -20.535 1.00 19.48 ? 140 LEU A CB    1 
ATOM   1028 C CG    . LEU A 1 139 ? 1.423   1.920   -20.440 1.00 25.06 ? 140 LEU A CG    1 
ATOM   1029 C CD1   . LEU A 1 139 ? 2.090   1.138   -21.549 1.00 22.90 ? 140 LEU A CD1   1 
ATOM   1030 C CD2   . LEU A 1 139 ? 1.838   3.386   -20.469 1.00 24.53 ? 140 LEU A CD2   1 
ATOM   1031 N N     . GLU A 1 140 ? -3.041  1.427   -19.381 1.00 23.11 ? 141 GLU A N     1 
ATOM   1032 C CA    . GLU A 1 140 ? -4.487  1.414   -19.542 1.00 25.24 ? 141 GLU A CA    1 
ATOM   1033 C C     . GLU A 1 140 ? -5.115  2.354   -18.512 1.00 25.03 ? 141 GLU A C     1 
ATOM   1034 O O     . GLU A 1 140 ? -6.012  3.134   -18.839 1.00 26.69 ? 141 GLU A O     1 
ATOM   1035 C CB    . GLU A 1 140 ? -5.040  0.001   -19.352 1.00 28.43 ? 141 GLU A CB    1 
ATOM   1036 C CG    . GLU A 1 140 ? -5.247  -0.756  -20.652 1.00 47.17 ? 141 GLU A CG    1 
ATOM   1037 C CD    . GLU A 1 140 ? -6.141  -0.001  -21.641 1.00 59.18 ? 141 GLU A CD    1 
ATOM   1038 O OE1   . GLU A 1 140 ? -7.311  0.304   -21.298 1.00 63.51 ? 141 GLU A OE1   1 
ATOM   1039 O OE2   . GLU A 1 140 ? -5.664  0.291   -22.761 1.00 62.37 ? 141 GLU A OE2   1 
ATOM   1040 N N     . ARG A 1 141 ? -4.626  2.293   -17.275 1.00 23.25 ? 142 ARG A N     1 
ATOM   1041 C CA    . ARG A 1 141 ? -5.125  3.145   -16.202 1.00 22.44 ? 142 ARG A CA    1 
ATOM   1042 C C     . ARG A 1 141 ? -4.825  4.604   -16.498 1.00 23.35 ? 142 ARG A C     1 
ATOM   1043 O O     . ARG A 1 141 ? -5.632  5.471   -16.198 1.00 23.89 ? 142 ARG A O     1 
ATOM   1044 C CB    . ARG A 1 141 ? -4.516  2.760   -14.858 1.00 16.64 ? 142 ARG A CB    1 
ATOM   1045 C CG    . ARG A 1 141 ? -5.287  3.321   -13.678 1.00 17.85 ? 142 ARG A CG    1 
ATOM   1046 C CD    . ARG A 1 141 ? -4.759  2.797   -12.369 1.00 17.84 ? 142 ARG A CD    1 
ATOM   1047 N NE    . ARG A 1 141 ? -3.510  3.451   -12.016 1.00 14.87 ? 142 ARG A NE    1 
ATOM   1048 C CZ    . ARG A 1 141 ? -2.761  3.131   -10.971 1.00 14.98 ? 142 ARG A CZ    1 
ATOM   1049 N NH1   . ARG A 1 141 ? -3.125  2.148   -10.152 1.00 14.05 ? 142 ARG A NH1   1 
ATOM   1050 N NH2   . ARG A 1 141 ? -1.636  3.792   -10.755 1.00 12.33 ? 142 ARG A NH2   1 
ATOM   1051 N N     . GLY A 1 142 ? -3.667  4.875   -17.086 1.00 24.60 ? 143 GLY A N     1 
ATOM   1052 C CA    . GLY A 1 142 ? -3.309  6.239   -17.419 1.00 28.80 ? 143 GLY A CA    1 
ATOM   1053 C C     . GLY A 1 142 ? -4.332  6.847   -18.358 1.00 33.00 ? 143 GLY A C     1 
ATOM   1054 O O     . GLY A 1 142 ? -4.743  7.993   -18.186 1.00 34.59 ? 143 GLY A O     1 
ATOM   1055 N N     . LYS A 1 143 ? -4.761  6.067   -19.343 1.00 35.76 ? 144 LYS A N     1 
ATOM   1056 C CA    . LYS A 1 143 ? -5.760  6.524   -20.314 1.00 39.71 ? 144 LYS A CA    1 
ATOM   1057 C C     . LYS A 1 143 ? -7.140  6.661   -19.668 1.00 40.03 ? 144 LYS A C     1 
ATOM   1058 O O     . LYS A 1 143 ? -7.857  7.635   -19.906 1.00 40.78 ? 144 LYS A O     1 
ATOM   1059 C CB    . LYS A 1 143 ? -5.867  5.542   -21.496 1.00 42.24 ? 144 LYS A CB    1 
ATOM   1060 C CG    . LYS A 1 143 ? -4.698  5.558   -22.469 1.00 49.24 ? 144 LYS A CG    1 
ATOM   1061 C CD    . LYS A 1 143 ? -5.077  4.900   -23.807 1.00 58.91 ? 144 LYS A CD    1 
ATOM   1062 C CE    . LYS A 1 143 ? -5.233  3.373   -23.723 1.00 61.06 ? 144 LYS A CE    1 
ATOM   1063 N NZ    . LYS A 1 143 ? -3.921  2.640   -23.664 1.00 62.64 ? 144 LYS A NZ    1 
ATOM   1064 N N     . THR A 1 144 ? -7.516  5.652   -18.887 1.00 39.90 ? 145 THR A N     1 
ATOM   1065 C CA    . THR A 1 144 ? -8.803  5.628   -18.211 1.00 39.70 ? 145 THR A CA    1 
ATOM   1066 C C     . THR A 1 144 ? -8.956  6.759   -17.190 1.00 39.22 ? 145 THR A C     1 
ATOM   1067 O O     . THR A 1 144 ? -9.824  7.619   -17.342 1.00 39.68 ? 145 THR A O     1 
ATOM   1068 C CB    . THR A 1 144 ? -9.041  4.259   -17.499 1.00 42.35 ? 145 THR A CB    1 
ATOM   1069 O OG1   . THR A 1 144 ? -8.935  3.188   -18.450 1.00 48.00 ? 145 THR A OG1   1 
ATOM   1070 C CG2   . THR A 1 144 ? -10.432 4.219   -16.857 1.00 48.18 ? 145 THR A CG2   1 
ATOM   1071 N N     . SER A 1 145 ? -8.082  6.790   -16.189 1.00 37.14 ? 146 SER A N     1 
ATOM   1072 C CA    . SER A 1 145 ? -8.174  7.786   -15.139 1.00 35.66 ? 146 SER A CA    1 
ATOM   1073 C C     . SER A 1 145 ? -7.348  9.062   -15.238 1.00 35.64 ? 146 SER A C     1 
ATOM   1074 O O     . SER A 1 145 ? -7.674  10.062  -14.593 1.00 36.87 ? 146 SER A O     1 
ATOM   1075 C CB    . SER A 1 145 ? -7.955  7.115   -13.788 1.00 35.98 ? 146 SER A CB    1 
ATOM   1076 O OG    . SER A 1 145 ? -8.987  6.175   -13.549 1.00 39.34 ? 146 SER A OG    1 
ATOM   1077 N N     . GLY A 1 146 ? -6.271  9.045   -16.005 1.00 34.23 ? 147 GLY A N     1 
ATOM   1078 C CA    . GLY A 1 146 ? -5.470  10.251  -16.115 1.00 34.41 ? 147 GLY A CA    1 
ATOM   1079 C C     . GLY A 1 146 ? -4.689  10.691  -14.875 1.00 34.08 ? 147 GLY A C     1 
ATOM   1080 O O     . GLY A 1 146 ? -4.504  11.899  -14.649 1.00 34.94 ? 147 GLY A O     1 
ATOM   1081 N N     . ARG A 1 147 ? -4.231  9.729   -14.068 1.00 31.72 ? 148 ARG A N     1 
ATOM   1082 C CA    . ARG A 1 147 ? -3.425  10.035  -12.880 1.00 27.43 ? 148 ARG A CA    1 
ATOM   1083 C C     . ARG A 1 147 ? -2.132  10.603  -13.428 1.00 26.21 ? 148 ARG A C     1 
ATOM   1084 O O     . ARG A 1 147 ? -1.570  10.057  -14.384 1.00 25.26 ? 148 ARG A O     1 
ATOM   1085 C CB    . ARG A 1 147 ? -3.106  8.761   -12.102 1.00 23.28 ? 148 ARG A CB    1 
ATOM   1086 C CG    . ARG A 1 147 ? -3.439  8.837   -10.650 1.00 23.65 ? 148 ARG A CG    1 
ATOM   1087 C CD    . ARG A 1 147 ? -3.233  7.493   -9.995  1.00 25.14 ? 148 ARG A CD    1 
ATOM   1088 N NE    . ARG A 1 147 ? -1.825  7.205   -9.735  1.00 22.15 ? 148 ARG A NE    1 
ATOM   1089 C CZ    . ARG A 1 147 ? -1.407  6.308   -8.848  1.00 16.62 ? 148 ARG A CZ    1 
ATOM   1090 N NH1   . ARG A 1 147 ? -2.299  5.621   -8.149  1.00 17.29 ? 148 ARG A NH1   1 
ATOM   1091 N NH2   . ARG A 1 147 ? -0.111  6.069   -8.678  1.00 14.92 ? 148 ARG A NH2   1 
ATOM   1092 N N     . SER A 1 148 ? -1.631  11.659  -12.807 1.00 26.09 ? 149 SER A N     1 
ATOM   1093 C CA    . SER A 1 148 ? -0.406  12.307  -13.266 1.00 25.69 ? 149 SER A CA    1 
ATOM   1094 C C     . SER A 1 148 ? 0.800   11.381  -13.486 1.00 24.17 ? 149 SER A C     1 
ATOM   1095 O O     . SER A 1 148 ? 1.469   11.473  -14.517 1.00 27.55 ? 149 SER A O     1 
ATOM   1096 C CB    . SER A 1 148 ? -0.015  13.438  -12.311 1.00 26.51 ? 149 SER A CB    1 
ATOM   1097 O OG    . SER A 1 148 ? 0.480   12.925  -11.087 1.00 37.30 ? 149 SER A OG    1 
ATOM   1098 N N     . ASP A 1 149 ? 1.081   10.509  -12.521 1.00 21.39 ? 150 ASP A N     1 
ATOM   1099 C CA    . ASP A 1 149 ? 2.210   9.590   -12.604 1.00 18.25 ? 150 ASP A CA    1 
ATOM   1100 C C     . ASP A 1 149 ? 2.009   8.336   -13.460 1.00 17.15 ? 150 ASP A C     1 
ATOM   1101 O O     . ASP A 1 149 ? 2.907   7.504   -13.563 1.00 17.41 ? 150 ASP A O     1 
ATOM   1102 C CB    . ASP A 1 149 ? 2.692   9.200   -11.201 1.00 16.68 ? 150 ASP A CB    1 
ATOM   1103 C CG    . ASP A 1 149 ? 1.611   8.503   -10.363 1.00 14.35 ? 150 ASP A CG    1 
ATOM   1104 O OD1   . ASP A 1 149 ? 0.410   8.685   -10.627 1.00 18.09 ? 150 ASP A OD1   1 
ATOM   1105 O OD2   . ASP A 1 149 ? 1.965   7.788   -9.417  1.00 13.54 ? 150 ASP A OD2   1 
ATOM   1106 N N     . ASP A 1 150 ? 0.853   8.200   -14.091 1.00 16.78 ? 151 ASP A N     1 
ATOM   1107 C CA    . ASP A 1 150 ? 0.609   7.035   -14.926 1.00 17.66 ? 151 ASP A CA    1 
ATOM   1108 C C     . ASP A 1 150 ? 1.060   7.282   -16.357 1.00 17.97 ? 151 ASP A C     1 
ATOM   1109 O O     . ASP A 1 150 ? 0.343   7.008   -17.312 1.00 20.13 ? 151 ASP A O     1 
ATOM   1110 C CB    . ASP A 1 150 ? -0.862  6.632   -14.885 1.00 15.81 ? 151 ASP A CB    1 
ATOM   1111 C CG    . ASP A 1 150 ? -1.216  5.844   -13.639 1.00 17.98 ? 151 ASP A CG    1 
ATOM   1112 O OD1   . ASP A 1 150 ? -0.301  5.380   -12.927 1.00 15.96 ? 151 ASP A OD1   1 
ATOM   1113 O OD2   . ASP A 1 150 ? -2.419  5.681   -13.382 1.00 18.91 ? 151 ASP A OD2   1 
ATOM   1114 N N     . ASN A 1 151 ? 2.267   7.802   -16.482 1.00 18.05 ? 152 ASN A N     1 
ATOM   1115 C CA    . ASN A 1 151 ? 2.876   8.104   -17.768 1.00 18.86 ? 152 ASN A CA    1 
ATOM   1116 C C     . ASN A 1 151 ? 4.124   7.233   -17.801 1.00 18.58 ? 152 ASN A C     1 
ATOM   1117 O O     . ASN A 1 151 ? 4.702   6.954   -16.755 1.00 19.67 ? 152 ASN A O     1 
ATOM   1118 C CB    . ASN A 1 151 ? 3.231   9.602   -17.860 1.00 19.05 ? 152 ASN A CB    1 
ATOM   1119 C CG    . ASN A 1 151 ? 4.311   10.022  -16.873 1.00 21.80 ? 152 ASN A CG    1 
ATOM   1120 O OD1   . ASN A 1 151 ? 5.495   9.811   -17.117 1.00 27.50 ? 152 ASN A OD1   1 
ATOM   1121 N ND2   . ASN A 1 151 ? 3.910   10.637  -15.767 1.00 20.93 ? 152 ASN A ND2   1 
ATOM   1122 N N     . ILE A 1 152 ? 4.560   6.828   -18.988 1.00 19.99 ? 153 ILE A N     1 
ATOM   1123 C CA    . ILE A 1 152 ? 5.715   5.938   -19.105 1.00 20.83 ? 153 ILE A CA    1 
ATOM   1124 C C     . ILE A 1 152 ? 6.995   6.379   -18.395 1.00 20.43 ? 153 ILE A C     1 
ATOM   1125 O O     . ILE A 1 152 ? 7.674   5.551   -17.789 1.00 21.14 ? 153 ILE A O     1 
ATOM   1126 C CB    . ILE A 1 152 ? 6.003   5.543   -20.591 1.00 23.40 ? 153 ILE A CB    1 
ATOM   1127 C CG1   . ILE A 1 152 ? 7.062   4.437   -20.648 1.00 22.67 ? 153 ILE A CG1   1 
ATOM   1128 C CG2   . ILE A 1 152 ? 6.406   6.755   -21.409 1.00 21.59 ? 153 ILE A CG2   1 
ATOM   1129 C CD1   . ILE A 1 152 ? 6.611   3.127   -20.018 1.00 22.99 ? 153 ILE A CD1   1 
ATOM   1130 N N     . GLU A 1 153 ? 7.301   7.669   -18.414 1.00 19.59 ? 154 GLU A N     1 
ATOM   1131 C CA    . GLU A 1 153 ? 8.512   8.145   -17.761 1.00 20.65 ? 154 GLU A CA    1 
ATOM   1132 C C     . GLU A 1 153 ? 8.455   7.905   -16.247 1.00 17.04 ? 154 GLU A C     1 
ATOM   1133 O O     . GLU A 1 153 ? 9.382   7.351   -15.665 1.00 16.73 ? 154 GLU A O     1 
ATOM   1134 C CB    . GLU A 1 153 ? 8.731   9.628   -18.071 1.00 26.37 ? 154 GLU A CB    1 
ATOM   1135 C CG    . GLU A 1 153 ? 10.170  10.108  -17.853 1.00 48.65 ? 154 GLU A CG    1 
ATOM   1136 C CD    . GLU A 1 153 ? 10.317  11.643  -17.817 1.00 60.09 ? 154 GLU A CD    1 
ATOM   1137 O OE1   . GLU A 1 153 ? 9.463   12.358  -18.408 1.00 62.84 ? 154 GLU A OE1   1 
ATOM   1138 O OE2   . GLU A 1 153 ? 11.294  12.129  -17.188 1.00 58.87 ? 154 GLU A OE2   1 
ATOM   1139 N N     . SER A 1 154 ? 7.355   8.293   -15.619 1.00 17.12 ? 155 SER A N     1 
ATOM   1140 C CA    . SER A 1 154 ? 7.196   8.107   -14.181 1.00 15.78 ? 155 SER A CA    1 
ATOM   1141 C C     . SER A 1 154 ? 7.008   6.630   -13.832 1.00 15.39 ? 155 SER A C     1 
ATOM   1142 O O     . SER A 1 154 ? 7.426   6.181   -12.766 1.00 15.32 ? 155 SER A O     1 
ATOM   1143 C CB    . SER A 1 154 ? 6.002   8.914   -13.665 1.00 16.92 ? 155 SER A CB    1 
ATOM   1144 O OG    . SER A 1 154 ? 6.182   10.303  -13.896 1.00 21.22 ? 155 SER A OG    1 
ATOM   1145 N N     . ILE A 1 155 ? 6.368   5.885   -14.729 1.00 15.85 ? 156 ILE A N     1 
ATOM   1146 C CA    . ILE A 1 155 ? 6.133   4.460   -14.519 1.00 15.48 ? 156 ILE A CA    1 
ATOM   1147 C C     . ILE A 1 155 ? 7.463   3.707   -14.429 1.00 16.11 ? 156 ILE A C     1 
ATOM   1148 O O     . ILE A 1 155 ? 7.636   2.859   -13.562 1.00 15.70 ? 156 ILE A O     1 
ATOM   1149 C CB    . ILE A 1 155 ? 5.236   3.881   -15.620 1.00 16.87 ? 156 ILE A CB    1 
ATOM   1150 C CG1   . ILE A 1 155 ? 3.800   4.363   -15.416 1.00 12.28 ? 156 ILE A CG1   1 
ATOM   1151 C CG2   . ILE A 1 155 ? 5.340   2.355   -15.650 1.00 16.38 ? 156 ILE A CG2   1 
ATOM   1152 C CD1   . ILE A 1 155 ? 2.891   4.044   -16.584 1.00 14.80 ? 156 ILE A CD1   1 
ATOM   1153 N N     . LYS A 1 156 ? 8.416   4.031   -15.303 1.00 15.93 ? 157 LYS A N     1 
ATOM   1154 C CA    . LYS A 1 156 ? 9.726   3.381   -15.253 1.00 14.58 ? 157 LYS A CA    1 
ATOM   1155 C C     . LYS A 1 156 ? 10.393  3.664   -13.912 1.00 15.36 ? 157 LYS A C     1 
ATOM   1156 O O     . LYS A 1 156 ? 10.989  2.766   -13.317 1.00 14.75 ? 157 LYS A O     1 
ATOM   1157 C CB    . LYS A 1 156 ? 10.627  3.898   -16.365 1.00 15.67 ? 157 LYS A CB    1 
ATOM   1158 C CG    . LYS A 1 156 ? 10.185  3.516   -17.752 1.00 18.07 ? 157 LYS A CG    1 
ATOM   1159 C CD    . LYS A 1 156 ? 11.187  4.067   -18.728 1.00 20.95 ? 157 LYS A CD    1 
ATOM   1160 C CE    . LYS A 1 156 ? 10.766  3.838   -20.130 1.00 22.15 ? 157 LYS A CE    1 
ATOM   1161 N NZ    . LYS A 1 156 ? 11.849  4.354   -20.984 1.00 24.31 ? 157 LYS A NZ    1 
ATOM   1162 N N     . LYS A 1 157 ? 10.307  4.917   -13.450 1.00 14.47 ? 158 LYS A N     1 
ATOM   1163 C CA    . LYS A 1 157 ? 10.872  5.313   -12.164 1.00 14.25 ? 158 LYS A CA    1 
ATOM   1164 C C     . LYS A 1 157 ? 10.200  4.567   -11.004 1.00 12.92 ? 158 LYS A C     1 
ATOM   1165 O O     . LYS A 1 157 ? 10.867  4.170   -10.053 1.00 13.64 ? 158 LYS A O     1 
ATOM   1166 C CB    . LYS A 1 157 ? 10.734  6.816   -11.976 1.00 16.49 ? 158 LYS A CB    1 
ATOM   1167 C CG    . LYS A 1 157 ? 11.537  7.561   -12.997 1.00 21.67 ? 158 LYS A CG    1 
ATOM   1168 C CD    . LYS A 1 157 ? 11.375  9.043   -12.874 1.00 24.87 ? 158 LYS A CD    1 
ATOM   1169 C CE    . LYS A 1 157 ? 12.115  9.701   -14.007 1.00 29.97 ? 158 LYS A CE    1 
ATOM   1170 N NZ    . LYS A 1 157 ? 11.808  11.147  -14.103 1.00 40.99 ? 158 LYS A NZ    1 
ATOM   1171 N N     . ARG A 1 158 ? 8.880   4.390   -11.081 1.00 13.07 ? 159 ARG A N     1 
ATOM   1172 C CA    . ARG A 1 158 ? 8.120   3.660   -10.060 1.00 11.83 ? 159 ARG A CA    1 
ATOM   1173 C C     . ARG A 1 158 ? 8.540   2.185   -10.015 1.00 12.27 ? 159 ARG A C     1 
ATOM   1174 O O     . ARG A 1 158 ? 8.715   1.628   -8.929  1.00 13.66 ? 159 ARG A O     1 
ATOM   1175 C CB    . ARG A 1 158 ? 6.618   3.810   -10.315 1.00 11.23 ? 159 ARG A CB    1 
ATOM   1176 C CG    . ARG A 1 158 ? 6.146   5.249   -10.108 1.00 12.41 ? 159 ARG A CG    1 
ATOM   1177 C CD    . ARG A 1 158 ? 4.898   5.518   -10.882 1.00 12.71 ? 159 ARG A CD    1 
ATOM   1178 N NE    . ARG A 1 158 ? 3.770   4.790   -10.327 1.00 10.50 ? 159 ARG A NE    1 
ATOM   1179 C CZ    . ARG A 1 158 ? 2.583   4.717   -10.909 1.00 11.70 ? 159 ARG A CZ    1 
ATOM   1180 N NH1   . ARG A 1 158 ? 2.378   5.309   -12.075 1.00 13.86 ? 159 ARG A NH1   1 
ATOM   1181 N NH2   . ARG A 1 158 ? 1.576   4.140   -10.274 1.00 12.47 ? 159 ARG A NH2   1 
ATOM   1182 N N     . PHE A 1 159 ? 8.735   1.564   -11.182 1.00 12.50 ? 160 PHE A N     1 
ATOM   1183 C CA    . PHE A 1 159 ? 9.194   0.166   -11.254 1.00 12.85 ? 160 PHE A CA    1 
ATOM   1184 C C     . PHE A 1 159 ? 10.590  0.045   -10.641 1.00 13.02 ? 160 PHE A C     1 
ATOM   1185 O O     . PHE A 1 159 ? 10.843  -0.850  -9.845  1.00 14.47 ? 160 PHE A O     1 
ATOM   1186 C CB    . PHE A 1 159 ? 9.229   -0.334  -12.707 1.00 12.68 ? 160 PHE A CB    1 
ATOM   1187 C CG    . PHE A 1 159 ? 7.873   -0.658  -13.284 1.00 14.87 ? 160 PHE A CG    1 
ATOM   1188 C CD1   . PHE A 1 159 ? 6.822   -1.061  -12.466 1.00 16.26 ? 160 PHE A CD1   1 
ATOM   1189 C CD2   . PHE A 1 159 ? 7.650   -0.560  -14.653 1.00 15.05 ? 160 PHE A CD2   1 
ATOM   1190 C CE1   . PHE A 1 159 ? 5.571   -1.356  -13.005 1.00 16.52 ? 160 PHE A CE1   1 
ATOM   1191 C CE2   . PHE A 1 159 ? 6.402   -0.854  -15.199 1.00 13.71 ? 160 PHE A CE2   1 
ATOM   1192 C CZ    . PHE A 1 159 ? 5.366   -1.250  -14.377 1.00 12.71 ? 160 PHE A CZ    1 
ATOM   1193 N N     . ASN A 1 160 ? 11.473  0.995   -10.957 1.00 14.50 ? 161 ASN A N     1 
ATOM   1194 C CA    . ASN A 1 160 ? 12.846  1.002   -10.425 1.00 15.71 ? 161 ASN A CA    1 
ATOM   1195 C C     . ASN A 1 160 ? 12.878  1.102   -8.908  1.00 14.67 ? 161 ASN A C     1 
ATOM   1196 O O     . ASN A 1 160 ? 13.607  0.367   -8.235  1.00 13.31 ? 161 ASN A O     1 
ATOM   1197 C CB    . ASN A 1 160 ? 13.663  2.163   -11.007 1.00 17.31 ? 161 ASN A CB    1 
ATOM   1198 C CG    . ASN A 1 160 ? 13.980  1.974   -12.463 1.00 21.99 ? 161 ASN A CG    1 
ATOM   1199 O OD1   . ASN A 1 160 ? 13.953  0.855   -12.975 1.00 21.38 ? 161 ASN A OD1   1 
ATOM   1200 N ND2   . ASN A 1 160 ? 14.276  3.067   -13.147 1.00 25.13 ? 161 ASN A ND2   1 
ATOM   1201 N N     . THR A 1 161 ? 12.099  2.042   -8.383  1.00 14.98 ? 162 THR A N     1 
ATOM   1202 C CA    . THR A 1 161 ? 11.989  2.272   -6.950  1.00 14.56 ? 162 THR A CA    1 
ATOM   1203 C C     . THR A 1 161 ? 11.428  1.023   -6.312  1.00 13.94 ? 162 THR A C     1 
ATOM   1204 O O     . THR A 1 161 ? 11.930  0.554   -5.299  1.00 15.26 ? 162 THR A O     1 
ATOM   1205 C CB    . THR A 1 161 ? 11.052  3.461   -6.676  1.00 14.23 ? 162 THR A CB    1 
ATOM   1206 O OG1   . THR A 1 161 ? 11.633  4.640   -7.239  1.00 19.21 ? 162 THR A OG1   1 
ATOM   1207 C CG2   . THR A 1 161 ? 10.834  3.658   -5.198  1.00 17.15 ? 162 THR A CG2   1 
ATOM   1208 N N     . PHE A 1 162 ? 10.426  0.440   -6.955  1.00 14.60 ? 163 PHE A N     1 
ATOM   1209 C CA    . PHE A 1 162 ? 9.810   -0.760  -6.434  1.00 15.41 ? 163 PHE A CA    1 
ATOM   1210 C C     . PHE A 1 162 ? 10.854  -1.863  -6.251  1.00 16.48 ? 163 PHE A C     1 
ATOM   1211 O O     . PHE A 1 162 ? 10.983  -2.460  -5.169  1.00 15.89 ? 163 PHE A O     1 
ATOM   1212 C CB    . PHE A 1 162 ? 8.685   -1.233  -7.358  1.00 14.27 ? 163 PHE A CB    1 
ATOM   1213 C CG    . PHE A 1 162 ? 8.141   -2.566  -6.980  1.00 15.69 ? 163 PHE A CG    1 
ATOM   1214 C CD1   . PHE A 1 162 ? 7.629   -2.781  -5.706  1.00 16.92 ? 163 PHE A CD1   1 
ATOM   1215 C CD2   . PHE A 1 162 ? 8.247   -3.638  -7.846  1.00 20.09 ? 163 PHE A CD2   1 
ATOM   1216 C CE1   . PHE A 1 162 ? 7.242   -4.043  -5.297  1.00 14.74 ? 163 PHE A CE1   1 
ATOM   1217 C CE2   . PHE A 1 162 ? 7.861   -4.915  -7.444  1.00 22.47 ? 163 PHE A CE2   1 
ATOM   1218 C CZ    . PHE A 1 162 ? 7.362   -5.113  -6.169  1.00 21.21 ? 163 PHE A CZ    1 
ATOM   1219 N N     . LYS A 1 163 ? 11.634  -2.095  -7.294  1.00 18.26 ? 164 LYS A N     1 
ATOM   1220 C CA    . LYS A 1 163 ? 12.646  -3.141  -7.241  1.00 21.98 ? 164 LYS A CA    1 
ATOM   1221 C C     . LYS A 1 163 ? 13.779  -2.859  -6.267  1.00 21.66 ? 164 LYS A C     1 
ATOM   1222 O O     . LYS A 1 163 ? 14.105  -3.697  -5.420  1.00 21.77 ? 164 LYS A O     1 
ATOM   1223 C CB    . LYS A 1 163 ? 13.220  -3.417  -8.635  1.00 24.55 ? 164 LYS A CB    1 
ATOM   1224 C CG    . LYS A 1 163 ? 12.358  -4.315  -9.513  1.00 38.36 ? 164 LYS A CG    1 
ATOM   1225 C CD    . LYS A 1 163 ? 11.066  -3.626  -9.950  1.00 50.45 ? 164 LYS A CD    1 
ATOM   1226 C CE    . LYS A 1 163 ? 10.388  -4.367  -11.088 1.00 54.06 ? 164 LYS A CE    1 
ATOM   1227 N NZ    . LYS A 1 163 ? 11.360  -4.563  -12.197 1.00 55.41 ? 164 LYS A NZ    1 
ATOM   1228 N N     . GLU A 1 164 ? 14.345  -1.661  -6.365  1.00 21.44 ? 165 GLU A N     1 
ATOM   1229 C CA    . GLU A 1 164 ? 15.469  -1.269  -5.533  1.00 22.35 ? 165 GLU A CA    1 
ATOM   1230 C C     . GLU A 1 164 ? 15.131  -0.998  -4.074  1.00 20.87 ? 165 GLU A C     1 
ATOM   1231 O O     . GLU A 1 164 ? 15.818  -1.463  -3.162  1.00 18.97 ? 165 GLU A O     1 
ATOM   1232 C CB    . GLU A 1 164 ? 16.141  -0.029  -6.140  1.00 27.83 ? 165 GLU A CB    1 
ATOM   1233 C CG    . GLU A 1 164 ? 16.739  -0.267  -7.542  1.00 50.41 ? 165 GLU A CG    1 
ATOM   1234 C CD    . GLU A 1 164 ? 16.962  1.024   -8.344  1.00 63.34 ? 165 GLU A CD    1 
ATOM   1235 O OE1   . GLU A 1 164 ? 17.295  2.073   -7.736  1.00 66.60 ? 165 GLU A OE1   1 
ATOM   1236 O OE2   . GLU A 1 164 ? 16.796  0.983   -9.591  1.00 67.19 ? 165 GLU A OE2   1 
ATOM   1237 N N     . THR A 1 165 ? 14.034  -0.291  -3.856  1.00 19.72 ? 166 THR A N     1 
ATOM   1238 C CA    . THR A 1 165 ? 13.654  0.114   -2.518  1.00 17.75 ? 166 THR A CA    1 
ATOM   1239 C C     . THR A 1 165 ? 12.584  -0.702  -1.830  1.00 16.24 ? 166 THR A C     1 
ATOM   1240 O O     . THR A 1 165 ? 12.737  -1.091  -0.666  1.00 15.96 ? 166 THR A O     1 
ATOM   1241 C CB    . THR A 1 165 ? 13.223  1.595   -2.551  1.00 19.48 ? 166 THR A CB    1 
ATOM   1242 O OG1   . THR A 1 165 ? 14.253  2.372   -3.179  1.00 23.38 ? 166 THR A OG1   1 
ATOM   1243 C CG2   . THR A 1 165 ? 12.974  2.128   -1.155  1.00 19.06 ? 166 THR A CG2   1 
ATOM   1244 N N     . SER A 1 166 ? 11.520  -1.003  -2.551  1.00 16.23 ? 167 SER A N     1 
ATOM   1245 C CA    . SER A 1 166 ? 10.425  -1.713  -1.936  1.00 16.80 ? 167 SER A CA    1 
ATOM   1246 C C     . SER A 1 166 ? 10.607  -3.202  -1.774  1.00 17.09 ? 167 SER A C     1 
ATOM   1247 O O     . SER A 1 166 ? 10.260  -3.751  -0.729  1.00 15.73 ? 167 SER A O     1 
ATOM   1248 C CB    . SER A 1 166 ? 9.123   -1.367  -2.649  1.00 16.55 ? 167 SER A CB    1 
ATOM   1249 O OG    . SER A 1 166 ? 8.990   0.041   -2.700  1.00 16.92 ? 167 SER A OG    1 
ATOM   1250 N N     . MET A 1 167 ? 11.198  -3.860  -2.770  1.00 18.33 ? 168 MET A N     1 
ATOM   1251 C CA    . MET A 1 167 ? 11.404  -5.304  -2.666  1.00 18.74 ? 168 MET A CA    1 
ATOM   1252 C C     . MET A 1 167 ? 12.165  -5.735  -1.404  1.00 19.02 ? 168 MET A C     1 
ATOM   1253 O O     . MET A 1 167 ? 11.805  -6.734  -0.771  1.00 18.99 ? 168 MET A O     1 
ATOM   1254 C CB    . MET A 1 167 ? 12.044  -5.868  -3.933  1.00 20.33 ? 168 MET A CB    1 
ATOM   1255 C CG    . MET A 1 167 ? 11.043  -6.088  -5.053  1.00 23.02 ? 168 MET A CG    1 
ATOM   1256 S SD    . MET A 1 167 ? 9.648   -7.138  -4.547  1.00 31.05 ? 168 MET A SD    1 
ATOM   1257 C CE    . MET A 1 167 ? 10.435  -8.588  -3.963  1.00 19.76 ? 168 MET A CE    1 
ATOM   1258 N N     . PRO A 1 168 ? 13.204  -4.977  -0.993  1.00 19.02 ? 169 PRO A N     1 
ATOM   1259 C CA    . PRO A 1 168 ? 13.923  -5.381  0.222   1.00 17.75 ? 169 PRO A CA    1 
ATOM   1260 C C     . PRO A 1 168 ? 13.001  -5.511  1.445   1.00 17.66 ? 169 PRO A C     1 
ATOM   1261 O O     . PRO A 1 168 ? 13.249  -6.320  2.344   1.00 18.65 ? 169 PRO A O     1 
ATOM   1262 C CB    . PRO A 1 168 ? 14.940  -4.256  0.387   1.00 17.67 ? 169 PRO A CB    1 
ATOM   1263 C CG    . PRO A 1 168 ? 15.281  -3.931  -1.038  1.00 18.21 ? 169 PRO A CG    1 
ATOM   1264 C CD    . PRO A 1 168 ? 13.923  -3.898  -1.696  1.00 15.67 ? 169 PRO A CD    1 
ATOM   1265 N N     . VAL A 1 169 ? 11.904  -4.760  1.442   1.00 17.31 ? 170 VAL A N     1 
ATOM   1266 C CA    . VAL A 1 169 ? 10.946  -4.800  2.537   1.00 16.84 ? 170 VAL A CA    1 
ATOM   1267 C C     . VAL A 1 169 ? 10.198  -6.138  2.532   1.00 16.53 ? 170 VAL A C     1 
ATOM   1268 O O     . VAL A 1 169 ? 9.884   -6.699  3.587   1.00 17.63 ? 170 VAL A O     1 
ATOM   1269 C CB    . VAL A 1 169 ? 9.948   -3.616  2.443   1.00 17.19 ? 170 VAL A CB    1 
ATOM   1270 C CG1   . VAL A 1 169 ? 8.986   -3.636  3.611   1.00 15.28 ? 170 VAL A CG1   1 
ATOM   1271 C CG2   . VAL A 1 169 ? 10.702  -2.299  2.398   1.00 13.77 ? 170 VAL A CG2   1 
ATOM   1272 N N     . ILE A 1 170 ? 9.937   -6.658  1.342   1.00 16.98 ? 171 ILE A N     1 
ATOM   1273 C CA    . ILE A 1 170 ? 9.243   -7.930  1.197   1.00 17.48 ? 171 ILE A CA    1 
ATOM   1274 C C     . ILE A 1 170 ? 10.150  -9.036  1.716   1.00 17.67 ? 171 ILE A C     1 
ATOM   1275 O O     . ILE A 1 170 ? 9.702   -9.943  2.415   1.00 18.38 ? 171 ILE A O     1 
ATOM   1276 C CB    . ILE A 1 170 ? 8.907   -8.206  -0.278  1.00 18.14 ? 171 ILE A CB    1 
ATOM   1277 C CG1   . ILE A 1 170 ? 8.004   -7.093  -0.815  1.00 18.77 ? 171 ILE A CG1   1 
ATOM   1278 C CG2   . ILE A 1 170 ? 8.245   -9.569  -0.427  1.00 20.12 ? 171 ILE A CG2   1 
ATOM   1279 C CD1   . ILE A 1 170 ? 6.736   -6.954  -0.038  1.00 25.55 ? 171 ILE A CD1   1 
ATOM   1280 N N     . GLU A 1 171 ? 11.431  -8.943  1.367   1.00 20.31 ? 172 GLU A N     1 
ATOM   1281 C CA    . GLU A 1 171 ? 12.439  -9.911  1.795   1.00 21.68 ? 172 GLU A CA    1 
ATOM   1282 C C     . GLU A 1 171 ? 12.545  -9.889  3.312   1.00 22.41 ? 172 GLU A C     1 
ATOM   1283 O O     . GLU A 1 171 ? 12.687  -10.936 3.947   1.00 23.64 ? 172 GLU A O     1 
ATOM   1284 C CB    . GLU A 1 171 ? 13.795  -9.568  1.188   1.00 27.58 ? 172 GLU A CB    1 
ATOM   1285 C CG    . GLU A 1 171 ? 13.823  -9.598  -0.333  1.00 40.29 ? 172 GLU A CG    1 
ATOM   1286 C CD    . GLU A 1 171 ? 15.154  -9.118  -0.928  1.00 53.45 ? 172 GLU A CD    1 
ATOM   1287 O OE1   . GLU A 1 171 ? 16.050  -8.659  -0.167  1.00 55.57 ? 172 GLU A OE1   1 
ATOM   1288 O OE2   . GLU A 1 171 ? 15.292  -9.198  -2.175  1.00 59.84 ? 172 GLU A OE2   1 
ATOM   1289 N N     . TYR A 1 172 ? 12.461  -8.693  3.891   1.00 21.64 ? 173 TYR A N     1 
ATOM   1290 C CA    . TYR A 1 172 ? 12.521  -8.531  5.337   1.00 20.60 ? 173 TYR A CA    1 
ATOM   1291 C C     . TYR A 1 172 ? 11.377  -9.264  6.037   1.00 20.53 ? 173 TYR A C     1 
ATOM   1292 O O     . TYR A 1 172 ? 11.588  -10.057 6.948   1.00 20.37 ? 173 TYR A O     1 
ATOM   1293 C CB    . TYR A 1 172 ? 12.486  -7.039  5.696   1.00 19.47 ? 173 TYR A CB    1 
ATOM   1294 C CG    . TYR A 1 172 ? 12.330  -6.750  7.169   1.00 20.64 ? 173 TYR A CG    1 
ATOM   1295 C CD1   . TYR A 1 172 ? 13.339  -7.075  8.071   1.00 24.17 ? 173 TYR A CD1   1 
ATOM   1296 C CD2   . TYR A 1 172 ? 11.166  -6.168  7.667   1.00 22.58 ? 173 TYR A CD2   1 
ATOM   1297 C CE1   . TYR A 1 172 ? 13.194  -6.835  9.432   1.00 25.53 ? 173 TYR A CE1   1 
ATOM   1298 C CE2   . TYR A 1 172 ? 11.009  -5.921  9.028   1.00 23.60 ? 173 TYR A CE2   1 
ATOM   1299 C CZ    . TYR A 1 172 ? 12.030  -6.258  9.905   1.00 28.06 ? 173 TYR A CZ    1 
ATOM   1300 O OH    . TYR A 1 172 ? 11.906  -6.016  11.254  1.00 32.24 ? 173 TYR A OH    1 
ATOM   1301 N N     . PHE A 1 173 ? 10.152  -9.004  5.607   1.00 19.43 ? 174 PHE A N     1 
ATOM   1302 C CA    . PHE A 1 173 ? 9.018   -9.642  6.232   1.00 19.36 ? 174 PHE A CA    1 
ATOM   1303 C C     . PHE A 1 173 ? 8.961   -11.115 5.937   1.00 19.97 ? 174 PHE A C     1 
ATOM   1304 O O     . PHE A 1 173 ? 8.435   -11.892 6.728   1.00 19.05 ? 174 PHE A O     1 
ATOM   1305 C CB    . PHE A 1 173 ? 7.729   -8.945  5.830   1.00 21.02 ? 174 PHE A CB    1 
ATOM   1306 C CG    . PHE A 1 173 ? 7.530   -7.625  6.522   1.00 21.15 ? 174 PHE A CG    1 
ATOM   1307 C CD1   . PHE A 1 173 ? 7.388   -7.573  7.908   1.00 21.53 ? 174 PHE A CD1   1 
ATOM   1308 C CD2   . PHE A 1 173 ? 7.492   -6.431  5.796   1.00 20.63 ? 174 PHE A CD2   1 
ATOM   1309 C CE1   . PHE A 1 173 ? 7.209   -6.345  8.562   1.00 22.91 ? 174 PHE A CE1   1 
ATOM   1310 C CE2   . PHE A 1 173 ? 7.314   -5.208  6.436   1.00 19.19 ? 174 PHE A CE2   1 
ATOM   1311 C CZ    . PHE A 1 173 ? 7.171   -5.164  7.825   1.00 21.10 ? 174 PHE A CZ    1 
ATOM   1312 N N     . GLU A 1 174 ? 9.539   -11.506 4.813   1.00 21.74 ? 175 GLU A N     1 
ATOM   1313 C CA    . GLU A 1 174 ? 9.541   -12.897 4.429   1.00 25.18 ? 175 GLU A CA    1 
ATOM   1314 C C     . GLU A 1 174 ? 10.355  -13.713 5.419   1.00 26.56 ? 175 GLU A C     1 
ATOM   1315 O O     . GLU A 1 174 ? 9.984   -14.839 5.768   1.00 26.50 ? 175 GLU A O     1 
ATOM   1316 C CB    . GLU A 1 174 ? 10.087  -13.039 3.022   1.00 25.39 ? 175 GLU A CB    1 
ATOM   1317 C CG    . GLU A 1 174 ? 9.350   -14.068 2.214   1.00 36.14 ? 175 GLU A CG    1 
ATOM   1318 C CD    . GLU A 1 174 ? 9.261   -13.704 0.750   1.00 48.01 ? 175 GLU A CD    1 
ATOM   1319 O OE1   . GLU A 1 174 ? 10.234  -13.126 0.205   1.00 54.51 ? 175 GLU A OE1   1 
ATOM   1320 O OE2   . GLU A 1 174 ? 8.206   -13.993 0.142   1.00 52.70 ? 175 GLU A OE2   1 
ATOM   1321 N N     . THR A 1 175 ? 11.425  -13.117 5.929   1.00 28.82 ? 176 THR A N     1 
ATOM   1322 C CA    . THR A 1 175 ? 12.278  -13.799 6.896   1.00 31.57 ? 176 THR A CA    1 
ATOM   1323 C C     . THR A 1 175 ? 11.556  -13.991 8.215   1.00 33.44 ? 176 THR A C     1 
ATOM   1324 O O     . THR A 1 175 ? 11.997  -14.758 9.066   1.00 35.10 ? 176 THR A O     1 
ATOM   1325 C CB    . THR A 1 175 ? 13.538  -13.005 7.205   1.00 31.48 ? 176 THR A CB    1 
ATOM   1326 O OG1   . THR A 1 175 ? 13.184  -11.827 7.941   1.00 37.59 ? 176 THR A OG1   1 
ATOM   1327 C CG2   . THR A 1 175 ? 14.256  -12.618 5.924   1.00 33.31 ? 176 THR A CG2   1 
ATOM   1328 N N     . LYS A 1 176 ? 10.490  -13.232 8.419   1.00 34.11 ? 177 LYS A N     1 
ATOM   1329 C CA    . LYS A 1 176 ? 9.732   -13.337 9.649   1.00 35.23 ? 177 LYS A CA    1 
ATOM   1330 C C     . LYS A 1 176 ? 8.478   -14.149 9.375   1.00 36.57 ? 177 LYS A C     1 
ATOM   1331 O O     . LYS A 1 176 ? 7.544   -14.158 10.176  1.00 37.68 ? 177 LYS A O     1 
ATOM   1332 C CB    . LYS A 1 176 ? 9.399   -11.945 10.179  1.00 36.85 ? 177 LYS A CB    1 
ATOM   1333 C CG    . LYS A 1 176 ? 10.605  -11.012 10.193  1.00 41.83 ? 177 LYS A CG    1 
ATOM   1334 C CD    . LYS A 1 176 ? 10.217  -9.605  10.623  1.00 50.40 ? 177 LYS A CD    1 
ATOM   1335 C CE    . LYS A 1 176 ? 10.304  -9.416  12.134  1.00 54.27 ? 177 LYS A CE    1 
ATOM   1336 N NZ    . LYS A 1 176 ? 11.720  -9.330  12.606  1.00 56.66 ? 177 LYS A NZ    1 
ATOM   1337 N N     . SER A 1 177 ? 8.459   -14.809 8.217   1.00 36.91 ? 178 SER A N     1 
ATOM   1338 C CA    . SER A 1 177 ? 7.341   -15.664 7.801   1.00 37.80 ? 178 SER A CA    1 
ATOM   1339 C C     . SER A 1 177 ? 5.970   -14.984 7.795   1.00 35.94 ? 178 SER A C     1 
ATOM   1340 O O     . SER A 1 177 ? 4.937   -15.645 7.959   1.00 37.19 ? 178 SER A O     1 
ATOM   1341 C CB    . SER A 1 177 ? 7.291   -16.914 8.690   1.00 42.71 ? 178 SER A CB    1 
ATOM   1342 O OG    . SER A 1 177 ? 8.541   -17.593 8.687   1.00 53.32 ? 178 SER A OG    1 
ATOM   1343 N N     . LYS A 1 178 ? 5.953   -13.680 7.539   1.00 32.60 ? 179 LYS A N     1 
ATOM   1344 C CA    . LYS A 1 178 ? 4.706   -12.936 7.542   1.00 28.62 ? 179 LYS A CA    1 
ATOM   1345 C C     . LYS A 1 178 ? 4.202   -12.580 6.160   1.00 24.99 ? 179 LYS A C     1 
ATOM   1346 O O     . LYS A 1 178 ? 3.282   -11.799 6.045   1.00 25.42 ? 179 LYS A O     1 
ATOM   1347 C CB    . LYS A 1 178 ? 4.873   -11.639 8.335   1.00 28.60 ? 179 LYS A CB    1 
ATOM   1348 C CG    . LYS A 1 178 ? 5.427   -11.815 9.708   1.00 32.11 ? 179 LYS A CG    1 
ATOM   1349 C CD    . LYS A 1 178 ? 5.569   -10.479 10.399  1.00 34.14 ? 179 LYS A CD    1 
ATOM   1350 C CE    . LYS A 1 178 ? 4.233   -9.928  10.822  1.00 33.59 ? 179 LYS A CE    1 
ATOM   1351 N NZ    . LYS A 1 178 ? 4.457   -8.728  11.666  1.00 35.57 ? 179 LYS A NZ    1 
ATOM   1352 N N     . VAL A 1 179 ? 4.798   -13.115 5.107   1.00 23.40 ? 180 VAL A N     1 
ATOM   1353 C CA    . VAL A 1 179 ? 4.343   -12.770 3.766   1.00 20.20 ? 180 VAL A CA    1 
ATOM   1354 C C     . VAL A 1 179 ? 3.492   -13.867 3.115   1.00 20.53 ? 180 VAL A C     1 
ATOM   1355 O O     . VAL A 1 179 ? 3.855   -15.047 3.127   1.00 19.56 ? 180 VAL A O     1 
ATOM   1356 C CB    . VAL A 1 179 ? 5.538   -12.399 2.847   1.00 15.10 ? 180 VAL A CB    1 
ATOM   1357 C CG1   . VAL A 1 179 ? 5.046   -11.989 1.469   1.00 19.48 ? 180 VAL A CG1   1 
ATOM   1358 C CG2   . VAL A 1 179 ? 6.349   -11.277 3.459   1.00 12.34 ? 180 VAL A CG2   1 
ATOM   1359 N N     . VAL A 1 180 ? 2.337   -13.464 2.589   1.00 21.14 ? 181 VAL A N     1 
ATOM   1360 C CA    . VAL A 1 180 ? 1.408   -14.350 1.886   1.00 19.42 ? 181 VAL A CA    1 
ATOM   1361 C C     . VAL A 1 180 ? 1.374   -13.832 0.441   1.00 19.62 ? 181 VAL A C     1 
ATOM   1362 O O     . VAL A 1 180 ? 0.889   -12.729 0.201   1.00 18.39 ? 181 VAL A O     1 
ATOM   1363 C CB    . VAL A 1 180 ? -0.032  -14.257 2.482   1.00 17.84 ? 181 VAL A CB    1 
ATOM   1364 C CG1   . VAL A 1 180 ? -0.982  -15.189 1.750   1.00 22.03 ? 181 VAL A CG1   1 
ATOM   1365 C CG2   . VAL A 1 180 ? -0.025  -14.589 3.954   1.00 22.16 ? 181 VAL A CG2   1 
ATOM   1366 N N     . ARG A 1 181 ? 1.924   -14.596 -0.506  1.00 19.58 ? 182 ARG A N     1 
ATOM   1367 C CA    . ARG A 1 181 ? 1.948   -14.194 -1.919  1.00 19.72 ? 182 ARG A CA    1 
ATOM   1368 C C     . ARG A 1 181 ? 0.707   -14.610 -2.689  1.00 20.03 ? 182 ARG A C     1 
ATOM   1369 O O     . ARG A 1 181 ? 0.171   -15.702 -2.500  1.00 20.83 ? 182 ARG A O     1 
ATOM   1370 C CB    . ARG A 1 181 ? 3.185   -14.733 -2.632  1.00 19.00 ? 182 ARG A CB    1 
ATOM   1371 C CG    . ARG A 1 181 ? 4.472   -14.158 -2.098  1.00 24.26 ? 182 ARG A CG    1 
ATOM   1372 C CD    . ARG A 1 181 ? 5.661   -14.618 -2.914  1.00 33.42 ? 182 ARG A CD    1 
ATOM   1373 N NE    . ARG A 1 181 ? 6.907   -14.028 -2.429  1.00 34.02 ? 182 ARG A NE    1 
ATOM   1374 C CZ    . ARG A 1 181 ? 7.772   -13.363 -3.189  1.00 35.73 ? 182 ARG A CZ    1 
ATOM   1375 N NH1   . ARG A 1 181 ? 7.544   -13.196 -4.485  1.00 36.87 ? 182 ARG A NH1   1 
ATOM   1376 N NH2   . ARG A 1 181 ? 8.860   -12.840 -2.646  1.00 43.17 ? 182 ARG A NH2   1 
ATOM   1377 N N     . VAL A 1 182 ? 0.227   -13.700 -3.523  1.00 19.81 ? 183 VAL A N     1 
ATOM   1378 C CA    . VAL A 1 182 ? -0.943  -13.928 -4.352  1.00 19.07 ? 183 VAL A CA    1 
ATOM   1379 C C     . VAL A 1 182 ? -0.532  -13.495 -5.756  1.00 18.06 ? 183 VAL A C     1 
ATOM   1380 O O     . VAL A 1 182 ? 0.120   -12.471 -5.918  1.00 18.49 ? 183 VAL A O     1 
ATOM   1381 C CB    . VAL A 1 182 ? -2.158  -13.086 -3.857  1.00 21.43 ? 183 VAL A CB    1 
ATOM   1382 C CG1   . VAL A 1 182 ? -3.262  -13.080 -4.896  1.00 21.54 ? 183 VAL A CG1   1 
ATOM   1383 C CG2   . VAL A 1 182 ? -2.706  -13.666 -2.561  1.00 22.87 ? 183 VAL A CG2   1 
ATOM   1384 N N     . ARG A 1 183 ? -0.844  -14.304 -6.760  1.00 17.94 ? 184 ARG A N     1 
ATOM   1385 C CA    . ARG A 1 183 ? -0.499  -13.961 -8.128  1.00 18.80 ? 184 ARG A CA    1 
ATOM   1386 C C     . ARG A 1 183 ? -1.464  -12.917 -8.642  1.00 18.34 ? 184 ARG A C     1 
ATOM   1387 O O     . ARG A 1 183 ? -2.667  -13.050 -8.496  1.00 19.22 ? 184 ARG A O     1 
ATOM   1388 C CB    . ARG A 1 183 ? -0.511  -15.199 -9.013  1.00 22.31 ? 184 ARG A CB    1 
ATOM   1389 C CG    . ARG A 1 183 ? 0.672   -16.113 -8.747  1.00 32.38 ? 184 ARG A CG    1 
ATOM   1390 C CD    . ARG A 1 183 ? 0.614   -17.339 -9.633  1.00 46.20 ? 184 ARG A CD    1 
ATOM   1391 N NE    . ARG A 1 183 ? 0.633   -16.988 -11.053 1.00 53.80 ? 184 ARG A NE    1 
ATOM   1392 C CZ    . ARG A 1 183 ? -0.034  -17.646 -12.000 1.00 57.34 ? 184 ARG A CZ    1 
ATOM   1393 N NH1   . ARG A 1 183 ? -0.782  -18.700 -11.682 1.00 61.50 ? 184 ARG A NH1   1 
ATOM   1394 N NH2   . ARG A 1 183 ? 0.052   -17.257 -13.266 1.00 55.06 ? 184 ARG A NH2   1 
ATOM   1395 N N     . CYS A 1 184 ? -0.919  -11.861 -9.221  1.00 18.54 ? 185 CYS A N     1 
ATOM   1396 C CA    . CYS A 1 184 ? -1.708  -10.750 -9.733  1.00 19.23 ? 185 CYS A CA    1 
ATOM   1397 C C     . CYS A 1 184 ? -2.258  -10.987 -11.139 1.00 19.80 ? 185 CYS A C     1 
ATOM   1398 O O     . CYS A 1 184 ? -3.230  -10.375 -11.557 1.00 18.53 ? 185 CYS A O     1 
ATOM   1399 C CB    . CYS A 1 184 ? -0.799  -9.540  -9.854  1.00 19.79 ? 185 CYS A CB    1 
ATOM   1400 S SG    . CYS A 1 184 ? 0.142   -9.660  -11.416 1.00 21.04 ? 185 CYS A SG    1 
ATOM   1401 N N     . ASP A 1 185 ? -1.561  -11.812 -11.899 1.00 22.44 ? 186 ASP A N     1 
ATOM   1402 C CA    . ASP A 1 185 ? -1.903  -12.046 -13.286 1.00 24.97 ? 186 ASP A CA    1 
ATOM   1403 C C     . ASP A 1 185 ? -3.065  -12.952 -13.652 1.00 24.99 ? 186 ASP A C     1 
ATOM   1404 O O     . ASP A 1 185 ? -2.923  -13.850 -14.467 1.00 28.92 ? 186 ASP A O     1 
ATOM   1405 C CB    . ASP A 1 185 ? -0.639  -12.439 -14.062 1.00 30.51 ? 186 ASP A CB    1 
ATOM   1406 C CG    . ASP A 1 185 ? 0.081   -13.656 -13.471 1.00 34.46 ? 186 ASP A CG    1 
ATOM   1407 O OD1   . ASP A 1 185 ? -0.285  -14.140 -12.374 1.00 34.85 ? 186 ASP A OD1   1 
ATOM   1408 O OD2   . ASP A 1 185 ? 1.037   -14.129 -14.126 1.00 46.15 ? 186 ASP A OD2   1 
ATOM   1409 N N     . ARG A 1 186 ? -4.224  -12.692 -13.079 1.00 24.53 ? 187 ARG A N     1 
ATOM   1410 C CA    . ARG A 1 186 ? -5.422  -13.453 -13.384 1.00 22.35 ? 187 ARG A CA    1 
ATOM   1411 C C     . ARG A 1 186 ? -6.540  -12.420 -13.428 1.00 20.85 ? 187 ARG A C     1 
ATOM   1412 O O     . ARG A 1 186 ? -6.280  -11.232 -13.262 1.00 20.44 ? 187 ARG A O     1 
ATOM   1413 C CB    . ARG A 1 186 ? -5.658  -14.534 -12.319 1.00 27.03 ? 187 ARG A CB    1 
ATOM   1414 C CG    . ARG A 1 186 ? -4.774  -15.767 -12.528 1.00 32.32 ? 187 ARG A CG    1 
ATOM   1415 C CD    . ARG A 1 186 ? -4.753  -16.674 -11.321 1.00 45.34 ? 187 ARG A CD    1 
ATOM   1416 N NE    . ARG A 1 186 ? -4.132  -16.004 -10.180 1.00 55.71 ? 187 ARG A NE    1 
ATOM   1417 C CZ    . ARG A 1 186 ? -4.725  -15.837 -9.000  1.00 57.20 ? 187 ARG A CZ    1 
ATOM   1418 N NH1   . ARG A 1 186 ? -5.953  -16.303 -8.801  1.00 61.63 ? 187 ARG A NH1   1 
ATOM   1419 N NH2   . ARG A 1 186 ? -4.106  -15.186 -8.024  1.00 48.11 ? 187 ARG A NH2   1 
ATOM   1420 N N     . SER A 1 187 ? -7.761  -12.828 -13.734 1.00 19.21 ? 188 SER A N     1 
ATOM   1421 C CA    . SER A 1 187 ? -8.850  -11.863 -13.769 1.00 18.11 ? 188 SER A CA    1 
ATOM   1422 C C     . SER A 1 187 ? -9.074  -11.354 -12.349 1.00 16.80 ? 188 SER A C     1 
ATOM   1423 O O     . SER A 1 187 ? -8.663  -11.993 -11.368 1.00 16.54 ? 188 SER A O     1 
ATOM   1424 C CB    . SER A 1 187 ? -10.137 -12.507 -14.290 1.00 17.31 ? 188 SER A CB    1 
ATOM   1425 O OG    . SER A 1 187 ? -10.517 -13.612 -13.482 1.00 21.58 ? 188 SER A OG    1 
ATOM   1426 N N     . VAL A 1 188 ? -9.737  -10.209 -12.249 1.00 17.65 ? 189 VAL A N     1 
ATOM   1427 C CA    . VAL A 1 188 ? -10.046 -9.608  -10.963 1.00 17.13 ? 189 VAL A CA    1 
ATOM   1428 C C     . VAL A 1 188 ? -10.730 -10.642 -10.072 1.00 16.51 ? 189 VAL A C     1 
ATOM   1429 O O     . VAL A 1 188 ? -10.339 -10.822 -8.914  1.00 17.63 ? 189 VAL A O     1 
ATOM   1430 C CB    . VAL A 1 188 ? -10.968 -8.382  -11.138 1.00 16.18 ? 189 VAL A CB    1 
ATOM   1431 C CG1   . VAL A 1 188 ? -11.418 -7.857  -9.783  1.00 16.12 ? 189 VAL A CG1   1 
ATOM   1432 C CG2   . VAL A 1 188 ? -10.249 -7.304  -11.919 1.00 15.68 ? 189 VAL A CG2   1 
ATOM   1433 N N     . GLU A 1 189 ? -11.702 -11.371 -10.627 1.00 16.97 ? 190 GLU A N     1 
ATOM   1434 C CA    . GLU A 1 189 ? -12.430 -12.375 -9.847  1.00 17.43 ? 190 GLU A CA    1 
ATOM   1435 C C     . GLU A 1 189 ? -11.606 -13.558 -9.437  1.00 15.73 ? 190 GLU A C     1 
ATOM   1436 O O     . GLU A 1 189 ? -11.714 -14.036 -8.318  1.00 17.64 ? 190 GLU A O     1 
ATOM   1437 C CB    . GLU A 1 189 ? -13.709 -12.825 -10.545 1.00 21.99 ? 190 GLU A CB    1 
ATOM   1438 C CG    . GLU A 1 189 ? -14.810 -11.763 -10.532 1.00 34.27 ? 190 GLU A CG    1 
ATOM   1439 C CD    . GLU A 1 189 ? -15.162 -11.205 -9.126  1.00 46.69 ? 190 GLU A CD    1 
ATOM   1440 O OE1   . GLU A 1 189 ? -14.823 -11.807 -8.068  1.00 49.73 ? 190 GLU A OE1   1 
ATOM   1441 O OE2   . GLU A 1 189 ? -15.811 -10.136 -9.090  1.00 53.53 ? 190 GLU A OE2   1 
ATOM   1442 N N     . ASP A 1 190 ? -10.753 -14.037 -10.321 1.00 16.13 ? 191 ASP A N     1 
ATOM   1443 C CA    . ASP A 1 190 ? -9.923  -15.152 -9.930  1.00 15.84 ? 191 ASP A CA    1 
ATOM   1444 C C     . ASP A 1 190 ? -8.899  -14.725 -8.896  1.00 14.83 ? 191 ASP A C     1 
ATOM   1445 O O     . ASP A 1 190 ? -8.641  -15.468 -7.961  1.00 16.07 ? 191 ASP A O     1 
ATOM   1446 C CB    . ASP A 1 190 ? -9.278  -15.813 -11.142 1.00 18.43 ? 191 ASP A CB    1 
ATOM   1447 C CG    . ASP A 1 190 ? -10.294 -16.542 -11.994 1.00 23.42 ? 191 ASP A CG    1 
ATOM   1448 O OD1   . ASP A 1 190 ? -11.441 -16.725 -11.530 1.00 26.87 ? 191 ASP A OD1   1 
ATOM   1449 O OD2   . ASP A 1 190 ? -9.957  -16.913 -13.124 1.00 27.09 ? 191 ASP A OD2   1 
ATOM   1450 N N     . VAL A 1 191 ? -8.336  -13.528 -9.029  1.00 14.30 ? 192 VAL A N     1 
ATOM   1451 C CA    . VAL A 1 191 ? -7.366  -13.063 -8.048  1.00 13.74 ? 192 VAL A CA    1 
ATOM   1452 C C     . VAL A 1 191 ? -8.062  -12.928 -6.704  1.00 14.61 ? 192 VAL A C     1 
ATOM   1453 O O     . VAL A 1 191 ? -7.537  -13.347 -5.673  1.00 16.37 ? 192 VAL A O     1 
ATOM   1454 C CB    . VAL A 1 191 ? -6.788  -11.704 -8.424  1.00 13.27 ? 192 VAL A CB    1 
ATOM   1455 C CG1   . VAL A 1 191 ? -5.896  -11.187 -7.303  1.00 10.43 ? 192 VAL A CG1   1 
ATOM   1456 C CG2   . VAL A 1 191 ? -6.012  -11.824 -9.696  1.00 14.71 ? 192 VAL A CG2   1 
ATOM   1457 N N     . TYR A 1 192 ? -9.268  -12.376 -6.721  1.00 16.45 ? 193 TYR A N     1 
ATOM   1458 C CA    . TYR A 1 192 ? -10.021 -12.176 -5.493  1.00 17.14 ? 193 TYR A CA    1 
ATOM   1459 C C     . TYR A 1 192 ? -10.259 -13.473 -4.761  1.00 19.16 ? 193 TYR A C     1 
ATOM   1460 O O     . TYR A 1 192 ? -10.207 -13.507 -3.542  1.00 19.89 ? 193 TYR A O     1 
ATOM   1461 C CB    . TYR A 1 192 ? -11.343 -11.491 -5.771  1.00 12.20 ? 193 TYR A CB    1 
ATOM   1462 C CG    . TYR A 1 192 ? -12.018 -11.044 -4.506  1.00 15.94 ? 193 TYR A CG    1 
ATOM   1463 C CD1   . TYR A 1 192 ? -11.342 -10.230 -3.586  1.00 19.16 ? 193 TYR A CD1   1 
ATOM   1464 C CD2   . TYR A 1 192 ? -13.326 -11.431 -4.216  1.00 15.50 ? 193 TYR A CD2   1 
ATOM   1465 C CE1   . TYR A 1 192 ? -11.955 -9.810  -2.408  1.00 17.63 ? 193 TYR A CE1   1 
ATOM   1466 C CE2   . TYR A 1 192 ? -13.956 -11.020 -3.035  1.00 16.94 ? 193 TYR A CE2   1 
ATOM   1467 C CZ    . TYR A 1 192 ? -13.270 -10.212 -2.134  1.00 20.39 ? 193 TYR A CZ    1 
ATOM   1468 O OH    . TYR A 1 192 ? -13.880 -9.850  -0.955  1.00 16.60 ? 193 TYR A OH    1 
ATOM   1469 N N     . LYS A 1 193 ? -10.494 -14.551 -5.501  1.00 20.70 ? 194 LYS A N     1 
ATOM   1470 C CA    . LYS A 1 193 ? -10.722 -15.842 -4.869  1.00 20.66 ? 194 LYS A CA    1 
ATOM   1471 C C     . LYS A 1 193 ? -9.507  -16.238 -4.048  1.00 19.65 ? 194 LYS A C     1 
ATOM   1472 O O     . LYS A 1 193 ? -9.646  -16.698 -2.917  1.00 18.49 ? 194 LYS A O     1 
ATOM   1473 C CB    . LYS A 1 193 ? -11.052 -16.917 -5.914  1.00 28.55 ? 194 LYS A CB    1 
ATOM   1474 C CG    . LYS A 1 193 ? -12.200 -16.529 -6.851  1.00 40.93 ? 194 LYS A CG    1 
ATOM   1475 C CD    . LYS A 1 193 ? -13.341 -15.822 -6.093  1.00 52.03 ? 194 LYS A CD    1 
ATOM   1476 C CE    . LYS A 1 193 ? -14.276 -15.033 -7.024  1.00 57.80 ? 194 LYS A CE    1 
ATOM   1477 N NZ    . LYS A 1 193 ? -15.200 -14.115 -6.274  1.00 60.85 ? 194 LYS A NZ    1 
ATOM   1478 N N     . ASP A 1 194 ? -8.314  -16.034 -4.607  1.00 18.82 ? 195 ASP A N     1 
ATOM   1479 C CA    . ASP A 1 194 ? -7.077  -16.365 -3.903  1.00 18.21 ? 195 ASP A CA    1 
ATOM   1480 C C     . ASP A 1 194 ? -6.866  -15.438 -2.735  1.00 17.93 ? 195 ASP A C     1 
ATOM   1481 O O     . ASP A 1 194 ? -6.329  -15.851 -1.716  1.00 18.88 ? 195 ASP A O     1 
ATOM   1482 C CB    . ASP A 1 194 ? -5.866  -16.262 -4.820  1.00 21.76 ? 195 ASP A CB    1 
ATOM   1483 C CG    . ASP A 1 194 ? -5.757  -17.423 -5.788  1.00 32.35 ? 195 ASP A CG    1 
ATOM   1484 O OD1   . ASP A 1 194 ? -6.600  -18.346 -5.762  1.00 34.01 ? 195 ASP A OD1   1 
ATOM   1485 O OD2   . ASP A 1 194 ? -4.802  -17.417 -6.585  1.00 42.37 ? 195 ASP A OD2   1 
ATOM   1486 N N     . VAL A 1 195 ? -7.244  -14.173 -2.899  1.00 17.34 ? 196 VAL A N     1 
ATOM   1487 C CA    . VAL A 1 195 ? -7.105  -13.182 -1.832  1.00 15.67 ? 196 VAL A CA    1 
ATOM   1488 C C     . VAL A 1 195 ? -7.991  -13.603 -0.662  1.00 16.58 ? 196 VAL A C     1 
ATOM   1489 O O     . VAL A 1 195 ? -7.538  -13.637 0.483   1.00 15.32 ? 196 VAL A O     1 
ATOM   1490 C CB    . VAL A 1 195 ? -7.516  -11.804 -2.332  1.00 15.63 ? 196 VAL A CB    1 
ATOM   1491 C CG1   . VAL A 1 195 ? -7.575  -10.825 -1.196  1.00 17.63 ? 196 VAL A CG1   1 
ATOM   1492 C CG2   . VAL A 1 195 ? -6.539  -11.338 -3.370  1.00 14.80 ? 196 VAL A CG2   1 
ATOM   1493 N N     . GLN A 1 196 ? -9.232  -13.994 -0.958  1.00 15.97 ? 197 GLN A N     1 
ATOM   1494 C CA    . GLN A 1 196 ? -10.148 -14.441 0.084   1.00 14.79 ? 197 GLN A CA    1 
ATOM   1495 C C     . GLN A 1 196 ? -9.607  -15.665 0.779   1.00 14.93 ? 197 GLN A C     1 
ATOM   1496 O O     . GLN A 1 196 ? -9.611  -15.731 1.995   1.00 17.45 ? 197 GLN A O     1 
ATOM   1497 C CB    . GLN A 1 196 ? -11.519 -14.752 -0.478  1.00 14.34 ? 197 GLN A CB    1 
ATOM   1498 C CG    . GLN A 1 196 ? -12.322 -13.549 -0.789  1.00 13.84 ? 197 GLN A CG    1 
ATOM   1499 C CD    . GLN A 1 196 ? -13.790 -13.875 -0.952  1.00 23.14 ? 197 GLN A CD    1 
ATOM   1500 O OE1   . GLN A 1 196 ? -14.208 -14.456 -1.955  1.00 22.78 ? 197 GLN A OE1   1 
ATOM   1501 N NE2   . GLN A 1 196 ? -14.582 -13.506 0.043   1.00 23.64 ? 197 GLN A NE2   1 
ATOM   1502 N N     . ASP A 1 197 ? -9.092  -16.617 0.015   1.00 17.06 ? 198 ASP A N     1 
ATOM   1503 C CA    . ASP A 1 197 ? -8.527  -17.837 0.588   1.00 17.88 ? 198 ASP A CA    1 
ATOM   1504 C C     . ASP A 1 197 ? -7.367  -17.506 1.536   1.00 18.88 ? 198 ASP A C     1 
ATOM   1505 O O     . ASP A 1 197 ? -7.287  -18.025 2.650   1.00 18.42 ? 198 ASP A O     1 
ATOM   1506 C CB    . ASP A 1 197 ? -8.059  -18.759 -0.545  1.00 24.93 ? 198 ASP A CB    1 
ATOM   1507 C CG    . ASP A 1 197 ? -8.012  -20.226 -0.133  1.00 31.73 ? 198 ASP A CG    1 
ATOM   1508 O OD1   . ASP A 1 197 ? -9.062  -20.778 0.254   1.00 37.97 ? 198 ASP A OD1   1 
ATOM   1509 O OD2   . ASP A 1 197 ? -6.925  -20.838 -0.206  1.00 40.75 ? 198 ASP A OD2   1 
ATOM   1510 N N     . ALA A 1 198 ? -6.485  -16.611 1.102   1.00 19.19 ? 199 ALA A N     1 
ATOM   1511 C CA    . ALA A 1 198 ? -5.353  -16.207 1.913   1.00 19.07 ? 199 ALA A CA    1 
ATOM   1512 C C     . ALA A 1 198 ? -5.841  -15.598 3.214   1.00 19.85 ? 199 ALA A C     1 
ATOM   1513 O O     . ALA A 1 198 ? -5.380  -15.996 4.281   1.00 21.44 ? 199 ALA A O     1 
ATOM   1514 C CB    . ALA A 1 198 ? -4.464  -15.211 1.152   1.00 19.51 ? 199 ALA A CB    1 
ATOM   1515 N N     . ILE A 1 199 ? -6.793  -14.663 3.139   1.00 20.29 ? 200 ILE A N     1 
ATOM   1516 C CA    . ILE A 1 199 ? -7.334  -14.009 4.340   1.00 18.67 ? 200 ILE A CA    1 
ATOM   1517 C C     . ILE A 1 199 ? -8.018  -15.013 5.273   1.00 19.51 ? 200 ILE A C     1 
ATOM   1518 O O     . ILE A 1 199 ? -7.833  -14.952 6.485   1.00 18.85 ? 200 ILE A O     1 
ATOM   1519 C CB    . ILE A 1 199 ? -8.342  -12.840 4.002   1.00 18.43 ? 200 ILE A CB    1 
ATOM   1520 C CG1   . ILE A 1 199 ? -7.613  -11.509 3.799   1.00 23.18 ? 200 ILE A CG1   1 
ATOM   1521 C CG2   . ILE A 1 199 ? -9.261  -12.571 5.175   1.00 17.19 ? 200 ILE A CG2   1 
ATOM   1522 C CD1   . ILE A 1 199 ? -6.656  -11.471 2.689   1.00 29.56 ? 200 ILE A CD1   1 
ATOM   1523 N N     . ARG A 1 200 ? -8.778  -15.951 4.714   1.00 19.68 ? 201 ARG A N     1 
ATOM   1524 C CA    . ARG A 1 200 ? -9.484  -16.936 5.535   1.00 21.89 ? 201 ARG A CA    1 
ATOM   1525 C C     . ARG A 1 200 ? -8.501  -17.812 6.261   1.00 22.69 ? 201 ARG A C     1 
ATOM   1526 O O     . ARG A 1 200 ? -8.693  -18.136 7.423   1.00 23.00 ? 201 ARG A O     1 
ATOM   1527 C CB    . ARG A 1 200 ? -10.462 -17.771 4.696   1.00 18.74 ? 201 ARG A CB    1 
ATOM   1528 C CG    . ARG A 1 200 ? -11.435 -16.872 3.964   1.00 22.53 ? 201 ARG A CG    1 
ATOM   1529 C CD    . ARG A 1 200 ? -12.767 -17.472 3.666   1.00 26.25 ? 201 ARG A CD    1 
ATOM   1530 N NE    . ARG A 1 200 ? -12.811 -18.172 2.402   1.00 26.16 ? 201 ARG A NE    1 
ATOM   1531 C CZ    . ARG A 1 200 ? -13.678 -17.926 1.426   1.00 22.23 ? 201 ARG A CZ    1 
ATOM   1532 N NH1   . ARG A 1 200 ? -14.592 -16.967 1.516   1.00 14.88 ? 201 ARG A NH1   1 
ATOM   1533 N NH2   . ARG A 1 200 ? -13.719 -18.757 0.404   1.00 22.69 ? 201 ARG A NH2   1 
ATOM   1534 N N     . ASP A 1 201 ? -7.410  -18.140 5.588   1.00 23.38 ? 202 ASP A N     1 
ATOM   1535 C CA    . ASP A 1 201 ? -6.389  -18.963 6.191   1.00 26.41 ? 202 ASP A CA    1 
ATOM   1536 C C     . ASP A 1 201 ? -5.533  -18.191 7.160   1.00 28.93 ? 202 ASP A C     1 
ATOM   1537 O O     . ASP A 1 201 ? -5.047  -18.748 8.133   1.00 29.26 ? 202 ASP A O     1 
ATOM   1538 C CB    . ASP A 1 201 ? -5.487  -19.545 5.117   1.00 27.88 ? 202 ASP A CB    1 
ATOM   1539 C CG    . ASP A 1 201 ? -6.108  -20.720 4.416   1.00 32.19 ? 202 ASP A CG    1 
ATOM   1540 O OD1   . ASP A 1 201 ? -6.994  -21.371 5.014   1.00 34.57 ? 202 ASP A OD1   1 
ATOM   1541 O OD2   . ASP A 1 201 ? -5.694  -21.007 3.270   1.00 39.25 ? 202 ASP A OD2   1 
ATOM   1542 N N     . SER A 1 202 ? -5.366  -16.898 6.905   1.00 32.43 ? 203 SER A N     1 
ATOM   1543 C CA    . SER A 1 202 ? -4.506  -16.062 7.732   1.00 35.30 ? 203 SER A CA    1 
ATOM   1544 C C     . SER A 1 202 ? -5.087  -15.404 8.979   1.00 38.36 ? 203 SER A C     1 
ATOM   1545 O O     . SER A 1 202 ? -4.353  -14.781 9.741   1.00 39.09 ? 203 SER A O     1 
ATOM   1546 C CB    . SER A 1 202 ? -3.781  -15.036 6.850   1.00 37.79 ? 203 SER A CB    1 
ATOM   1547 O OG    . SER A 1 202 ? -2.973  -15.681 5.862   1.00 35.75 ? 203 SER A OG    1 
ATOM   1548 N N     . LEU A 1 203 ? -6.391  -15.520 9.189   1.00 41.85 ? 204 LEU A N     1 
ATOM   1549 C CA    . LEU A 1 203 ? -7.005  -14.948 10.380  1.00 44.20 ? 204 LEU A CA    1 
ATOM   1550 C C     . LEU A 1 203 ? -6.997  -16.024 11.478  1.00 46.35 ? 204 LEU A C     1 
ATOM   1551 O O     . LEU A 1 203 ? -7.993  -16.774 11.633  1.00 47.73 ? 204 LEU A O     1 
ATOM   1552 C CB    . LEU A 1 203 ? -8.433  -14.470 10.084  1.00 43.13 ? 204 LEU A CB    1 
ATOM   1553 C CG    . LEU A 1 203 ? -8.623  -13.442 8.969   1.00 40.84 ? 204 LEU A CG    1 
ATOM   1554 C CD1   . LEU A 1 203 ? -10.096 -13.067 8.898   1.00 37.75 ? 204 LEU A CD1   1 
ATOM   1555 C CD2   . LEU A 1 203 ? -7.747  -12.220 9.205   1.00 36.44 ? 204 LEU A CD2   1 
ATOM   1556 O OXT   . LEU A 1 203 ? -5.951  -16.140 12.152  1.00 48.56 ? 204 LEU A OXT   1 
HETATM 1557 P PB    . ADP B 2 .   ? -2.412  -0.838  -7.692  1.00 11.70 ? 205 ADP A PB    1 
HETATM 1558 O O1B   . ADP B 2 .   ? -3.230  -0.251  -6.674  1.00 10.64 ? 205 ADP A O1B   1 
HETATM 1559 O O2B   . ADP B 2 .   ? -1.613  -1.964  -7.284  1.00 7.35  ? 205 ADP A O2B   1 
HETATM 1560 O O3B   . ADP B 2 .   ? -1.486  0.249   -8.214  1.00 10.90 ? 205 ADP A O3B   1 
HETATM 1561 P PA    . ADP B 2 .   ? -4.853  -1.136  -9.343  1.00 13.58 ? 205 ADP A PA    1 
HETATM 1562 O O1A   . ADP B 2 .   ? -5.185  0.215   -9.577  1.00 11.27 ? 205 ADP A O1A   1 
HETATM 1563 O O2A   . ADP B 2 .   ? -5.755  -1.834  -8.470  1.00 11.66 ? 205 ADP A O2A   1 
HETATM 1564 O O3A   . ADP B 2 .   ? -3.381  -1.212  -8.836  1.00 13.76 ? 205 ADP A O3A   1 
HETATM 1565 O "O5'" . ADP B 2 .   ? -4.870  -1.865  -10.702 1.00 14.79 ? 205 ADP A "O5'" 1 
HETATM 1566 C "C5'" . ADP B 2 .   ? -4.139  -1.291  -11.787 1.00 12.24 ? 205 ADP A "C5'" 1 
HETATM 1567 C "C4'" . ADP B 2 .   ? -5.011  -1.065  -13.022 1.00 10.46 ? 205 ADP A "C4'" 1 
HETATM 1568 O "O4'" . ADP B 2 .   ? -5.313  -2.327  -13.621 1.00 14.30 ? 205 ADP A "O4'" 1 
HETATM 1569 C "C3'" . ADP B 2 .   ? -6.395  -0.374  -12.768 1.00 15.56 ? 205 ADP A "C3'" 1 
HETATM 1570 O "O3'" . ADP B 2 .   ? -6.812  0.247   -13.962 1.00 18.44 ? 205 ADP A "O3'" 1 
HETATM 1571 C "C2'" . ADP B 2 .   ? -7.302  -1.558  -12.414 1.00 15.01 ? 205 ADP A "C2'" 1 
HETATM 1572 O "O2'" . ADP B 2 .   ? -8.663  -1.423  -12.888 1.00 17.30 ? 205 ADP A "O2'" 1 
HETATM 1573 C "C1'" . ADP B 2 .   ? -6.557  -2.734  -13.047 1.00 18.29 ? 205 ADP A "C1'" 1 
HETATM 1574 N N9    . ADP B 2 .   ? -6.775  -4.087  -12.678 1.00 14.96 ? 205 ADP A N9    1 
HETATM 1575 C C8    . ADP B 2 .   ? -6.662  -4.442  -11.375 1.00 13.58 ? 205 ADP A C8    1 
HETATM 1576 N N7    . ADP B 2 .   ? -6.617  -5.714  -11.252 1.00 14.58 ? 205 ADP A N7    1 
HETATM 1577 C C5    . ADP B 2 .   ? -6.708  -6.272  -12.490 1.00 13.90 ? 205 ADP A C5    1 
HETATM 1578 C C6    . ADP B 2 .   ? -6.732  -7.592  -12.964 1.00 13.63 ? 205 ADP A C6    1 
HETATM 1579 N N6    . ADP B 2 .   ? -6.617  -8.637  -12.161 1.00 11.46 ? 205 ADP A N6    1 
HETATM 1580 N N1    . ADP B 2 .   ? -6.868  -7.751  -14.282 1.00 16.23 ? 205 ADP A N1    1 
HETATM 1581 C C2    . ADP B 2 .   ? -6.962  -6.696  -15.098 1.00 16.98 ? 205 ADP A C2    1 
HETATM 1582 N N3    . ADP B 2 .   ? -6.948  -5.400  -14.781 1.00 18.30 ? 205 ADP A N3    1 
HETATM 1583 C C4    . ADP B 2 .   ? -6.820  -5.223  -13.426 1.00 16.56 ? 205 ADP A C4    1 
HETATM 1584 P P     . AMP C 3 .   ? 0.452   4.687   -5.423  1.00 15.43 ? 206 AMP A P     1 
HETATM 1585 O O1P   . AMP C 3 .   ? 0.972   4.194   -6.754  1.00 16.23 ? 206 AMP A O1P   1 
HETATM 1586 O O2P   . AMP C 3 .   ? -0.764  5.360   -5.635  1.00 13.41 ? 206 AMP A O2P   1 
HETATM 1587 O O3P   . AMP C 3 .   ? 0.426   3.643   -4.448  1.00 15.65 ? 206 AMP A O3P   1 
HETATM 1588 O "O5'" . AMP C 3 .   ? 1.574   5.719   -4.978  1.00 15.69 ? 206 AMP A "O5'" 1 
HETATM 1589 C "C5'" . AMP C 3 .   ? 1.849   6.897   -5.730  1.00 13.04 ? 206 AMP A "C5'" 1 
HETATM 1590 C "C4'" . AMP C 3 .   ? 3.143   7.561   -5.358  1.00 12.35 ? 206 AMP A "C4'" 1 
HETATM 1591 O "O4'" . AMP C 3 .   ? 3.052   8.122   -4.033  1.00 13.54 ? 206 AMP A "O4'" 1 
HETATM 1592 C "C3'" . AMP C 3 .   ? 4.319   6.542   -5.274  1.00 12.26 ? 206 AMP A "C3'" 1 
HETATM 1593 O "O3'" . AMP C 3 .   ? 4.935   6.265   -6.526  1.00 13.30 ? 206 AMP A "O3'" 1 
HETATM 1594 C "C2'" . AMP C 3 .   ? 5.324   7.274   -4.370  1.00 15.64 ? 206 AMP A "C2'" 1 
HETATM 1595 O "O2'" . AMP C 3 .   ? 5.841   8.398   -5.068  1.00 16.01 ? 206 AMP A "O2'" 1 
HETATM 1596 C "C1'" . AMP C 3 .   ? 4.166   7.574   -3.386  1.00 13.03 ? 206 AMP A "C1'" 1 
HETATM 1597 N N9    . AMP C 3 .   ? 4.038   6.828   -2.191  1.00 12.35 ? 206 AMP A N9    1 
HETATM 1598 C C8    . AMP C 3 .   ? 3.090   5.845   -2.165  1.00 10.97 ? 206 AMP A C8    1 
HETATM 1599 N N7    . AMP C 3 .   ? 3.218   5.128   -1.113  1.00 13.79 ? 206 AMP A N7    1 
HETATM 1600 C C5    . AMP C 3 .   ? 4.275   5.605   -0.380  1.00 13.42 ? 206 AMP A C5    1 
HETATM 1601 C C6    . AMP C 3 .   ? 4.851   5.208   0.822   1.00 14.00 ? 206 AMP A C6    1 
HETATM 1602 N N6    . AMP C 3 .   ? 4.420   4.107   1.460   1.00 12.40 ? 206 AMP A N6    1 
HETATM 1603 N N1    . AMP C 3 .   ? 5.882   5.949   1.283   1.00 13.76 ? 206 AMP A N1    1 
HETATM 1604 C C2    . AMP C 3 .   ? 6.315   6.990   0.576   1.00 10.45 ? 206 AMP A C2    1 
HETATM 1605 N N3    . AMP C 3 .   ? 5.881   7.475   -0.599  1.00 10.79 ? 206 AMP A N3    1 
HETATM 1606 C C4    . AMP C 3 .   ? 4.816   6.734   -1.060  1.00 10.53 ? 206 AMP A C4    1 
HETATM 1607 O O     . HOH D 4 .   ? 7.205   -2.812  -0.188  1.00 16.15 ? 301 HOH A O     1 
HETATM 1608 O O     . HOH D 4 .   ? 4.432   7.881   -8.461  1.00 15.99 ? 302 HOH A O     1 
HETATM 1609 O O     . HOH D 4 .   ? 4.437   -6.866  -7.330  1.00 15.86 ? 303 HOH A O     1 
HETATM 1610 O O     . HOH D 4 .   ? -3.961  12.671  3.961   1.00 18.45 ? 304 HOH A O     1 
HETATM 1611 O O     . HOH D 4 .   ? 3.418   3.912   -7.506  1.00 16.50 ? 305 HOH A O     1 
HETATM 1612 O O     . HOH D 4 .   ? 7.211   0.772   -4.541  1.00 17.22 ? 306 HOH A O     1 
HETATM 1613 O O     . HOH D 4 .   ? 7.214   2.212   -6.696  1.00 17.22 ? 307 HOH A O     1 
HETATM 1614 O O     . HOH D 4 .   ? -9.998  -0.830  -10.312 1.00 16.45 ? 308 HOH A O     1 
HETATM 1615 O O     . HOH D 4 .   ? -6.631  -7.863  -9.349  1.00 17.70 ? 309 HOH A O     1 
HETATM 1616 O O     . HOH D 4 .   ? 7.373   4.832   -6.222  1.00 19.49 ? 310 HOH A O     1 
HETATM 1617 O O     . HOH D 4 .   ? 10.094  6.208   4.024   1.00 18.59 ? 311 HOH A O     1 
HETATM 1618 O O     . HOH D 4 .   ? -11.229 -19.597 0.098   1.00 23.61 ? 312 HOH A O     1 
HETATM 1619 O O     . HOH D 4 .   ? 6.408   -8.482  -8.328  1.00 25.16 ? 313 HOH A O     1 
HETATM 1620 O O     . HOH D 4 .   ? 5.213   -3.054  -2.144  1.00 26.95 ? 314 HOH A O     1 
HETATM 1621 O O     . HOH D 4 .   ? -15.206 -2.696  5.684   1.00 24.31 ? 315 HOH A O     1 
HETATM 1622 O O     . HOH D 4 .   ? -0.200  2.572   -8.434  1.00 18.44 ? 316 HOH A O     1 
HETATM 1623 O O     . HOH D 4 .   ? 0.194   1.248   -5.864  1.00 24.48 ? 317 HOH A O     1 
HETATM 1624 O O     . HOH D 4 .   ? 6.451   21.410  -0.336  1.00 20.50 ? 318 HOH A O     1 
HETATM 1625 O O     . HOH D 4 .   ? -6.628  11.211  -2.110  1.00 25.08 ? 319 HOH A O     1 
HETATM 1626 O O     . HOH D 4 .   ? -6.930  12.036  3.622   1.00 34.41 ? 320 HOH A O     1 
HETATM 1627 O O     . HOH D 4 .   ? 14.045  -0.298  1.643   1.00 23.92 ? 321 HOH A O     1 
HETATM 1628 O O     . HOH D 4 .   ? 12.877  7.160   -3.079  1.00 26.74 ? 322 HOH A O     1 
HETATM 1629 O O     . HOH D 4 .   ? -18.082 -5.202  5.024   1.00 30.08 ? 323 HOH A O     1 
HETATM 1630 O O     . HOH D 4 .   ? -1.886  -16.911 -5.991  1.00 29.25 ? 324 HOH A O     1 
HETATM 1631 O O     . HOH D 4 .   ? -4.170  11.478  6.950   1.00 30.16 ? 325 HOH A O     1 
HETATM 1632 O O     . HOH D 4 .   ? -12.420 -2.861  -7.092  1.00 23.69 ? 326 HOH A O     1 
HETATM 1633 O O     . HOH D 4 .   ? 12.420  8.544   4.604   1.00 22.90 ? 327 HOH A O     1 
HETATM 1634 O O     . HOH D 4 .   ? -10.443 -9.098  -14.938 1.00 28.07 ? 328 HOH A O     1 
HETATM 1635 O O     . HOH D 4 .   ? -1.158  3.244   -2.286  1.00 22.50 ? 329 HOH A O     1 
HETATM 1636 O O     . HOH D 4 .   ? 12.509  8.467   1.461   1.00 31.52 ? 330 HOH A O     1 
HETATM 1637 O O     . HOH D 4 .   ? -4.201  -8.313  -8.755  1.00 25.88 ? 331 HOH A O     1 
HETATM 1638 O O     . HOH D 4 .   ? 4.619   1.541   -6.652  1.00 32.65 ? 332 HOH A O     1 
HETATM 1639 O O     . HOH D 4 .   ? 3.110   14.562  -9.365  1.00 29.77 ? 333 HOH A O     1 
HETATM 1640 O O     . HOH D 4 .   ? -4.198  15.296  4.502   1.00 28.48 ? 334 HOH A O     1 
HETATM 1641 O O     . HOH D 4 .   ? -1.425  22.019  -1.175  1.00 29.23 ? 335 HOH A O     1 
HETATM 1642 O O     . HOH D 4 .   ? -3.843  16.062  -5.143  1.00 32.76 ? 336 HOH A O     1 
HETATM 1643 O O     . HOH D 4 .   ? -4.641  6.908   -13.927 1.00 22.47 ? 337 HOH A O     1 
HETATM 1644 O O     . HOH D 4 .   ? -3.340  13.843  8.281   1.00 33.88 ? 338 HOH A O     1 
HETATM 1645 O O     . HOH D 4 .   ? 4.937   -0.896  -4.314  1.00 30.31 ? 339 HOH A O     1 
HETATM 1646 O O     . HOH D 4 .   ? -11.591 -18.657 -2.302  1.00 34.82 ? 340 HOH A O     1 
HETATM 1647 O O     . HOH D 4 .   ? -1.672  -5.543  13.641  1.00 25.14 ? 341 HOH A O     1 
HETATM 1648 O O     . HOH D 4 .   ? 15.652  2.653   4.698   1.00 33.57 ? 342 HOH A O     1 
HETATM 1649 O O     . HOH D 4 .   ? 1.710   21.109  6.215   1.00 30.81 ? 343 HOH A O     1 
HETATM 1650 O O     . HOH D 4 .   ? 9.683   -4.221  11.835  1.00 31.24 ? 344 HOH A O     1 
HETATM 1651 O O     . HOH D 4 .   ? -4.852  2.071   -6.844  1.00 33.62 ? 345 HOH A O     1 
HETATM 1652 O O     . HOH D 4 .   ? -7.315  5.711   1.806   1.00 32.75 ? 346 HOH A O     1 
HETATM 1653 O O     . HOH D 4 .   ? -6.094  -0.731  -16.391 1.00 29.23 ? 347 HOH A O     1 
HETATM 1654 O O     . HOH D 4 .   ? -5.647  5.479   -8.281  1.00 50.76 ? 348 HOH A O     1 
HETATM 1655 O O     . HOH D 4 .   ? -2.426  1.128   -4.604  1.00 23.51 ? 349 HOH A O     1 
HETATM 1656 O O     . HOH D 4 .   ? -0.172  9.581   -7.911  1.00 29.03 ? 350 HOH A O     1 
HETATM 1657 O O     . HOH D 4 .   ? -13.467 -10.774 -13.345 1.00 36.80 ? 351 HOH A O     1 
HETATM 1658 O O     . HOH D 4 .   ? -12.422 1.216   3.849   1.00 25.95 ? 352 HOH A O     1 
HETATM 1659 O O     . HOH D 4 .   ? 10.382  -2.587  14.086  1.00 31.45 ? 353 HOH A O     1 
HETATM 1660 O O     . HOH D 4 .   ? -16.313 -7.706  -2.757  1.00 30.41 ? 354 HOH A O     1 
HETATM 1661 O O     . HOH D 4 .   ? 1.001   17.896  6.995   1.00 36.83 ? 355 HOH A O     1 
HETATM 1662 O O     . HOH D 4 .   ? -2.970  4.239   -4.761  1.00 29.47 ? 356 HOH A O     1 
HETATM 1663 O O     . HOH D 4 .   ? 2.475   -4.192  18.317  1.00 36.15 ? 357 HOH A O     1 
HETATM 1664 O O     . HOH D 4 .   ? 3.405   -14.742 -11.754 1.00 42.72 ? 358 HOH A O     1 
HETATM 1665 O O     . HOH D 4 .   ? -15.549 -0.795  -2.096  1.00 36.11 ? 359 HOH A O     1 
HETATM 1666 O O     . HOH D 4 .   ? 6.288   -15.688 4.546   1.00 32.10 ? 360 HOH A O     1 
HETATM 1667 O O     . HOH D 4 .   ? 11.238  7.859   -20.143 1.00 41.81 ? 361 HOH A O     1 
HETATM 1668 O O     . HOH D 4 .   ? -6.260  25.343  6.422   1.00 45.14 ? 362 HOH A O     1 
HETATM 1669 O O     . HOH D 4 .   ? -8.557  2.513   -12.976 1.00 40.03 ? 363 HOH A O     1 
HETATM 1670 O O     . HOH D 4 .   ? -12.179 -2.392  10.966  1.00 33.86 ? 364 HOH A O     1 
HETATM 1671 O O     . HOH D 4 .   ? -12.608 2.073   1.274   1.00 40.95 ? 365 HOH A O     1 
HETATM 1672 O O     . HOH D 4 .   ? 17.583  -0.672  -0.761  1.00 49.88 ? 366 HOH A O     1 
HETATM 1673 O O     . HOH D 4 .   ? -8.371  -15.482 -14.671 1.00 41.11 ? 367 HOH A O     1 
HETATM 1674 O O     . HOH D 4 .   ? -0.029  -15.703 7.385   1.00 43.81 ? 368 HOH A O     1 
HETATM 1675 O O     . HOH D 4 .   ? -3.915  -7.404  -17.228 1.00 37.92 ? 369 HOH A O     1 
HETATM 1676 O O     . HOH D 4 .   ? 0.535   15.857  9.114   1.00 48.78 ? 370 HOH A O     1 
HETATM 1677 O O     . HOH D 4 .   ? -7.893  4.090   -10.813 1.00 46.70 ? 371 HOH A O     1 
HETATM 1678 O O     . HOH D 4 .   ? 13.283  8.207   -8.850  1.00 49.96 ? 372 HOH A O     1 
HETATM 1679 O O     . HOH D 4 .   ? -14.275 -5.758  13.074  1.00 49.98 ? 373 HOH A O     1 
HETATM 1680 O O     . HOH D 4 .   ? -4.142  -17.679 -2.184  1.00 46.67 ? 374 HOH A O     1 
HETATM 1681 O O     . HOH D 4 .   ? 0.376   15.712  -9.136  1.00 42.39 ? 375 HOH A O     1 
HETATM 1682 O O     . HOH D 4 .   ? -6.810  5.353   -5.681  1.00 50.58 ? 376 HOH A O     1 
HETATM 1683 O O     . HOH D 4 .   ? -1.644  16.899  7.730   1.00 51.35 ? 377 HOH A O     1 
HETATM 1684 O O     . HOH D 4 .   ? 12.117  7.201   -16.600 1.00 42.35 ? 378 HOH A O     1 
HETATM 1685 O O     . HOH D 4 .   ? -0.567  5.972   -20.115 1.00 46.28 ? 379 HOH A O     1 
HETATM 1686 O O     . HOH D 4 .   ? -6.384  10.160  -5.060  1.00 45.01 ? 380 HOH A O     1 
HETATM 1687 O O     . HOH D 4 .   ? -7.071  23.368  4.484   1.00 42.50 ? 381 HOH A O     1 
HETATM 1688 O O     . HOH D 4 .   ? -0.742  12.214  -8.623  1.00 51.63 ? 382 HOH A O     1 
HETATM 1689 O O     . HOH D 4 .   ? -15.017 -2.782  -5.594  1.00 41.66 ? 383 HOH A O     1 
HETATM 1690 O O     . HOH D 4 .   ? 7.929   -8.124  -10.705 1.00 38.02 ? 384 HOH A O     1 
HETATM 1691 O O     . HOH D 4 .   ? 16.667  1.775   8.073   1.00 45.72 ? 385 HOH A O     1 
HETATM 1692 O O     . HOH D 4 .   ? -4.898  2.295   -3.723  1.00 39.46 ? 386 HOH A O     1 
HETATM 1693 O O     . HOH D 4 .   ? 2.530   15.313  7.280   1.00 39.77 ? 387 HOH A O     1 
HETATM 1694 O O     . HOH D 4 .   ? 4.634   15.330  9.379   1.00 42.21 ? 388 HOH A O     1 
HETATM 1695 O O     . HOH D 4 .   ? -8.121  -18.196 -8.627  1.00 39.39 ? 389 HOH A O     1 
HETATM 1696 O O     . HOH D 4 .   ? 18.358  -3.273  -3.654  1.00 48.10 ? 390 HOH A O     1 
HETATM 1697 O O     . HOH D 4 .   ? 5.861   10.886  11.965  1.00 45.62 ? 391 HOH A O     1 
HETATM 1698 O O     . HOH D 4 .   ? -15.343 0.231   5.039   1.00 53.22 ? 392 HOH A O     1 
HETATM 1699 O O     . HOH D 4 .   ? -6.448  -3.456  -16.990 1.00 53.33 ? 393 HOH A O     1 
HETATM 1700 O O     . HOH D 4 .   ? 10.628  18.878  -4.053  1.00 36.44 ? 394 HOH A O     1 
HETATM 1701 O O     . HOH D 4 .   ? 6.352   9.945   -19.991 1.00 42.39 ? 395 HOH A O     1 
HETATM 1702 O O     . HOH D 4 .   ? -16.004 -1.807  9.209   1.00 54.72 ? 396 HOH A O     1 
HETATM 1703 O O     . HOH D 4 .   ? 3.068   -16.133 -6.003  1.00 44.74 ? 397 HOH A O     1 
HETATM 1704 O O     . HOH D 4 .   ? 8.962   11.482  -14.283 1.00 39.53 ? 398 HOH A O     1 
HETATM 1705 O O     . HOH D 4 .   ? 13.619  5.658   -5.234  1.00 53.24 ? 399 HOH A O     1 
HETATM 1706 O O     . HOH D 4 .   ? 3.734   9.930   13.907  1.00 49.32 ? 400 HOH A O     1 
HETATM 1707 O O     . HOH D 4 .   ? 13.766  5.446   -9.115  1.00 45.26 ? 401 HOH A O     1 
HETATM 1708 O O     . HOH D 4 .   ? 5.604   -15.879 0.713   1.00 52.21 ? 402 HOH A O     1 
HETATM 1709 O O     . HOH D 4 .   ? -10.018 7.432   6.716   1.00 54.43 ? 403 HOH A O     1 
HETATM 1710 O O     . HOH D 4 .   ? -6.737  -10.156 -16.299 1.00 47.29 ? 404 HOH A O     1 
HETATM 1711 O O     . HOH D 4 .   ? -7.521  2.595   -3.977  1.00 52.03 ? 405 HOH A O     1 
HETATM 1712 O O     . HOH D 4 .   ? 2.594   22.917  -0.249  1.00 40.20 ? 406 HOH A O     1 
# 
